data_5FIE
# 
_entry.id   5FIE 
# 
_audit_conform.dict_name       mmcif_pdbx.dic 
_audit_conform.dict_version    5.380 
_audit_conform.dict_location   http://mmcif.pdb.org/dictionaries/ascii/mmcif_pdbx.dic 
# 
loop_
_database_2.database_id 
_database_2.database_code 
_database_2.pdbx_database_accession 
_database_2.pdbx_DOI 
PDB   5FIE         pdb_00005fie 10.2210/pdb5fie/pdb 
WWPDB D_1000216560 ?            ?                   
# 
loop_
_pdbx_database_related.db_name 
_pdbx_database_related.details 
_pdbx_database_related.db_id 
_pdbx_database_related.content_type 
PDB '5F44 contains near full-length of same protein'                                     5F44 unspecified 
PDB '5FAA contains C-terminal domain of same protein in I422 space group'                5FAA unspecified 
PDB '5FGS contains C-terminal domain of same protein in P21212 space group with Zn ions' 5FGS unspecified 
PDB '5FGR contains C-terminal domain of same protein in P21212 space group with Yb ions' 5FGR unspecified 
PDB '5HBB contains E139A mutant of the same protein.'                                    5HBB unspecified 
PDB '5HDL contains E269A mutant of the same protein.'                                    5HDL unspecified 
PDB '5HTS contains D295N mutant of the same protein.'                                    5HTS unspecified 
PDB '5J4M contains E269A/D295N mutant of the same protein.'                              5J4M unspecified 
# 
_pdbx_database_status.status_code                     REL 
_pdbx_database_status.status_code_sf                  REL 
_pdbx_database_status.status_code_mr                  ? 
_pdbx_database_status.entry_id                        5FIE 
_pdbx_database_status.recvd_initial_deposition_date   2015-12-23 
_pdbx_database_status.SG_entry                        N 
_pdbx_database_status.deposit_site                    RCSB 
_pdbx_database_status.process_site                    PDBJ 
_pdbx_database_status.status_code_cs                  ? 
_pdbx_database_status.methods_development_category    ? 
_pdbx_database_status.pdb_format_compatible           Y 
_pdbx_database_status.status_code_nmr_data            ? 
# 
loop_
_audit_author.name 
_audit_author.pdbx_ordinal 
'Chaurasia, P.'    1 
'Pratap, S.'       2 
'von Ossowski, I.' 3 
'Palva, A.'        4 
'Krishnan, V.'     5 
# 
_citation.abstract                  ? 
_citation.abstract_id_CAS           ? 
_citation.book_id_ISBN              ? 
_citation.book_publisher            ? 
_citation.book_publisher_city       ? 
_citation.book_title                ? 
_citation.coordinate_linkage        ? 
_citation.country                   UK 
_citation.database_id_Medline       ? 
_citation.details                   ? 
_citation.id                        primary 
_citation.journal_abbrev            'Sci Rep' 
_citation.journal_id_ASTM           ? 
_citation.journal_id_CSD            ? 
_citation.journal_id_ISSN           2045-2322 
_citation.journal_full              ? 
_citation.journal_issue             ? 
_citation.journal_volume            6 
_citation.language                  ? 
_citation.page_first                28664 
_citation.page_last                 28664 
_citation.title                     
;New insights about pilus formation in gut-adapted Lactobacillus rhamnosus GG from the crystal structure of the SpaA backbone-pilin subunit
;
_citation.year                      2016 
_citation.database_id_CSD           ? 
_citation.pdbx_database_id_DOI      10.1038/srep28664 
_citation.pdbx_database_id_PubMed   27349405 
_citation.unpublished_flag          ? 
# 
loop_
_citation_author.citation_id 
_citation_author.name 
_citation_author.ordinal 
_citation_author.identifier_ORCID 
primary 'Chaurasia, P.'    1 ? 
primary 'Pratap, S.'       2 ? 
primary 'von Ossowski, I.' 3 ? 
primary 'Palva, A.'        4 ? 
primary 'Krishnan, V.'     5 ? 
# 
_cell.angle_alpha                  90.00 
_cell.angle_alpha_esd              ? 
_cell.angle_beta                   90.00 
_cell.angle_beta_esd               ? 
_cell.angle_gamma                  90.00 
_cell.angle_gamma_esd              ? 
_cell.entry_id                     5FIE 
_cell.details                      ? 
_cell.formula_units_Z              ? 
_cell.length_a                     88.615 
_cell.length_a_esd                 ? 
_cell.length_b                     88.615 
_cell.length_b_esd                 ? 
_cell.length_c                     48.892 
_cell.length_c_esd                 ? 
_cell.volume                       ? 
_cell.volume_esd                   ? 
_cell.Z_PDB                        8 
_cell.reciprocal_angle_alpha       ? 
_cell.reciprocal_angle_beta        ? 
_cell.reciprocal_angle_gamma       ? 
_cell.reciprocal_angle_alpha_esd   ? 
_cell.reciprocal_angle_beta_esd    ? 
_cell.reciprocal_angle_gamma_esd   ? 
_cell.reciprocal_length_a          ? 
_cell.reciprocal_length_b          ? 
_cell.reciprocal_length_c          ? 
_cell.reciprocal_length_a_esd      ? 
_cell.reciprocal_length_b_esd      ? 
_cell.reciprocal_length_c_esd      ? 
_cell.pdbx_unique_axis             ? 
# 
_symmetry.entry_id                         5FIE 
_symmetry.cell_setting                     ? 
_symmetry.Int_Tables_number                92 
_symmetry.space_group_name_Hall            ? 
_symmetry.space_group_name_H-M             'P 41 21 2' 
_symmetry.pdbx_full_space_group_name_H-M   ? 
# 
loop_
_entity.id 
_entity.type 
_entity.src_method 
_entity.pdbx_description 
_entity.formula_weight 
_entity.pdbx_number_of_molecules 
_entity.pdbx_ec 
_entity.pdbx_mutation 
_entity.pdbx_fragment 
_entity.details 
1 polymer     man 'Cell surface protein SpaA' 16716.312 1   ? ? 'UNP residues 35-180' ? 
2 non-polymer syn 'SODIUM ION'                22.990    1   ? ? ?                     ? 
3 water       nat water                       18.015    123 ? ? ?                     ? 
# 
_entity_name_com.entity_id   1 
_entity_name_com.name        'pilus protein SpaA' 
# 
_entity_poly.entity_id                      1 
_entity_poly.type                           'polypeptide(L)' 
_entity_poly.nstd_linkage                   no 
_entity_poly.nstd_monomer                   no 
_entity_poly.pdbx_seq_one_letter_code       
;MGRDPNSTNDTTTQNVVLTKYGFDKDVTAIDRATDQIWTGDGAKPLQGVDFTIYNVTANYWASPKDYKGSFDSAPVAATG
TTNDKGQLTQALPIQSKDASGKTRAAVYLFHETNPRAGYNTSADFWLTLPAKAAADGNVYVYPKNVQKTTYER
;
_entity_poly.pdbx_seq_one_letter_code_can   
;MGRDPNSTNDTTTQNVVLTKYGFDKDVTAIDRATDQIWTGDGAKPLQGVDFTIYNVTANYWASPKDYKGSFDSAPVAATG
TTNDKGQLTQALPIQSKDASGKTRAAVYLFHETNPRAGYNTSADFWLTLPAKAAADGNVYVYPKNVQKTTYER
;
_entity_poly.pdbx_strand_id                 A 
_entity_poly.pdbx_target_identifier         ? 
# 
loop_
_entity_poly_seq.entity_id 
_entity_poly_seq.num 
_entity_poly_seq.mon_id 
_entity_poly_seq.hetero 
1 1   MET n 
1 2   GLY n 
1 3   ARG n 
1 4   ASP n 
1 5   PRO n 
1 6   ASN n 
1 7   SER n 
1 8   THR n 
1 9   ASN n 
1 10  ASP n 
1 11  THR n 
1 12  THR n 
1 13  THR n 
1 14  GLN n 
1 15  ASN n 
1 16  VAL n 
1 17  VAL n 
1 18  LEU n 
1 19  THR n 
1 20  LYS n 
1 21  TYR n 
1 22  GLY n 
1 23  PHE n 
1 24  ASP n 
1 25  LYS n 
1 26  ASP n 
1 27  VAL n 
1 28  THR n 
1 29  ALA n 
1 30  ILE n 
1 31  ASP n 
1 32  ARG n 
1 33  ALA n 
1 34  THR n 
1 35  ASP n 
1 36  GLN n 
1 37  ILE n 
1 38  TRP n 
1 39  THR n 
1 40  GLY n 
1 41  ASP n 
1 42  GLY n 
1 43  ALA n 
1 44  LYS n 
1 45  PRO n 
1 46  LEU n 
1 47  GLN n 
1 48  GLY n 
1 49  VAL n 
1 50  ASP n 
1 51  PHE n 
1 52  THR n 
1 53  ILE n 
1 54  TYR n 
1 55  ASN n 
1 56  VAL n 
1 57  THR n 
1 58  ALA n 
1 59  ASN n 
1 60  TYR n 
1 61  TRP n 
1 62  ALA n 
1 63  SER n 
1 64  PRO n 
1 65  LYS n 
1 66  ASP n 
1 67  TYR n 
1 68  LYS n 
1 69  GLY n 
1 70  SER n 
1 71  PHE n 
1 72  ASP n 
1 73  SER n 
1 74  ALA n 
1 75  PRO n 
1 76  VAL n 
1 77  ALA n 
1 78  ALA n 
1 79  THR n 
1 80  GLY n 
1 81  THR n 
1 82  THR n 
1 83  ASN n 
1 84  ASP n 
1 85  LYS n 
1 86  GLY n 
1 87  GLN n 
1 88  LEU n 
1 89  THR n 
1 90  GLN n 
1 91  ALA n 
1 92  LEU n 
1 93  PRO n 
1 94  ILE n 
1 95  GLN n 
1 96  SER n 
1 97  LYS n 
1 98  ASP n 
1 99  ALA n 
1 100 SER n 
1 101 GLY n 
1 102 LYS n 
1 103 THR n 
1 104 ARG n 
1 105 ALA n 
1 106 ALA n 
1 107 VAL n 
1 108 TYR n 
1 109 LEU n 
1 110 PHE n 
1 111 HIS n 
1 112 GLU n 
1 113 THR n 
1 114 ASN n 
1 115 PRO n 
1 116 ARG n 
1 117 ALA n 
1 118 GLY n 
1 119 TYR n 
1 120 ASN n 
1 121 THR n 
1 122 SER n 
1 123 ALA n 
1 124 ASP n 
1 125 PHE n 
1 126 TRP n 
1 127 LEU n 
1 128 THR n 
1 129 LEU n 
1 130 PRO n 
1 131 ALA n 
1 132 LYS n 
1 133 ALA n 
1 134 ALA n 
1 135 ALA n 
1 136 ASP n 
1 137 GLY n 
1 138 ASN n 
1 139 VAL n 
1 140 TYR n 
1 141 VAL n 
1 142 TYR n 
1 143 PRO n 
1 144 LYS n 
1 145 ASN n 
1 146 VAL n 
1 147 GLN n 
1 148 LYS n 
1 149 THR n 
1 150 THR n 
1 151 TYR n 
1 152 GLU n 
1 153 ARG n 
# 
_entity_src_gen.entity_id                          1 
_entity_src_gen.pdbx_src_id                        1 
_entity_src_gen.pdbx_alt_source_flag               sample 
_entity_src_gen.pdbx_seq_type                      'Biological sequence' 
_entity_src_gen.pdbx_beg_seq_num                   1 
_entity_src_gen.pdbx_end_seq_num                   153 
_entity_src_gen.gene_src_common_name               ? 
_entity_src_gen.gene_src_genus                     ? 
_entity_src_gen.pdbx_gene_src_gene                 LRHM_0426 
_entity_src_gen.gene_src_species                   ? 
_entity_src_gen.gene_src_strain                    GG 
_entity_src_gen.gene_src_tissue                    ? 
_entity_src_gen.gene_src_tissue_fraction           ? 
_entity_src_gen.gene_src_details                   ? 
_entity_src_gen.pdbx_gene_src_fragment             ? 
_entity_src_gen.pdbx_gene_src_scientific_name      'Lactobacillus rhamnosus GG' 
_entity_src_gen.pdbx_gene_src_ncbi_taxonomy_id     568703 
_entity_src_gen.pdbx_gene_src_variant              ? 
_entity_src_gen.pdbx_gene_src_cell_line            ? 
_entity_src_gen.pdbx_gene_src_atcc                 53103 
_entity_src_gen.pdbx_gene_src_organ                ? 
_entity_src_gen.pdbx_gene_src_organelle            ? 
_entity_src_gen.pdbx_gene_src_cell                 ? 
_entity_src_gen.pdbx_gene_src_cellular_location    ? 
_entity_src_gen.host_org_common_name               ? 
_entity_src_gen.pdbx_host_org_scientific_name      'Escherichia coli' 
_entity_src_gen.pdbx_host_org_ncbi_taxonomy_id     562 
_entity_src_gen.host_org_genus                     ? 
_entity_src_gen.pdbx_host_org_gene                 ? 
_entity_src_gen.pdbx_host_org_organ                ? 
_entity_src_gen.host_org_species                   ? 
_entity_src_gen.pdbx_host_org_tissue               ? 
_entity_src_gen.pdbx_host_org_tissue_fraction      ? 
_entity_src_gen.pdbx_host_org_strain               'BL21(DE3)/pLysS' 
_entity_src_gen.pdbx_host_org_variant              ? 
_entity_src_gen.pdbx_host_org_cell_line            ? 
_entity_src_gen.pdbx_host_org_atcc                 ? 
_entity_src_gen.pdbx_host_org_culture_collection   ? 
_entity_src_gen.pdbx_host_org_cell                 ? 
_entity_src_gen.pdbx_host_org_organelle            ? 
_entity_src_gen.pdbx_host_org_cellular_location    ? 
_entity_src_gen.pdbx_host_org_vector_type          ? 
_entity_src_gen.pdbx_host_org_vector               ? 
_entity_src_gen.host_org_details                   ? 
_entity_src_gen.expression_system_id               ? 
_entity_src_gen.plasmid_name                       ? 
_entity_src_gen.plasmid_details                    ? 
_entity_src_gen.pdbx_description                   ? 
# 
_struct_ref.id                         1 
_struct_ref.db_name                    UNP 
_struct_ref.db_code                    C7T9P4_LACRG 
_struct_ref.pdbx_db_accession          C7T9P4 
_struct_ref.pdbx_db_isoform            ? 
_struct_ref.entity_id                  1 
_struct_ref.pdbx_seq_one_letter_code   
;TNDTTTQNVVLTKYGFDKDVTAIDRATDQIWTGDGAKPLQGVDFTIYNVTANYWASPKDYKGSFDSAPVAATGTTNDKGQ
LTQALPIQSKDASGKTRAAVYLFHETNPRAGYNTSADFWLTLPAKAAADGNVYVYPKNVQKTTYER
;
_struct_ref.pdbx_align_begin           35 
# 
_struct_ref_seq.align_id                      1 
_struct_ref_seq.ref_id                        1 
_struct_ref_seq.pdbx_PDB_id_code              5FIE 
_struct_ref_seq.pdbx_strand_id                A 
_struct_ref_seq.seq_align_beg                 8 
_struct_ref_seq.pdbx_seq_align_beg_ins_code   ? 
_struct_ref_seq.seq_align_end                 153 
_struct_ref_seq.pdbx_seq_align_end_ins_code   ? 
_struct_ref_seq.pdbx_db_accession             C7T9P4 
_struct_ref_seq.db_align_beg                  35 
_struct_ref_seq.pdbx_db_align_beg_ins_code    ? 
_struct_ref_seq.db_align_end                  180 
_struct_ref_seq.pdbx_db_align_end_ins_code    ? 
_struct_ref_seq.pdbx_auth_seq_align_beg       35 
_struct_ref_seq.pdbx_auth_seq_align_end       180 
# 
loop_
_struct_ref_seq_dif.align_id 
_struct_ref_seq_dif.pdbx_pdb_id_code 
_struct_ref_seq_dif.mon_id 
_struct_ref_seq_dif.pdbx_pdb_strand_id 
_struct_ref_seq_dif.seq_num 
_struct_ref_seq_dif.pdbx_pdb_ins_code 
_struct_ref_seq_dif.pdbx_seq_db_name 
_struct_ref_seq_dif.pdbx_seq_db_accession_code 
_struct_ref_seq_dif.db_mon_id 
_struct_ref_seq_dif.pdbx_seq_db_seq_num 
_struct_ref_seq_dif.details 
_struct_ref_seq_dif.pdbx_auth_seq_num 
_struct_ref_seq_dif.pdbx_ordinal 
1 5FIE MET A 1 ? UNP C7T9P4 ? ? 'expression tag' 28 1 
1 5FIE GLY A 2 ? UNP C7T9P4 ? ? 'expression tag' 29 2 
1 5FIE ARG A 3 ? UNP C7T9P4 ? ? 'expression tag' 30 3 
1 5FIE ASP A 4 ? UNP C7T9P4 ? ? 'expression tag' 31 4 
1 5FIE PRO A 5 ? UNP C7T9P4 ? ? 'expression tag' 32 5 
1 5FIE ASN A 6 ? UNP C7T9P4 ? ? 'expression tag' 33 6 
1 5FIE SER A 7 ? UNP C7T9P4 ? ? 'expression tag' 34 7 
# 
loop_
_chem_comp.id 
_chem_comp.type 
_chem_comp.mon_nstd_flag 
_chem_comp.name 
_chem_comp.pdbx_synonyms 
_chem_comp.formula 
_chem_comp.formula_weight 
ALA 'L-peptide linking' y ALANINE         ? 'C3 H7 N O2'     89.093  
ARG 'L-peptide linking' y ARGININE        ? 'C6 H15 N4 O2 1' 175.209 
ASN 'L-peptide linking' y ASPARAGINE      ? 'C4 H8 N2 O3'    132.118 
ASP 'L-peptide linking' y 'ASPARTIC ACID' ? 'C4 H7 N O4'     133.103 
GLN 'L-peptide linking' y GLUTAMINE       ? 'C5 H10 N2 O3'   146.144 
GLU 'L-peptide linking' y 'GLUTAMIC ACID' ? 'C5 H9 N O4'     147.129 
GLY 'peptide linking'   y GLYCINE         ? 'C2 H5 N O2'     75.067  
HIS 'L-peptide linking' y HISTIDINE       ? 'C6 H10 N3 O2 1' 156.162 
HOH non-polymer         . WATER           ? 'H2 O'           18.015  
ILE 'L-peptide linking' y ISOLEUCINE      ? 'C6 H13 N O2'    131.173 
LEU 'L-peptide linking' y LEUCINE         ? 'C6 H13 N O2'    131.173 
LYS 'L-peptide linking' y LYSINE          ? 'C6 H15 N2 O2 1' 147.195 
MET 'L-peptide linking' y METHIONINE      ? 'C5 H11 N O2 S'  149.211 
NA  non-polymer         . 'SODIUM ION'    ? 'Na 1'           22.990  
PHE 'L-peptide linking' y PHENYLALANINE   ? 'C9 H11 N O2'    165.189 
PRO 'L-peptide linking' y PROLINE         ? 'C5 H9 N O2'     115.130 
SER 'L-peptide linking' y SERINE          ? 'C3 H7 N O3'     105.093 
THR 'L-peptide linking' y THREONINE       ? 'C4 H9 N O3'     119.119 
TRP 'L-peptide linking' y TRYPTOPHAN      ? 'C11 H12 N2 O2'  204.225 
TYR 'L-peptide linking' y TYROSINE        ? 'C9 H11 N O3'    181.189 
VAL 'L-peptide linking' y VALINE          ? 'C5 H11 N O2'    117.146 
# 
_exptl.absorpt_coefficient_mu     ? 
_exptl.absorpt_correction_T_max   ? 
_exptl.absorpt_correction_T_min   ? 
_exptl.absorpt_correction_type    ? 
_exptl.absorpt_process_details    ? 
_exptl.entry_id                   5FIE 
_exptl.crystals_number            ? 
_exptl.details                    ? 
_exptl.method                     'X-RAY DIFFRACTION' 
_exptl.method_details             ? 
# 
_exptl_crystal.colour                      ? 
_exptl_crystal.density_diffrn              ? 
_exptl_crystal.density_Matthews            3.09 
_exptl_crystal.density_method              ? 
_exptl_crystal.density_percent_sol         60.21 
_exptl_crystal.description                 ? 
_exptl_crystal.F_000                       ? 
_exptl_crystal.id                          1 
_exptl_crystal.preparation                 ? 
_exptl_crystal.size_max                    ? 
_exptl_crystal.size_mid                    ? 
_exptl_crystal.size_min                    ? 
_exptl_crystal.size_rad                    ? 
_exptl_crystal.colour_lustre               ? 
_exptl_crystal.colour_modifier             ? 
_exptl_crystal.colour_primary              ? 
_exptl_crystal.density_meas                ? 
_exptl_crystal.density_meas_esd            ? 
_exptl_crystal.density_meas_gt             ? 
_exptl_crystal.density_meas_lt             ? 
_exptl_crystal.density_meas_temp           ? 
_exptl_crystal.density_meas_temp_esd       ? 
_exptl_crystal.density_meas_temp_gt        ? 
_exptl_crystal.density_meas_temp_lt        ? 
_exptl_crystal.pdbx_crystal_image_url      ? 
_exptl_crystal.pdbx_crystal_image_format   ? 
_exptl_crystal.pdbx_mosaicity              ? 
_exptl_crystal.pdbx_mosaicity_esd          ? 
# 
_exptl_crystal_grow.apparatus       ? 
_exptl_crystal_grow.atmosphere      ? 
_exptl_crystal_grow.crystal_id      1 
_exptl_crystal_grow.details         ? 
_exptl_crystal_grow.method          'VAPOR DIFFUSION, HANGING DROP' 
_exptl_crystal_grow.method_ref      ? 
_exptl_crystal_grow.pH              ? 
_exptl_crystal_grow.pressure        ? 
_exptl_crystal_grow.pressure_esd    ? 
_exptl_crystal_grow.seeding         ? 
_exptl_crystal_grow.seeding_ref     ? 
_exptl_crystal_grow.temp            295 
_exptl_crystal_grow.temp_details    ? 
_exptl_crystal_grow.temp_esd        ? 
_exptl_crystal_grow.time            ? 
_exptl_crystal_grow.pdbx_details    '0.2M sodium formate, 20% PEG 3350' 
_exptl_crystal_grow.pdbx_pH_range   ? 
# 
_diffrn.ambient_environment    ? 
_diffrn.ambient_temp           100 
_diffrn.ambient_temp_details   ? 
_diffrn.ambient_temp_esd       ? 
_diffrn.crystal_id             1 
_diffrn.crystal_support        ? 
_diffrn.crystal_treatment      ? 
_diffrn.details                ? 
_diffrn.id                     1 
_diffrn.ambient_pressure       ? 
_diffrn.ambient_pressure_esd   ? 
_diffrn.ambient_pressure_gt    ? 
_diffrn.ambient_pressure_lt    ? 
_diffrn.ambient_temp_gt        ? 
_diffrn.ambient_temp_lt        ? 
# 
_diffrn_detector.details                      ? 
_diffrn_detector.detector                     'IMAGE PLATE' 
_diffrn_detector.diffrn_id                    1 
_diffrn_detector.type                         'RIGAKU RAXIS IV++' 
_diffrn_detector.area_resol_mean              ? 
_diffrn_detector.dtime                        ? 
_diffrn_detector.pdbx_frames_total            ? 
_diffrn_detector.pdbx_collection_time_total   ? 
_diffrn_detector.pdbx_collection_date         2015-09-10 
# 
_diffrn_radiation.collimation                      ? 
_diffrn_radiation.diffrn_id                        1 
_diffrn_radiation.filter_edge                      ? 
_diffrn_radiation.inhomogeneity                    ? 
_diffrn_radiation.monochromator                    ? 
_diffrn_radiation.polarisn_norm                    ? 
_diffrn_radiation.polarisn_ratio                   ? 
_diffrn_radiation.probe                            ? 
_diffrn_radiation.type                             ? 
_diffrn_radiation.xray_symbol                      ? 
_diffrn_radiation.wavelength_id                    1 
_diffrn_radiation.pdbx_monochromatic_or_laue_m_l   M 
_diffrn_radiation.pdbx_wavelength_list             ? 
_diffrn_radiation.pdbx_wavelength                  ? 
_diffrn_radiation.pdbx_diffrn_protocol             'SINGLE WAVELENGTH' 
_diffrn_radiation.pdbx_analyzer                    ? 
_diffrn_radiation.pdbx_scattering_type             x-ray 
# 
_diffrn_radiation_wavelength.id           1 
_diffrn_radiation_wavelength.wavelength   1.54178 
_diffrn_radiation_wavelength.wt           1.0 
# 
_diffrn_source.current                     ? 
_diffrn_source.details                     ? 
_diffrn_source.diffrn_id                   1 
_diffrn_source.power                       ? 
_diffrn_source.size                        ? 
_diffrn_source.source                      'ROTATING ANODE' 
_diffrn_source.target                      ? 
_diffrn_source.type                        'RIGAKU FR-E+ SUPERBRIGHT' 
_diffrn_source.voltage                     ? 
_diffrn_source.take-off_angle              ? 
_diffrn_source.pdbx_wavelength_list        1.54178 
_diffrn_source.pdbx_wavelength             ? 
_diffrn_source.pdbx_synchrotron_beamline   ? 
_diffrn_source.pdbx_synchrotron_site       ? 
# 
_reflns.B_iso_Wilson_estimate            ? 
_reflns.entry_id                         5FIE 
_reflns.data_reduction_details           ? 
_reflns.data_reduction_method            ? 
_reflns.d_resolution_high                2.00 
_reflns.d_resolution_low                 48.89 
_reflns.details                          ? 
_reflns.limit_h_max                      ? 
_reflns.limit_h_min                      ? 
_reflns.limit_k_max                      ? 
_reflns.limit_k_min                      ? 
_reflns.limit_l_max                      ? 
_reflns.limit_l_min                      ? 
_reflns.number_all                       ? 
_reflns.number_obs                       13657 
_reflns.observed_criterion               ? 
_reflns.observed_criterion_F_max         ? 
_reflns.observed_criterion_F_min         ? 
_reflns.observed_criterion_I_max         ? 
_reflns.observed_criterion_I_min         ? 
_reflns.observed_criterion_sigma_F       ? 
_reflns.observed_criterion_sigma_I       ? 
_reflns.percent_possible_obs             99.9 
_reflns.R_free_details                   ? 
_reflns.Rmerge_F_all                     ? 
_reflns.Rmerge_F_obs                     ? 
_reflns.Friedel_coverage                 ? 
_reflns.number_gt                        ? 
_reflns.threshold_expression             ? 
_reflns.pdbx_redundancy                  6.9 
_reflns.pdbx_Rmerge_I_obs                0.135 
_reflns.pdbx_Rmerge_I_all                ? 
_reflns.pdbx_Rsym_value                  ? 
_reflns.pdbx_netI_over_av_sigmaI         ? 
_reflns.pdbx_netI_over_sigmaI            11.7 
_reflns.pdbx_res_netI_over_av_sigmaI_2   ? 
_reflns.pdbx_res_netI_over_sigmaI_2      ? 
_reflns.pdbx_chi_squared                 ? 
_reflns.pdbx_scaling_rejects             ? 
_reflns.pdbx_d_res_high_opt              ? 
_reflns.pdbx_d_res_low_opt               ? 
_reflns.pdbx_d_res_opt_method            ? 
_reflns.phase_calculation_details        ? 
_reflns.pdbx_Rrim_I_all                  ? 
_reflns.pdbx_Rpim_I_all                  ? 
_reflns.pdbx_d_opt                       ? 
_reflns.pdbx_number_measured_all         ? 
_reflns.pdbx_diffrn_id                   1 
_reflns.pdbx_ordinal                     1 
_reflns.pdbx_CC_half                     ? 
_reflns.pdbx_R_split                     ? 
# 
_reflns_shell.d_res_high                  2.00 
_reflns_shell.d_res_low                   2.19 
_reflns_shell.meanI_over_sigI_all         ? 
_reflns_shell.meanI_over_sigI_obs         3.7 
_reflns_shell.number_measured_all         ? 
_reflns_shell.number_measured_obs         ? 
_reflns_shell.number_possible             ? 
_reflns_shell.number_unique_all           ? 
_reflns_shell.number_unique_obs           ? 
_reflns_shell.percent_possible_all        99.8 
_reflns_shell.percent_possible_obs        ? 
_reflns_shell.Rmerge_F_all                ? 
_reflns_shell.Rmerge_F_obs                ? 
_reflns_shell.Rmerge_I_all                ? 
_reflns_shell.Rmerge_I_obs                0.645 
_reflns_shell.meanI_over_sigI_gt          ? 
_reflns_shell.meanI_over_uI_all           ? 
_reflns_shell.meanI_over_uI_gt            ? 
_reflns_shell.number_measured_gt          ? 
_reflns_shell.number_unique_gt            ? 
_reflns_shell.percent_possible_gt         ? 
_reflns_shell.Rmerge_F_gt                 ? 
_reflns_shell.Rmerge_I_gt                 ? 
_reflns_shell.pdbx_redundancy             3.6 
_reflns_shell.pdbx_Rsym_value             ? 
_reflns_shell.pdbx_chi_squared            ? 
_reflns_shell.pdbx_netI_over_sigmaI_all   ? 
_reflns_shell.pdbx_netI_over_sigmaI_obs   ? 
_reflns_shell.pdbx_Rrim_I_all             ? 
_reflns_shell.pdbx_Rpim_I_all             ? 
_reflns_shell.pdbx_rejects                ? 
_reflns_shell.pdbx_ordinal                1 
_reflns_shell.pdbx_diffrn_id              1 
_reflns_shell.pdbx_CC_half                ? 
_reflns_shell.pdbx_R_split                ? 
# 
_refine.aniso_B[1][1]                            ? 
_refine.aniso_B[1][2]                            ? 
_refine.aniso_B[1][3]                            ? 
_refine.aniso_B[2][2]                            ? 
_refine.aniso_B[2][3]                            ? 
_refine.aniso_B[3][3]                            ? 
_refine.B_iso_max                                ? 
_refine.B_iso_mean                               ? 
_refine.B_iso_min                                ? 
_refine.correlation_coeff_Fo_to_Fc               ? 
_refine.correlation_coeff_Fo_to_Fc_free          ? 
_refine.details                                  ? 
_refine.diff_density_max                         ? 
_refine.diff_density_max_esd                     ? 
_refine.diff_density_min                         ? 
_refine.diff_density_min_esd                     ? 
_refine.diff_density_rms                         ? 
_refine.diff_density_rms_esd                     ? 
_refine.entry_id                                 5FIE 
_refine.pdbx_refine_id                           'X-RAY DIFFRACTION' 
_refine.ls_abs_structure_details                 ? 
_refine.ls_abs_structure_Flack                   ? 
_refine.ls_abs_structure_Flack_esd               ? 
_refine.ls_abs_structure_Rogers                  ? 
_refine.ls_abs_structure_Rogers_esd              ? 
_refine.ls_d_res_high                            2.000 
_refine.ls_d_res_low                             44.307 
_refine.ls_extinction_coef                       ? 
_refine.ls_extinction_coef_esd                   ? 
_refine.ls_extinction_expression                 ? 
_refine.ls_extinction_method                     ? 
_refine.ls_goodness_of_fit_all                   ? 
_refine.ls_goodness_of_fit_all_esd               ? 
_refine.ls_goodness_of_fit_obs                   ? 
_refine.ls_goodness_of_fit_obs_esd               ? 
_refine.ls_hydrogen_treatment                    ? 
_refine.ls_matrix_type                           ? 
_refine.ls_number_constraints                    ? 
_refine.ls_number_parameters                     ? 
_refine.ls_number_reflns_all                     ? 
_refine.ls_number_reflns_obs                     13610 
_refine.ls_number_reflns_R_free                  676 
_refine.ls_number_reflns_R_work                  ? 
_refine.ls_number_restraints                     ? 
_refine.ls_percent_reflns_obs                    99.61 
_refine.ls_percent_reflns_R_free                 4.97 
_refine.ls_R_factor_all                          ? 
_refine.ls_R_factor_obs                          0.1870 
_refine.ls_R_factor_R_free                       0.2216 
_refine.ls_R_factor_R_free_error                 ? 
_refine.ls_R_factor_R_free_error_details         ? 
_refine.ls_R_factor_R_work                       0.1852 
_refine.ls_R_Fsqd_factor_obs                     ? 
_refine.ls_R_I_factor_obs                        ? 
_refine.ls_redundancy_reflns_all                 ? 
_refine.ls_redundancy_reflns_obs                 ? 
_refine.ls_restrained_S_all                      ? 
_refine.ls_restrained_S_obs                      ? 
_refine.ls_shift_over_esd_max                    ? 
_refine.ls_shift_over_esd_mean                   ? 
_refine.ls_structure_factor_coef                 ? 
_refine.ls_weighting_details                     ? 
_refine.ls_weighting_scheme                      ? 
_refine.ls_wR_factor_all                         ? 
_refine.ls_wR_factor_obs                         ? 
_refine.ls_wR_factor_R_free                      ? 
_refine.ls_wR_factor_R_work                      ? 
_refine.occupancy_max                            ? 
_refine.occupancy_min                            ? 
_refine.solvent_model_details                    'FLAT BULK SOLVENT MODEL' 
_refine.solvent_model_param_bsol                 ? 
_refine.solvent_model_param_ksol                 ? 
_refine.ls_R_factor_gt                           ? 
_refine.ls_goodness_of_fit_gt                    ? 
_refine.ls_goodness_of_fit_ref                   ? 
_refine.ls_shift_over_su_max                     ? 
_refine.ls_shift_over_su_max_lt                  ? 
_refine.ls_shift_over_su_mean                    ? 
_refine.ls_shift_over_su_mean_lt                 ? 
_refine.pdbx_ls_sigma_I                          ? 
_refine.pdbx_ls_sigma_F                          1.34 
_refine.pdbx_ls_sigma_Fsqd                       ? 
_refine.pdbx_data_cutoff_high_absF               ? 
_refine.pdbx_data_cutoff_high_rms_absF           ? 
_refine.pdbx_data_cutoff_low_absF                ? 
_refine.pdbx_isotropic_thermal_model             ? 
_refine.pdbx_ls_cross_valid_method               'FREE R-VALUE' 
_refine.pdbx_method_to_determine_struct          'MOLECULAR REPLACEMENT' 
_refine.pdbx_starting_model                      5F44 
_refine.pdbx_stereochemistry_target_values       ML 
_refine.pdbx_R_Free_selection_details            'Random selection' 
_refine.pdbx_stereochem_target_val_spec_case     ? 
_refine.pdbx_overall_ESU_R                       ? 
_refine.pdbx_overall_ESU_R_Free                  ? 
_refine.pdbx_solvent_vdw_probe_radii             1.11 
_refine.pdbx_solvent_ion_probe_radii             ? 
_refine.pdbx_solvent_shrinkage_radii             0.90 
_refine.pdbx_real_space_R                        ? 
_refine.pdbx_density_correlation                 ? 
_refine.pdbx_pd_number_of_powder_patterns        ? 
_refine.pdbx_pd_number_of_points                 ? 
_refine.pdbx_pd_meas_number_of_points            ? 
_refine.pdbx_pd_proc_ls_prof_R_factor            ? 
_refine.pdbx_pd_proc_ls_prof_wR_factor           ? 
_refine.pdbx_pd_Marquardt_correlation_coeff      ? 
_refine.pdbx_pd_Fsqrd_R_factor                   ? 
_refine.pdbx_pd_ls_matrix_band_width             ? 
_refine.pdbx_overall_phase_error                 23.71 
_refine.pdbx_overall_SU_R_free_Cruickshank_DPI   ? 
_refine.pdbx_overall_SU_R_free_Blow_DPI          ? 
_refine.pdbx_overall_SU_R_Blow_DPI               ? 
_refine.pdbx_TLS_residual_ADP_flag               ? 
_refine.pdbx_diffrn_id                           1 
_refine.overall_SU_B                             ? 
_refine.overall_SU_ML                            0.18 
_refine.overall_SU_R_Cruickshank_DPI             ? 
_refine.overall_SU_R_free                        ? 
_refine.overall_FOM_free_R_set                   ? 
_refine.overall_FOM_work_R_set                   ? 
_refine.pdbx_average_fsc_overall                 ? 
_refine.pdbx_average_fsc_work                    ? 
_refine.pdbx_average_fsc_free                    ? 
# 
_refine_hist.pdbx_refine_id                   'X-RAY DIFFRACTION' 
_refine_hist.cycle_id                         LAST 
_refine_hist.pdbx_number_atoms_protein        1092 
_refine_hist.pdbx_number_atoms_nucleic_acid   0 
_refine_hist.pdbx_number_atoms_ligand         1 
_refine_hist.number_atoms_solvent             123 
_refine_hist.number_atoms_total               1216 
_refine_hist.d_res_high                       2.000 
_refine_hist.d_res_low                        44.307 
# 
loop_
_refine_ls_restr.pdbx_refine_id 
_refine_ls_restr.criterion 
_refine_ls_restr.dev_ideal 
_refine_ls_restr.dev_ideal_target 
_refine_ls_restr.number 
_refine_ls_restr.rejects 
_refine_ls_restr.type 
_refine_ls_restr.weight 
_refine_ls_restr.pdbx_restraint_function 
'X-RAY DIFFRACTION' ? 0.019 ? 1127 ? f_bond_d           ? ? 
'X-RAY DIFFRACTION' ? 0.888 ? 1537 ? f_angle_d          ? ? 
'X-RAY DIFFRACTION' ? 9.459 ? 658  ? f_dihedral_angle_d ? ? 
'X-RAY DIFFRACTION' ? 0.057 ? 171  ? f_chiral_restr     ? ? 
'X-RAY DIFFRACTION' ? 0.005 ? 199  ? f_plane_restr      ? ? 
# 
loop_
_refine_ls_shell.pdbx_refine_id 
_refine_ls_shell.d_res_high 
_refine_ls_shell.d_res_low 
_refine_ls_shell.number_reflns_all 
_refine_ls_shell.number_reflns_obs 
_refine_ls_shell.number_reflns_R_free 
_refine_ls_shell.number_reflns_R_work 
_refine_ls_shell.percent_reflns_obs 
_refine_ls_shell.percent_reflns_R_free 
_refine_ls_shell.R_factor_all 
_refine_ls_shell.R_factor_obs 
_refine_ls_shell.R_factor_R_free 
_refine_ls_shell.R_factor_R_free_error 
_refine_ls_shell.R_factor_R_work 
_refine_ls_shell.redundancy_reflns_all 
_refine_ls_shell.redundancy_reflns_obs 
_refine_ls_shell.wR_factor_all 
_refine_ls_shell.wR_factor_obs 
_refine_ls_shell.wR_factor_R_free 
_refine_ls_shell.wR_factor_R_work 
_refine_ls_shell.pdbx_total_number_of_bins_used 
_refine_ls_shell.pdbx_phase_error 
_refine_ls_shell.pdbx_fsc_work 
_refine_ls_shell.pdbx_fsc_free 
'X-RAY DIFFRACTION' 2.0000 2.1544  . . 151 2511 100.00 . . . 0.2901 . 0.2182 . . . . . . . . . . 
'X-RAY DIFFRACTION' 2.1544 2.3712  . . 136 2539 100.00 . . . 0.2076 . 0.1917 . . . . . . . . . . 
'X-RAY DIFFRACTION' 2.3712 2.7143  . . 137 2571 100.00 . . . 0.2457 . 0.1973 . . . . . . . . . . 
'X-RAY DIFFRACTION' 2.7143 3.4196  . . 126 2595 100.00 . . . 0.2627 . 0.1932 . . . . . . . . . . 
'X-RAY DIFFRACTION' 3.4196 44.3184 . . 126 2718 98.00  . . . 0.1685 . 0.1656 . . . . . . . . . . 
# 
_struct.entry_id                     5FIE 
_struct.title                        'Crystal structure of N-terminal domain of shaft pilin spaA from Lactobacillus rhamnosus GG' 
_struct.pdbx_model_details           ? 
_struct.pdbx_formula_weight          ? 
_struct.pdbx_formula_weight_method   ? 
_struct.pdbx_model_type_details      ? 
_struct.pdbx_CASP_flag               ? 
# 
_struct_keywords.entry_id        5FIE 
_struct_keywords.text            'Pilin, spaA, probiotic, isopeptide, SpaCBA pili, adhesin, CELL ADHESION' 
_struct_keywords.pdbx_keywords   'CELL ADHESION' 
# 
loop_
_struct_asym.id 
_struct_asym.pdbx_blank_PDB_chainid_flag 
_struct_asym.pdbx_modified 
_struct_asym.entity_id 
_struct_asym.details 
A N N 1 ? 
B N N 2 ? 
C N N 3 ? 
# 
loop_
_struct_conf.conf_type_id 
_struct_conf.id 
_struct_conf.pdbx_PDB_helix_id 
_struct_conf.beg_label_comp_id 
_struct_conf.beg_label_asym_id 
_struct_conf.beg_label_seq_id 
_struct_conf.pdbx_beg_PDB_ins_code 
_struct_conf.end_label_comp_id 
_struct_conf.end_label_asym_id 
_struct_conf.end_label_seq_id 
_struct_conf.pdbx_end_PDB_ins_code 
_struct_conf.beg_auth_comp_id 
_struct_conf.beg_auth_asym_id 
_struct_conf.beg_auth_seq_id 
_struct_conf.end_auth_comp_id 
_struct_conf.end_auth_asym_id 
_struct_conf.end_auth_seq_id 
_struct_conf.pdbx_PDB_helix_class 
_struct_conf.details 
_struct_conf.pdbx_PDB_helix_length 
HELX_P HELX_P1 AA1 VAL A 56  ? SER A 63  ? VAL A 83  SER A 90  1 ? 8 
HELX_P HELX_P2 AA2 PRO A 64  ? TYR A 67  ? PRO A 91  TYR A 94  5 ? 4 
HELX_P HELX_P3 AA3 ALA A 117 ? THR A 121 ? ALA A 144 THR A 148 5 ? 5 
# 
_struct_conf_type.id          HELX_P 
_struct_conf_type.criteria    ? 
_struct_conf_type.reference   ? 
# 
loop_
_struct_conn.id 
_struct_conn.conn_type_id 
_struct_conn.pdbx_leaving_atom_flag 
_struct_conn.pdbx_PDB_id 
_struct_conn.ptnr1_label_asym_id 
_struct_conn.ptnr1_label_comp_id 
_struct_conn.ptnr1_label_seq_id 
_struct_conn.ptnr1_label_atom_id 
_struct_conn.pdbx_ptnr1_label_alt_id 
_struct_conn.pdbx_ptnr1_PDB_ins_code 
_struct_conn.pdbx_ptnr1_standard_comp_id 
_struct_conn.ptnr1_symmetry 
_struct_conn.ptnr2_label_asym_id 
_struct_conn.ptnr2_label_comp_id 
_struct_conn.ptnr2_label_seq_id 
_struct_conn.ptnr2_label_atom_id 
_struct_conn.pdbx_ptnr2_label_alt_id 
_struct_conn.pdbx_ptnr2_PDB_ins_code 
_struct_conn.ptnr1_auth_asym_id 
_struct_conn.ptnr1_auth_comp_id 
_struct_conn.ptnr1_auth_seq_id 
_struct_conn.ptnr2_auth_asym_id 
_struct_conn.ptnr2_auth_comp_id 
_struct_conn.ptnr2_auth_seq_id 
_struct_conn.ptnr2_symmetry 
_struct_conn.pdbx_ptnr3_label_atom_id 
_struct_conn.pdbx_ptnr3_label_seq_id 
_struct_conn.pdbx_ptnr3_label_comp_id 
_struct_conn.pdbx_ptnr3_label_asym_id 
_struct_conn.pdbx_ptnr3_label_alt_id 
_struct_conn.pdbx_ptnr3_PDB_ins_code 
_struct_conn.details 
_struct_conn.pdbx_dist_value 
_struct_conn.pdbx_value_order 
_struct_conn.pdbx_role 
metalc1 metalc ? ? A THR 79 O   ? ? ? 1_555 B NA  . NA ? ? A THR 106 A NA  201 8_554 ? ? ? ? ? ? ? 2.348 ? ? 
metalc2 metalc ? ? A THR 79 OG1 ? ? ? 1_555 B NA  . NA ? ? A THR 106 A NA  201 8_554 ? ? ? ? ? ? ? 2.890 ? ? 
metalc3 metalc ? ? A THR 89 O   ? ? ? 1_555 B NA  . NA ? ? A THR 116 A NA  201 1_555 ? ? ? ? ? ? ? 2.302 ? ? 
metalc4 metalc ? ? B NA  .  NA  ? ? ? 1_555 C HOH . O  ? ? A NA  201 A HOH 367 8_554 ? ? ? ? ? ? ? 2.496 ? ? 
metalc5 metalc ? ? B NA  .  NA  ? ? ? 1_555 C HOH . O  ? ? A NA  201 A HOH 389 8_554 ? ? ? ? ? ? ? 2.406 ? ? 
metalc6 metalc ? ? B NA  .  NA  ? ? ? 1_555 C HOH . O  ? ? A NA  201 A HOH 397 8_554 ? ? ? ? ? ? ? 2.690 ? ? 
metalc7 metalc ? ? B NA  .  NA  ? ? ? 1_555 C HOH . O  ? ? A NA  201 A HOH 402 8_554 ? ? ? ? ? ? ? 2.462 ? ? 
# 
_struct_conn_type.id          metalc 
_struct_conn_type.criteria    ? 
_struct_conn_type.reference   ? 
# 
loop_
_struct_mon_prot_cis.pdbx_id 
_struct_mon_prot_cis.label_comp_id 
_struct_mon_prot_cis.label_seq_id 
_struct_mon_prot_cis.label_asym_id 
_struct_mon_prot_cis.label_alt_id 
_struct_mon_prot_cis.pdbx_PDB_ins_code 
_struct_mon_prot_cis.auth_comp_id 
_struct_mon_prot_cis.auth_seq_id 
_struct_mon_prot_cis.auth_asym_id 
_struct_mon_prot_cis.pdbx_label_comp_id_2 
_struct_mon_prot_cis.pdbx_label_seq_id_2 
_struct_mon_prot_cis.pdbx_label_asym_id_2 
_struct_mon_prot_cis.pdbx_PDB_ins_code_2 
_struct_mon_prot_cis.pdbx_auth_comp_id_2 
_struct_mon_prot_cis.pdbx_auth_seq_id_2 
_struct_mon_prot_cis.pdbx_auth_asym_id_2 
_struct_mon_prot_cis.pdbx_PDB_model_num 
_struct_mon_prot_cis.pdbx_omega_angle 
1 ASN 114 A . ? ASN 141 A PRO 115 A ? PRO 142 A 1 -0.08 
2 LEU 129 A . ? LEU 156 A PRO 130 A ? PRO 157 A 1 -3.41 
# 
loop_
_struct_sheet.id 
_struct_sheet.type 
_struct_sheet.number_strands 
_struct_sheet.details 
AA1 ? 3 ? 
AA2 ? 4 ? 
AA3 ? 2 ? 
# 
loop_
_struct_sheet_order.sheet_id 
_struct_sheet_order.range_id_1 
_struct_sheet_order.range_id_2 
_struct_sheet_order.offset 
_struct_sheet_order.sense 
AA1 1 2 ? anti-parallel 
AA1 2 3 ? parallel      
AA2 1 2 ? anti-parallel 
AA2 2 3 ? anti-parallel 
AA2 3 4 ? anti-parallel 
AA3 1 2 ? anti-parallel 
# 
loop_
_struct_sheet_range.sheet_id 
_struct_sheet_range.id 
_struct_sheet_range.beg_label_comp_id 
_struct_sheet_range.beg_label_asym_id 
_struct_sheet_range.beg_label_seq_id 
_struct_sheet_range.pdbx_beg_PDB_ins_code 
_struct_sheet_range.end_label_comp_id 
_struct_sheet_range.end_label_asym_id 
_struct_sheet_range.end_label_seq_id 
_struct_sheet_range.pdbx_end_PDB_ins_code 
_struct_sheet_range.beg_auth_comp_id 
_struct_sheet_range.beg_auth_asym_id 
_struct_sheet_range.beg_auth_seq_id 
_struct_sheet_range.end_auth_comp_id 
_struct_sheet_range.end_auth_asym_id 
_struct_sheet_range.end_auth_seq_id 
AA1 1 GLN A 87  ? PRO A 93  ? GLN A 114 PRO A 120 
AA1 2 THR A 13  ? THR A 19  ? THR A 40  THR A 46  
AA1 3 ASN A 138 ? VAL A 141 ? ASN A 165 VAL A 168 
AA2 1 VAL A 76  ? THR A 81  ? VAL A 103 THR A 108 
AA2 2 ASP A 50  ? ASN A 55  ? ASP A 77  ASN A 82  
AA2 3 VAL A 107 ? ASN A 114 ? VAL A 134 ASN A 141 
AA2 4 PHE A 125 ? THR A 128 ? PHE A 152 THR A 155 
AA3 1 GLN A 95  ? LYS A 97  ? GLN A 122 LYS A 124 
AA3 2 THR A 103 ? ALA A 105 ? THR A 130 ALA A 132 
# 
loop_
_pdbx_struct_sheet_hbond.sheet_id 
_pdbx_struct_sheet_hbond.range_id_1 
_pdbx_struct_sheet_hbond.range_id_2 
_pdbx_struct_sheet_hbond.range_1_label_atom_id 
_pdbx_struct_sheet_hbond.range_1_label_comp_id 
_pdbx_struct_sheet_hbond.range_1_label_asym_id 
_pdbx_struct_sheet_hbond.range_1_label_seq_id 
_pdbx_struct_sheet_hbond.range_1_PDB_ins_code 
_pdbx_struct_sheet_hbond.range_1_auth_atom_id 
_pdbx_struct_sheet_hbond.range_1_auth_comp_id 
_pdbx_struct_sheet_hbond.range_1_auth_asym_id 
_pdbx_struct_sheet_hbond.range_1_auth_seq_id 
_pdbx_struct_sheet_hbond.range_2_label_atom_id 
_pdbx_struct_sheet_hbond.range_2_label_comp_id 
_pdbx_struct_sheet_hbond.range_2_label_asym_id 
_pdbx_struct_sheet_hbond.range_2_label_seq_id 
_pdbx_struct_sheet_hbond.range_2_PDB_ins_code 
_pdbx_struct_sheet_hbond.range_2_auth_atom_id 
_pdbx_struct_sheet_hbond.range_2_auth_comp_id 
_pdbx_struct_sheet_hbond.range_2_auth_asym_id 
_pdbx_struct_sheet_hbond.range_2_auth_seq_id 
AA1 1 2 O GLN A 90  ? O GLN A 117 N VAL A 16  ? N VAL A 43  
AA1 2 3 N VAL A 17  ? N VAL A 44  O VAL A 139 ? O VAL A 166 
AA2 1 2 O ALA A 78  ? O ALA A 105 N ILE A 53  ? N ILE A 80  
AA2 2 3 N TYR A 54  ? N TYR A 81  O LEU A 109 ? O LEU A 136 
AA2 3 4 N PHE A 110 ? N PHE A 137 O PHE A 125 ? O PHE A 152 
AA3 1 2 N SER A 96  ? N SER A 123 O ARG A 104 ? O ARG A 131 
# 
_struct_site.id                   AC1 
_struct_site.pdbx_evidence_code   Software 
_struct_site.pdbx_auth_asym_id    A 
_struct_site.pdbx_auth_comp_id    NA 
_struct_site.pdbx_auth_seq_id     201 
_struct_site.pdbx_auth_ins_code   ? 
_struct_site.pdbx_num_residues    6 
_struct_site.details              'binding site for residue NA A 201' 
# 
loop_
_struct_site_gen.id 
_struct_site_gen.site_id 
_struct_site_gen.pdbx_num_res 
_struct_site_gen.label_comp_id 
_struct_site_gen.label_asym_id 
_struct_site_gen.label_seq_id 
_struct_site_gen.pdbx_auth_ins_code 
_struct_site_gen.auth_comp_id 
_struct_site_gen.auth_asym_id 
_struct_site_gen.auth_seq_id 
_struct_site_gen.label_atom_id 
_struct_site_gen.label_alt_id 
_struct_site_gen.symmetry 
_struct_site_gen.details 
1 AC1 6 THR A 79 ? THR A 106 . ? 8_554 ? 
2 AC1 6 THR A 89 ? THR A 116 . ? 1_555 ? 
3 AC1 6 HOH C .  ? HOH A 367 . ? 8_554 ? 
4 AC1 6 HOH C .  ? HOH A 389 . ? 8_554 ? 
5 AC1 6 HOH C .  ? HOH A 397 . ? 8_554 ? 
6 AC1 6 HOH C .  ? HOH A 402 . ? 8_554 ? 
# 
_atom_sites.entry_id                    5FIE 
_atom_sites.fract_transf_matrix[1][1]   0.00647381 
_atom_sites.fract_transf_matrix[1][2]   -0.00924281 
_atom_sites.fract_transf_matrix[1][3]   0.00010652 
_atom_sites.fract_transf_matrix[2][1]   -0.00675332 
_atom_sites.fract_transf_matrix[2][2]   -0.00481830 
_atom_sites.fract_transf_matrix[2][3]   -0.00765035 
_atom_sites.fract_transf_matrix[3][1]   0.01143880 
_atom_sites.fract_transf_matrix[3][2]   0.00783865 
_atom_sites.fract_transf_matrix[3][3]   -0.01503445 
_atom_sites.fract_transf_vector[1]      0.136608 
_atom_sites.fract_transf_vector[2]      -0.339985 
_atom_sites.fract_transf_vector[3]      -0.158784 
# 
loop_
_atom_type.symbol 
C  
N  
NA 
O  
# 
loop_
_atom_site.group_PDB 
_atom_site.id 
_atom_site.type_symbol 
_atom_site.label_atom_id 
_atom_site.label_alt_id 
_atom_site.label_comp_id 
_atom_site.label_asym_id 
_atom_site.label_entity_id 
_atom_site.label_seq_id 
_atom_site.pdbx_PDB_ins_code 
_atom_site.Cartn_x 
_atom_site.Cartn_y 
_atom_site.Cartn_z 
_atom_site.occupancy 
_atom_site.B_iso_or_equiv 
_atom_site.pdbx_formal_charge 
_atom_site.auth_seq_id 
_atom_site.auth_comp_id 
_atom_site.auth_asym_id 
_atom_site.auth_atom_id 
_atom_site.pdbx_PDB_model_num 
ATOM   1    N  N   . THR A 1 12  ? -13.428 -3.133  -13.972 1.00 24.74 ? 39  THR A N   1 
ATOM   2    C  CA  . THR A 1 12  ? -12.125 -2.649  -14.413 1.00 26.73 ? 39  THR A CA  1 
ATOM   3    C  C   . THR A 1 12  ? -11.192 -2.532  -13.206 1.00 26.97 ? 39  THR A C   1 
ATOM   4    O  O   . THR A 1 12  ? -11.489 -1.845  -12.219 1.00 21.51 ? 39  THR A O   1 
ATOM   5    C  CB  . THR A 1 12  ? -12.194 -1.286  -15.122 1.00 29.75 ? 39  THR A CB  1 
ATOM   6    O  OG1 . THR A 1 12  ? -13.283 -1.278  -16.050 1.00 48.63 ? 39  THR A OG1 1 
ATOM   7    C  CG2 . THR A 1 12  ? -10.908 -1.015  -15.890 1.00 28.66 ? 39  THR A CG2 1 
ATOM   8    N  N   . THR A 1 13  ? -10.061 -3.217  -13.303 1.00 22.74 ? 40  THR A N   1 
ATOM   9    C  CA  . THR A 1 13  ? -9.119  -3.352  -12.211 1.00 20.49 ? 40  THR A CA  1 
ATOM   10   C  C   . THR A 1 13  ? -7.756  -2.882  -12.681 1.00 21.37 ? 40  THR A C   1 
ATOM   11   O  O   . THR A 1 13  ? -7.484  -2.805  -13.886 1.00 20.35 ? 40  THR A O   1 
ATOM   12   C  CB  . THR A 1 13  ? -9.002  -4.824  -11.738 1.00 25.89 ? 40  THR A CB  1 
ATOM   13   O  OG1 . THR A 1 13  ? -8.561  -5.625  -12.838 1.00 25.96 ? 40  THR A OG1 1 
ATOM   14   C  CG2 . THR A 1 13  ? -10.340 -5.363  -11.250 1.00 22.43 ? 40  THR A CG2 1 
ATOM   15   N  N   . GLN A 1 14  ? -6.882  -2.617  -11.710 1.00 20.01 ? 41  GLN A N   1 
ATOM   16   C  CA  . GLN A 1 14  ? -5.466  -2.447  -11.978 1.00 18.48 ? 41  GLN A CA  1 
ATOM   17   C  C   . GLN A 1 14  ? -4.672  -3.466  -11.174 1.00 18.54 ? 41  GLN A C   1 
ATOM   18   O  O   . GLN A 1 14  ? -5.081  -3.885  -10.086 1.00 17.25 ? 41  GLN A O   1 
ATOM   19   C  CB  . GLN A 1 14  ? -4.973  -1.036  -11.646 1.00 19.25 ? 41  GLN A CB  1 
ATOM   20   C  CG  . GLN A 1 14  ? -5.539  0.054   -12.558 1.00 16.42 ? 41  GLN A CG  1 
ATOM   21   C  CD  . GLN A 1 14  ? -4.902  1.404   -12.283 1.00 19.31 ? 41  GLN A CD  1 
ATOM   22   O  OE1 . GLN A 1 14  ? -5.102  1.995   -11.219 1.00 16.43 ? 41  GLN A OE1 1 
ATOM   23   N  NE2 . GLN A 1 14  ? -4.097  1.878   -13.229 1.00 19.78 ? 41  GLN A NE2 1 
ATOM   24   N  N   . ASN A 1 15  ? -3.529  -3.843  -11.728 1.00 17.27 ? 42  ASN A N   1 
ATOM   25   C  CA  . ASN A 1 15  ? -2.655  -4.863  -11.156 1.00 21.37 ? 42  ASN A CA  1 
ATOM   26   C  C   . ASN A 1 15  ? -1.597  -4.167  -10.316 1.00 18.97 ? 42  ASN A C   1 
ATOM   27   O  O   . ASN A 1 15  ? -0.644  -3.597  -10.852 1.00 19.55 ? 42  ASN A O   1 
ATOM   28   C  CB  . ASN A 1 15  ? -2.021  -5.677  -12.274 1.00 22.95 ? 42  ASN A CB  1 
ATOM   29   C  CG  . ASN A 1 15  ? -1.653  -7.049  -11.833 1.00 35.52 ? 42  ASN A CG  1 
ATOM   30   O  OD1 . ASN A 1 15  ? -2.458  -7.733  -11.196 1.00 36.00 ? 42  ASN A OD1 1 
ATOM   31   N  ND2 . ASN A 1 15  ? -0.433  -7.474  -12.155 1.00 35.35 ? 42  ASN A ND2 1 
ATOM   32   N  N   . VAL A 1 16  ? -1.753  -4.221  -8.995  1.00 17.32 ? 43  VAL A N   1 
ATOM   33   C  CA  . VAL A 1 16  ? -0.857  -3.530  -8.072  1.00 16.42 ? 43  VAL A CA  1 
ATOM   34   C  C   . VAL A 1 16  ? 0.241   -4.495  -7.640  1.00 18.71 ? 43  VAL A C   1 
ATOM   35   O  O   . VAL A 1 16  ? -0.049  -5.565  -7.094  1.00 20.93 ? 43  VAL A O   1 
ATOM   36   C  CB  . VAL A 1 16  ? -1.619  -2.996  -6.851  1.00 17.55 ? 43  VAL A CB  1 
ATOM   37   C  CG1 . VAL A 1 16  ? -0.650  -2.342  -5.862  1.00 16.90 ? 43  VAL A CG1 1 
ATOM   38   C  CG2 . VAL A 1 16  ? -2.723  -2.015  -7.287  1.00 18.28 ? 43  VAL A CG2 1 
ATOM   39   N  N   . VAL A 1 17  ? 1.497   -4.120  -7.883  1.00 18.91 ? 44  VAL A N   1 
ATOM   40   C  CA  . VAL A 1 17  ? 2.660   -4.900  -7.462  1.00 18.17 ? 44  VAL A CA  1 
ATOM   41   C  C   . VAL A 1 17  ? 3.308   -4.165  -6.294  1.00 17.46 ? 44  VAL A C   1 
ATOM   42   O  O   . VAL A 1 17  ? 3.833   -3.057  -6.456  1.00 17.32 ? 44  VAL A O   1 
ATOM   43   C  CB  . VAL A 1 17  ? 3.665   -5.110  -8.605  1.00 17.01 ? 44  VAL A CB  1 
ATOM   44   C  CG1 . VAL A 1 17  ? 4.928   -5.821  -8.076  1.00 18.18 ? 44  VAL A CG1 1 
ATOM   45   C  CG2 . VAL A 1 17  ? 3.019   -5.913  -9.773  1.00 16.70 ? 44  VAL A CG2 1 
ATOM   46   N  N   . LEU A 1 18  ? 3.271   -4.777  -5.116  1.00 16.41 ? 45  LEU A N   1 
ATOM   47   C  CA  . LEU A 1 18  ? 3.896   -4.233  -3.921  1.00 17.08 ? 45  LEU A CA  1 
ATOM   48   C  C   . LEU A 1 18  ? 5.262   -4.887  -3.735  1.00 19.49 ? 45  LEU A C   1 
ATOM   49   O  O   . LEU A 1 18  ? 5.383   -6.112  -3.845  1.00 17.55 ? 45  LEU A O   1 
ATOM   50   C  CB  . LEU A 1 18  ? 3.008   -4.473  -2.694  1.00 16.29 ? 45  LEU A CB  1 
ATOM   51   C  CG  . LEU A 1 18  ? 3.506   -4.077  -1.284  1.00 18.78 ? 45  LEU A CG  1 
ATOM   52   C  CD1 . LEU A 1 18  ? 2.316   -3.774  -0.377  1.00 16.80 ? 45  LEU A CD1 1 
ATOM   53   C  CD2 . LEU A 1 18  ? 4.406   -5.161  -0.625  1.00 16.20 ? 45  LEU A CD2 1 
ATOM   54   N  N   . THR A 1 19  ? 6.284   -4.071  -3.467  1.00 17.70 ? 46  THR A N   1 
ATOM   55   C  CA  . THR A 1 19  ? 7.631   -4.555  -3.166  1.00 17.30 ? 46  THR A CA  1 
ATOM   56   C  C   . THR A 1 19  ? 8.069   -3.946  -1.843  1.00 21.63 ? 46  THR A C   1 
ATOM   57   O  O   . THR A 1 19  ? 8.043   -2.718  -1.681  1.00 20.15 ? 46  THR A O   1 
ATOM   58   C  CB  . THR A 1 19  ? 8.635   -4.197  -4.271  1.00 20.31 ? 46  THR A CB  1 
ATOM   59   O  OG1 . THR A 1 19  ? 8.109   -4.571  -5.548  1.00 19.31 ? 46  THR A OG1 1 
ATOM   60   C  CG2 . THR A 1 19  ? 9.950   -4.939  -4.061  1.00 21.18 ? 46  THR A CG2 1 
ATOM   61   N  N   . LYS A 1 20  ? 8.459   -4.798  -0.897  1.00 21.96 ? 47  LYS A N   1 
ATOM   62   C  CA  . LYS A 1 20  ? 8.882   -4.379  0.435   1.00 20.73 ? 47  LYS A CA  1 
ATOM   63   C  C   . LYS A 1 20  ? 10.399  -4.526  0.532   1.00 25.60 ? 47  LYS A C   1 
ATOM   64   O  O   . LYS A 1 20  ? 10.922  -5.647  0.491   1.00 21.69 ? 47  LYS A O   1 
ATOM   65   C  CB  . LYS A 1 20  ? 8.177   -5.211  1.504   1.00 18.04 ? 47  LYS A CB  1 
ATOM   66   C  CG  . LYS A 1 20  ? 8.658   -5.003  2.928   1.00 21.21 ? 47  LYS A CG  1 
ATOM   67   C  CD  . LYS A 1 20  ? 8.357   -3.604  3.417   1.00 24.49 ? 47  LYS A CD  1 
ATOM   68   C  CE  . LYS A 1 20  ? 8.824   -3.391  4.887   1.00 31.15 ? 47  LYS A CE  1 
ATOM   69   N  NZ  . LYS A 1 20  ? 7.990   -4.168  5.858   1.00 28.26 ? 47  LYS A NZ  1 
ATOM   70   N  N   . TYR A 1 21  ? 11.104  -3.401  0.668   1.00 24.22 ? 48  TYR A N   1 
ATOM   71   C  CA  . TYR A 1 21  ? 12.549  -3.395  0.885   1.00 25.92 ? 48  TYR A CA  1 
ATOM   72   C  C   . TYR A 1 21  ? 12.858  -2.978  2.319   1.00 25.48 ? 48  TYR A C   1 
ATOM   73   O  O   . TYR A 1 21  ? 12.252  -2.037  2.849   1.00 23.74 ? 48  TYR A O   1 
ATOM   74   C  CB  . TYR A 1 21  ? 13.270  -2.441  -0.075  1.00 25.35 ? 48  TYR A CB  1 
ATOM   75   C  CG  . TYR A 1 21  ? 13.172  -2.796  -1.541  1.00 26.95 ? 48  TYR A CG  1 
ATOM   76   C  CD1 . TYR A 1 21  ? 13.838  -3.901  -2.054  1.00 28.03 ? 48  TYR A CD1 1 
ATOM   77   C  CD2 . TYR A 1 21  ? 12.420  -2.011  -2.415  1.00 30.16 ? 48  TYR A CD2 1 
ATOM   78   C  CE1 . TYR A 1 21  ? 13.753  -4.225  -3.402  1.00 28.58 ? 48  TYR A CE1 1 
ATOM   79   C  CE2 . TYR A 1 21  ? 12.334  -2.323  -3.764  1.00 30.00 ? 48  TYR A CE2 1 
ATOM   80   C  CZ  . TYR A 1 21  ? 13.005  -3.429  -4.248  1.00 29.94 ? 48  TYR A CZ  1 
ATOM   81   O  OH  . TYR A 1 21  ? 12.912  -3.749  -5.583  1.00 34.44 ? 48  TYR A OH  1 
ATOM   82   N  N   . GLY A 1 22  ? 13.806  -3.674  2.936   1.00 26.44 ? 49  GLY A N   1 
ATOM   83   C  CA  . GLY A 1 22  ? 14.238  -3.307  4.269   1.00 24.35 ? 49  GLY A CA  1 
ATOM   84   C  C   . GLY A 1 22  ? 15.061  -2.030  4.289   1.00 27.22 ? 49  GLY A C   1 
ATOM   85   O  O   . GLY A 1 22  ? 15.598  -1.574  3.277   1.00 25.56 ? 49  GLY A O   1 
ATOM   86   N  N   . PHE A 1 23  ? 15.152  -1.436  5.480   1.00 23.10 ? 50  PHE A N   1 
ATOM   87   C  CA  . PHE A 1 23  ? 15.938  -0.221  5.649   1.00 29.21 ? 50  PHE A CA  1 
ATOM   88   C  C   . PHE A 1 23  ? 17.390  -0.465  5.248   1.00 28.03 ? 50  PHE A C   1 
ATOM   89   O  O   . PHE A 1 23  ? 17.974  -1.502  5.570   1.00 28.10 ? 50  PHE A O   1 
ATOM   90   C  CB  . PHE A 1 23  ? 15.860  0.255   7.106   1.00 30.12 ? 50  PHE A CB  1 
ATOM   91   C  CG  . PHE A 1 23  ? 16.884  1.304   7.460   1.00 31.30 ? 50  PHE A CG  1 
ATOM   92   C  CD1 . PHE A 1 23  ? 16.754  2.603   6.996   1.00 34.69 ? 50  PHE A CD1 1 
ATOM   93   C  CD2 . PHE A 1 23  ? 17.972  0.989   8.259   1.00 35.28 ? 50  PHE A CD2 1 
ATOM   94   C  CE1 . PHE A 1 23  ? 17.695  3.571   7.324   1.00 36.64 ? 50  PHE A CE1 1 
ATOM   95   C  CE2 . PHE A 1 23  ? 18.918  1.956   8.590   1.00 35.00 ? 50  PHE A CE2 1 
ATOM   96   C  CZ  . PHE A 1 23  ? 18.778  3.241   8.119   1.00 36.77 ? 50  PHE A CZ  1 
ATOM   97   N  N   . ASP A 1 24  ? 17.965  0.482   4.509   1.00 33.25 ? 51  ASP A N   1 
ATOM   98   C  CA  . ASP A 1 24  ? 19.390  0.452   4.186   1.00 38.07 ? 51  ASP A CA  1 
ATOM   99   C  C   . ASP A 1 24  ? 19.966  1.848   4.380   1.00 43.21 ? 51  ASP A C   1 
ATOM   100  O  O   . ASP A 1 24  ? 19.483  2.807   3.771   1.00 43.25 ? 51  ASP A O   1 
ATOM   101  C  CB  . ASP A 1 24  ? 19.634  -0.030  2.754   1.00 38.90 ? 51  ASP A CB  1 
ATOM   102  C  CG  . ASP A 1 24  ? 21.108  -0.280  2.469   1.00 43.74 ? 51  ASP A CG  1 
ATOM   103  O  OD1 . ASP A 1 24  ? 21.898  0.688   2.497   1.00 42.21 ? 51  ASP A OD1 1 
ATOM   104  O  OD2 . ASP A 1 24  ? 21.477  -1.451  2.219   1.00 48.99 ? 51  ASP A OD2 1 
ATOM   105  N  N   . LYS A 1 25  ? 21.013  1.950   5.210   1.00 43.70 ? 52  LYS A N   1 
ATOM   106  C  CA  . LYS A 1 25  ? 21.620  3.242   5.529   1.00 43.11 ? 52  LYS A CA  1 
ATOM   107  C  C   . LYS A 1 25  ? 22.096  3.988   4.288   1.00 48.54 ? 52  LYS A C   1 
ATOM   108  O  O   . LYS A 1 25  ? 22.196  5.218   4.319   1.00 51.91 ? 52  LYS A O   1 
ATOM   109  C  CB  . LYS A 1 25  ? 22.787  3.035   6.506   1.00 44.86 ? 52  LYS A CB  1 
ATOM   110  C  CG  . LYS A 1 25  ? 24.010  2.366   5.865   1.00 51.92 ? 52  LYS A CG  1 
ATOM   111  C  CD  . LYS A 1 25  ? 25.215  2.287   6.804   1.00 54.04 ? 52  LYS A CD  1 
ATOM   112  C  CE  . LYS A 1 25  ? 26.558  2.288   6.056   1.00 55.69 ? 52  LYS A CE  1 
ATOM   113  N  NZ  . LYS A 1 25  ? 26.704  3.318   4.966   1.00 58.42 ? 52  LYS A NZ  1 
ATOM   114  N  N   . ASP A 1 26  ? 22.347  3.287   3.182   1.00 48.98 ? 53  ASP A N   1 
ATOM   115  C  CA  . ASP A 1 26  ? 22.960  3.890   2.002   1.00 50.91 ? 53  ASP A CA  1 
ATOM   116  C  C   . ASP A 1 26  ? 21.972  4.282   0.909   1.00 55.56 ? 53  ASP A C   1 
ATOM   117  O  O   . ASP A 1 26  ? 22.326  5.091   0.041   1.00 63.46 ? 53  ASP A O   1 
ATOM   118  C  CB  . ASP A 1 26  ? 24.014  2.946   1.404   1.00 54.06 ? 53  ASP A CB  1 
ATOM   119  C  CG  . ASP A 1 26  ? 25.269  2.833   2.278   1.00 55.81 ? 53  ASP A CG  1 
ATOM   120  O  OD1 . ASP A 1 26  ? 25.974  3.849   2.430   1.00 59.40 ? 53  ASP A OD1 1 
ATOM   121  O  OD2 . ASP A 1 26  ? 25.533  1.738   2.807   1.00 57.47 ? 53  ASP A OD2 1 
ATOM   122  N  N   . VAL A 1 27  ? 20.759  3.759   0.924   1.00 50.16 ? 54  VAL A N   1 
ATOM   123  C  CA  . VAL A 1 27  ? 19.723  4.227   0.012   1.00 56.43 ? 54  VAL A CA  1 
ATOM   124  C  C   . VAL A 1 27  ? 18.847  5.193   0.792   1.00 60.69 ? 54  VAL A C   1 
ATOM   125  O  O   . VAL A 1 27  ? 18.562  4.972   1.977   1.00 59.85 ? 54  VAL A O   1 
ATOM   126  C  CB  . VAL A 1 27  ? 18.916  3.059   -0.596  1.00 51.00 ? 54  VAL A CB  1 
ATOM   127  C  CG1 . VAL A 1 27  ? 19.857  1.968   -1.045  1.00 48.07 ? 54  VAL A CG1 1 
ATOM   128  C  CG2 . VAL A 1 27  ? 17.915  2.492   0.385   1.00 54.58 ? 54  VAL A CG2 1 
ATOM   129  N  N   . THR A 1 28  ? 18.480  6.305   0.164   1.00 63.62 ? 55  THR A N   1 
ATOM   130  C  CA  . THR A 1 28  ? 17.728  7.354   0.838   1.00 66.74 ? 55  THR A CA  1 
ATOM   131  C  C   . THR A 1 28  ? 16.336  7.424   0.230   1.00 65.09 ? 55  THR A C   1 
ATOM   132  O  O   . THR A 1 28  ? 16.187  7.434   -0.997  1.00 66.37 ? 55  THR A O   1 
ATOM   133  C  CB  . THR A 1 28  ? 18.460  8.694   0.753   1.00 73.11 ? 55  THR A CB  1 
ATOM   134  O  OG1 . THR A 1 28  ? 19.085  8.811   -0.532  1.00 79.10 ? 55  THR A OG1 1 
ATOM   135  C  CG2 . THR A 1 28  ? 19.527  8.783   1.852   1.00 70.47 ? 55  THR A CG2 1 
ATOM   136  N  N   . ALA A 1 29  ? 15.326  7.483   1.103   1.00 63.54 ? 56  ALA A N   1 
ATOM   137  C  CA  . ALA A 1 29  ? 13.965  7.055   0.777   1.00 69.17 ? 56  ALA A CA  1 
ATOM   138  C  C   . ALA A 1 29  ? 13.145  8.217   0.220   1.00 70.90 ? 56  ALA A C   1 
ATOM   139  O  O   . ALA A 1 29  ? 12.274  8.788   0.883   1.00 71.85 ? 56  ALA A O   1 
ATOM   140  C  CB  . ALA A 1 29  ? 13.298  6.445   2.006   1.00 61.54 ? 56  ALA A CB  1 
ATOM   141  N  N   . ILE A 1 30  ? 13.409  8.545   -1.044  1.00 66.73 ? 57  ILE A N   1 
ATOM   142  C  CA  . ILE A 1 30  ? 12.584  9.511   -1.762  1.00 63.42 ? 57  ILE A CA  1 
ATOM   143  C  C   . ILE A 1 30  ? 11.294  8.818   -2.188  1.00 60.43 ? 57  ILE A C   1 
ATOM   144  O  O   . ILE A 1 30  ? 11.120  7.615   -1.967  1.00 55.70 ? 57  ILE A O   1 
ATOM   145  C  CB  . ILE A 1 30  ? 13.331  10.098  -2.974  1.00 61.70 ? 57  ILE A CB  1 
ATOM   146  C  CG1 . ILE A 1 30  ? 13.435  9.064   -4.093  1.00 54.54 ? 57  ILE A CG1 1 
ATOM   147  C  CG2 . ILE A 1 30  ? 14.715  10.578  -2.567  1.00 66.43 ? 57  ILE A CG2 1 
ATOM   148  C  CD1 . ILE A 1 30  ? 13.877  9.653   -5.403  1.00 55.53 ? 57  ILE A CD1 1 
ATOM   149  N  N   . ASP A 1 31  ? 10.375  9.566   -2.793  1.00 57.33 ? 58  ASP A N   1 
ATOM   150  C  CA  . ASP A 1 31  ? 9.166   8.943   -3.301  1.00 51.68 ? 58  ASP A CA  1 
ATOM   151  C  C   . ASP A 1 31  ? 9.445   8.247   -4.634  1.00 50.02 ? 58  ASP A C   1 
ATOM   152  O  O   . ASP A 1 31  ? 10.367  8.605   -5.373  1.00 53.58 ? 58  ASP A O   1 
ATOM   153  C  CB  . ASP A 1 31  ? 8.052   9.978   -3.447  1.00 54.56 ? 58  ASP A CB  1 
ATOM   154  C  CG  . ASP A 1 31  ? 7.505   10.439  -2.103  1.00 56.56 ? 58  ASP A CG  1 
ATOM   155  O  OD1 . ASP A 1 31  ? 7.275   9.577   -1.226  1.00 54.12 ? 58  ASP A OD1 1 
ATOM   156  O  OD2 . ASP A 1 31  ? 7.297   11.660  -1.925  1.00 57.48 ? 58  ASP A OD2 1 
ATOM   157  N  N   . ARG A 1 32  ? 8.640   7.223   -4.925  1.00 45.66 ? 59  ARG A N   1 
ATOM   158  C  CA  . ARG A 1 32  ? 8.783   6.418   -6.136  1.00 35.82 ? 59  ARG A CA  1 
ATOM   159  C  C   . ARG A 1 32  ? 7.431   6.350   -6.829  1.00 31.98 ? 59  ARG A C   1 
ATOM   160  O  O   . ARG A 1 32  ? 6.450   5.924   -6.215  1.00 33.77 ? 59  ARG A O   1 
ATOM   161  C  CB  . ARG A 1 32  ? 9.268   5.010   -5.789  1.00 41.45 ? 59  ARG A CB  1 
ATOM   162  C  CG  . ARG A 1 32  ? 10.421  5.001   -4.788  1.00 45.08 ? 59  ARG A CG  1 
ATOM   163  C  CD  . ARG A 1 32  ? 11.754  5.195   -5.492  1.00 48.09 ? 59  ARG A CD  1 
ATOM   164  N  NE  . ARG A 1 32  ? 12.827  5.563   -4.570  1.00 51.10 ? 59  ARG A NE  1 
ATOM   165  C  CZ  . ARG A 1 32  ? 14.098  5.703   -4.933  1.00 51.95 ? 59  ARG A CZ  1 
ATOM   166  N  NH1 . ARG A 1 32  ? 14.454  5.482   -6.195  1.00 53.54 ? 59  ARG A NH1 1 
ATOM   167  N  NH2 . ARG A 1 32  ? 15.015  6.052   -4.033  1.00 55.60 ? 59  ARG A NH2 1 
ATOM   168  N  N   . ALA A 1 33  ? 7.375   6.744   -8.099  1.00 29.68 ? 60  ALA A N   1 
ATOM   169  C  CA  . ALA A 1 33  ? 6.093   6.813   -8.792  1.00 28.06 ? 60  ALA A CA  1 
ATOM   170  C  C   . ALA A 1 33  ? 5.547   5.414   -9.074  1.00 24.55 ? 60  ALA A C   1 
ATOM   171  O  O   . ALA A 1 33  ? 6.290   4.426   -9.135  1.00 24.83 ? 60  ALA A O   1 
ATOM   172  C  CB  . ALA A 1 33  ? 6.225   7.593   -10.100 1.00 33.73 ? 60  ALA A CB  1 
ATOM   173  N  N   . THR A 1 34  ? 4.223   5.342   -9.262  1.00 25.72 ? 61  THR A N   1 
ATOM   174  C  CA  . THR A 1 34  ? 3.578   4.054   -9.513  1.00 23.61 ? 61  THR A CA  1 
ATOM   175  C  C   . THR A 1 34  ? 3.870   3.497   -10.903 1.00 23.84 ? 61  THR A C   1 
ATOM   176  O  O   . THR A 1 34  ? 3.617   2.310   -11.141 1.00 19.35 ? 61  THR A O   1 
ATOM   177  C  CB  . THR A 1 34  ? 2.058   4.145   -9.325  1.00 19.64 ? 61  THR A CB  1 
ATOM   178  O  OG1 . THR A 1 34  ? 1.508   5.170   -10.166 1.00 19.84 ? 61  THR A OG1 1 
ATOM   179  C  CG2 . THR A 1 34  ? 1.700   4.420   -7.878  1.00 16.93 ? 61  THR A CG2 1 
ATOM   180  N  N   . ASP A 1 35  ? 4.390   4.313   -11.822 1.00 24.09 ? 62  ASP A N   1 
ATOM   181  C  CA  . ASP A 1 35  ? 4.643   3.864   -13.186 1.00 27.28 ? 62  ASP A CA  1 
ATOM   182  C  C   . ASP A 1 35  ? 6.128   3.640   -13.472 1.00 30.47 ? 62  ASP A C   1 
ATOM   183  O  O   . ASP A 1 35  ? 6.545   3.662   -14.635 1.00 32.02 ? 62  ASP A O   1 
ATOM   184  C  CB  . ASP A 1 35  ? 4.042   4.848   -14.194 1.00 25.25 ? 62  ASP A CB  1 
ATOM   185  C  CG  . ASP A 1 35  ? 4.697   6.221   -14.153 1.00 35.39 ? 62  ASP A CG  1 
ATOM   186  O  OD1 . ASP A 1 35  ? 5.551   6.479   -13.270 1.00 31.61 ? 62  ASP A OD1 1 
ATOM   187  O  OD2 . ASP A 1 35  ? 4.333   7.056   -15.015 1.00 37.02 ? 62  ASP A OD2 1 
ATOM   188  N  N   . GLN A 1 36  ? 6.936   3.423   -12.439 1.00 28.66 ? 63  GLN A N   1 
ATOM   189  C  CA  . GLN A 1 36  ? 8.344   3.086   -12.618 1.00 37.35 ? 63  GLN A CA  1 
ATOM   190  C  C   . GLN A 1 36  ? 8.704   1.882   -11.762 1.00 32.63 ? 63  GLN A C   1 
ATOM   191  O  O   . GLN A 1 36  ? 8.242   1.748   -10.628 1.00 29.76 ? 63  GLN A O   1 
ATOM   192  C  CB  . GLN A 1 36  ? 9.280   4.264   -12.257 1.00 42.61 ? 63  GLN A CB  1 
ATOM   193  C  CG  . GLN A 1 36  ? 9.046   5.532   -13.100 1.00 47.75 ? 63  GLN A CG  1 
ATOM   194  C  CD  . GLN A 1 36  ? 9.932   5.563   -14.349 1.00 56.72 ? 63  GLN A CD  1 
ATOM   195  O  OE1 . GLN A 1 36  ? 9.453   5.813   -15.459 1.00 55.94 ? 63  GLN A OE1 1 
ATOM   196  N  NE2 . GLN A 1 36  ? 11.226  5.296   -14.169 1.00 55.42 ? 63  GLN A NE2 1 
ATOM   197  N  N   . ILE A 1 37  ? 9.522   0.999   -12.321 1.00 35.51 ? 64  ILE A N   1 
ATOM   198  C  CA  . ILE A 1 37  ? 10.094  -0.108  -11.566 1.00 36.03 ? 64  ILE A CA  1 
ATOM   199  C  C   . ILE A 1 37  ? 11.321  0.404   -10.829 1.00 36.17 ? 64  ILE A C   1 
ATOM   200  O  O   . ILE A 1 37  ? 12.195  1.036   -11.431 1.00 40.70 ? 64  ILE A O   1 
ATOM   201  C  CB  . ILE A 1 37  ? 10.457  -1.285  -12.484 1.00 40.44 ? 64  ILE A CB  1 
ATOM   202  C  CG1 . ILE A 1 37  ? 9.199   -1.946  -13.046 1.00 34.80 ? 64  ILE A CG1 1 
ATOM   203  C  CG2 . ILE A 1 37  ? 11.304  -2.305  -11.726 1.00 35.72 ? 64  ILE A CG2 1 
ATOM   204  C  CD1 . ILE A 1 37  ? 8.675   -1.290  -14.320 1.00 42.65 ? 64  ILE A CD1 1 
ATOM   205  N  N   . TRP A 1 38  ? 11.373  0.159   -9.523  1.00 34.62 ? 65  TRP A N   1 
ATOM   206  C  CA  . TRP A 1 38  ? 12.522  0.514   -8.700  1.00 34.11 ? 65  TRP A CA  1 
ATOM   207  C  C   . TRP A 1 38  ? 13.091  -0.765  -8.107  1.00 36.93 ? 65  TRP A C   1 
ATOM   208  O  O   . TRP A 1 38  ? 12.370  -1.520  -7.445  1.00 35.71 ? 65  TRP A O   1 
ATOM   209  C  CB  . TRP A 1 38  ? 12.139  1.507   -7.600  1.00 36.94 ? 65  TRP A CB  1 
ATOM   210  C  CG  . TRP A 1 38  ? 13.289  1.855   -6.703  1.00 39.52 ? 65  TRP A CG  1 
ATOM   211  C  CD1 . TRP A 1 38  ? 14.551  2.182   -7.089  1.00 39.53 ? 65  TRP A CD1 1 
ATOM   212  C  CD2 . TRP A 1 38  ? 13.278  1.913   -5.272  1.00 36.00 ? 65  TRP A CD2 1 
ATOM   213  N  NE1 . TRP A 1 38  ? 15.332  2.433   -5.990  1.00 45.74 ? 65  TRP A NE1 1 
ATOM   214  C  CE2 . TRP A 1 38  ? 14.574  2.277   -4.860  1.00 41.27 ? 65  TRP A CE2 1 
ATOM   215  C  CE3 . TRP A 1 38  ? 12.301  1.687   -4.298  1.00 35.73 ? 65  TRP A CE3 1 
ATOM   216  C  CZ2 . TRP A 1 38  ? 14.921  2.421   -3.518  1.00 37.36 ? 65  TRP A CZ2 1 
ATOM   217  C  CZ3 . TRP A 1 38  ? 12.645  1.833   -2.962  1.00 37.95 ? 65  TRP A CZ3 1 
ATOM   218  C  CH2 . TRP A 1 38  ? 13.945  2.196   -2.586  1.00 36.90 ? 65  TRP A CH2 1 
ATOM   219  N  N   . THR A 1 39  ? 14.378  -1.011  -8.359  1.00 36.51 ? 66  THR A N   1 
ATOM   220  C  CA  . THR A 1 39  ? 15.061  -2.213  -7.896  1.00 40.51 ? 66  THR A CA  1 
ATOM   221  C  C   . THR A 1 39  ? 15.484  -2.143  -6.429  1.00 36.10 ? 66  THR A C   1 
ATOM   222  O  O   . THR A 1 39  ? 16.077  -3.104  -5.927  1.00 35.73 ? 66  THR A O   1 
ATOM   223  C  CB  . THR A 1 39  ? 16.303  -2.478  -8.757  1.00 42.25 ? 66  THR A CB  1 
ATOM   224  O  OG1 . THR A 1 39  ? 17.125  -1.300  -8.782  1.00 43.53 ? 66  THR A OG1 1 
ATOM   225  C  CG2 . THR A 1 39  ? 15.910  -2.858  -10.180 1.00 42.51 ? 66  THR A CG2 1 
ATOM   226  N  N   . GLY A 1 40  ? 15.218  -1.045  -5.735  1.00 33.22 ? 67  GLY A N   1 
ATOM   227  C  CA  . GLY A 1 40  ? 15.597  -0.932  -4.346  1.00 36.97 ? 67  GLY A CA  1 
ATOM   228  C  C   . GLY A 1 40  ? 17.010  -0.447  -4.100  1.00 40.58 ? 67  GLY A C   1 
ATOM   229  O  O   . GLY A 1 40  ? 17.348  -0.145  -2.947  1.00 40.03 ? 67  GLY A O   1 
ATOM   230  N  N   . ASP A 1 41  ? 17.848  -0.380  -5.137  1.00 43.13 ? 68  ASP A N   1 
ATOM   231  C  CA  . ASP A 1 41  ? 19.201  0.184   -5.039  1.00 46.23 ? 68  ASP A CA  1 
ATOM   232  C  C   . ASP A 1 41  ? 20.060  -0.554  -4.013  1.00 45.01 ? 68  ASP A C   1 
ATOM   233  O  O   . ASP A 1 41  ? 20.798  0.058   -3.240  1.00 50.29 ? 68  ASP A O   1 
ATOM   234  C  CB  . ASP A 1 41  ? 19.158  1.680   -4.721  1.00 42.10 ? 68  ASP A CB  1 
ATOM   235  C  CG  . ASP A 1 41  ? 18.529  2.490   -5.832  1.00 49.25 ? 68  ASP A CG  1 
ATOM   236  O  OD1 . ASP A 1 41  ? 18.556  2.024   -6.996  1.00 51.87 ? 68  ASP A OD1 1 
ATOM   237  O  OD2 . ASP A 1 41  ? 18.000  3.585   -5.543  1.00 47.82 ? 68  ASP A OD2 1 
ATOM   238  N  N   . GLY A 1 42  ? 19.972  -1.877  -4.007  1.00 39.57 ? 69  GLY A N   1 
ATOM   239  C  CA  . GLY A 1 42  ? 20.784  -2.692  -3.141  1.00 44.76 ? 69  GLY A CA  1 
ATOM   240  C  C   . GLY A 1 42  ? 20.116  -3.116  -1.849  1.00 42.92 ? 69  GLY A C   1 
ATOM   241  O  O   . GLY A 1 42  ? 20.525  -4.132  -1.267  1.00 42.39 ? 69  GLY A O   1 
ATOM   242  N  N   . ALA A 1 43  ? 19.113  -2.373  -1.379  1.00 39.34 ? 70  ALA A N   1 
ATOM   243  C  CA  . ALA A 1 43  ? 18.381  -2.792  -0.191  1.00 37.79 ? 70  ALA A CA  1 
ATOM   244  C  C   . ALA A 1 43  ? 17.757  -4.171  -0.417  1.00 32.52 ? 70  ALA A C   1 
ATOM   245  O  O   . ALA A 1 43  ? 17.559  -4.618  -1.549  1.00 32.64 ? 70  ALA A O   1 
ATOM   246  C  CB  . ALA A 1 43  ? 17.313  -1.760  0.181   1.00 34.89 ? 70  ALA A CB  1 
ATOM   247  N  N   . LYS A 1 44  ? 17.468  -4.861  0.683   1.00 30.56 ? 71  LYS A N   1 
ATOM   248  C  CA  . LYS A 1 44  ? 17.075  -6.262  0.554   1.00 32.50 ? 71  LYS A CA  1 
ATOM   249  C  C   . LYS A 1 44  ? 15.555  -6.386  0.504   1.00 28.49 ? 71  LYS A C   1 
ATOM   250  O  O   . LYS A 1 44  ? 14.862  -5.777  1.326   1.00 27.46 ? 71  LYS A O   1 
ATOM   251  C  CB  . LYS A 1 44  ? 17.611  -7.102  1.714   1.00 34.39 ? 71  LYS A CB  1 
ATOM   252  C  CG  . LYS A 1 44  ? 19.139  -7.330  1.720   1.00 42.41 ? 71  LYS A CG  1 
ATOM   253  C  CD  . LYS A 1 44  ? 19.903  -6.040  2.018   1.00 46.12 ? 71  LYS A CD  1 
ATOM   254  C  CE  . LYS A 1 44  ? 21.395  -6.149  1.746   1.00 50.45 ? 71  LYS A CE  1 
ATOM   255  N  NZ  . LYS A 1 44  ? 22.008  -4.792  1.889   1.00 51.95 ? 71  LYS A NZ  1 
ATOM   256  N  N   . PRO A 1 45  ? 15.004  -7.165  -0.420  1.00 28.76 ? 72  PRO A N   1 
ATOM   257  C  CA  . PRO A 1 45  ? 13.567  -7.457  -0.362  1.00 23.80 ? 72  PRO A CA  1 
ATOM   258  C  C   . PRO A 1 45  ? 13.261  -8.256  0.895   1.00 27.20 ? 72  PRO A C   1 
ATOM   259  O  O   . PRO A 1 45  ? 14.042  -9.121  1.304   1.00 25.27 ? 72  PRO A O   1 
ATOM   260  C  CB  . PRO A 1 45  ? 13.309  -8.282  -1.630  1.00 27.45 ? 72  PRO A CB  1 
ATOM   261  C  CG  . PRO A 1 45  ? 14.596  -8.230  -2.437  1.00 29.70 ? 72  PRO A CG  1 
ATOM   262  C  CD  . PRO A 1 45  ? 15.694  -7.950  -1.455  1.00 30.30 ? 72  PRO A CD  1 
ATOM   263  N  N   . LEU A 1 46  ? 12.128  -7.953  1.527   1.00 20.11 ? 73  LEU A N   1 
ATOM   264  C  CA  . LEU A 1 46  ? 11.747  -8.620  2.769   1.00 22.51 ? 73  LEU A CA  1 
ATOM   265  C  C   . LEU A 1 46  ? 10.652  -9.634  2.471   1.00 22.23 ? 73  LEU A C   1 
ATOM   266  O  O   . LEU A 1 46  ? 9.575   -9.267  1.993   1.00 18.50 ? 73  LEU A O   1 
ATOM   267  C  CB  . LEU A 1 46  ? 11.292  -7.611  3.822   1.00 21.00 ? 73  LEU A CB  1 
ATOM   268  C  CG  . LEU A 1 46  ? 12.411  -6.720  4.372   1.00 22.63 ? 73  LEU A CG  1 
ATOM   269  C  CD1 . LEU A 1 46  ? 11.846  -5.717  5.353   1.00 22.95 ? 73  LEU A CD1 1 
ATOM   270  C  CD2 . LEU A 1 46  ? 13.487  -7.560  5.042   1.00 20.68 ? 73  LEU A CD2 1 
ATOM   271  N  N   . GLN A 1 47  ? 10.937  -10.906 2.746   1.00 22.14 ? 74  GLN A N   1 
ATOM   272  C  CA  . GLN A 1 47  ? 10.054  -12.018 2.420   1.00 22.05 ? 74  GLN A CA  1 
ATOM   273  C  C   . GLN A 1 47  ? 9.135   -12.331 3.590   1.00 22.71 ? 74  GLN A C   1 
ATOM   274  O  O   . GLN A 1 47  ? 9.499   -12.139 4.757   1.00 20.73 ? 74  GLN A O   1 
ATOM   275  C  CB  . GLN A 1 47  ? 10.873  -13.268 2.107   1.00 29.02 ? 74  GLN A CB  1 
ATOM   276  C  CG  . GLN A 1 47  ? 12.085  -13.003 1.252   1.00 34.48 ? 74  GLN A CG  1 
ATOM   277  C  CD  . GLN A 1 47  ? 12.919  -14.259 1.006   1.00 42.59 ? 74  GLN A CD  1 
ATOM   278  O  OE1 . GLN A 1 47  ? 14.029  -14.177 0.474   1.00 42.25 ? 74  GLN A OE1 1 
ATOM   279  N  NE2 . GLN A 1 47  ? 12.384  -15.425 1.386   1.00 35.69 ? 74  GLN A NE2 1 
ATOM   280  N  N   . GLY A 1 48  ? 7.952   -12.853 3.273   1.00 18.35 ? 75  GLY A N   1 
ATOM   281  C  CA  . GLY A 1 48  ? 7.064   -13.320 4.321   1.00 17.37 ? 75  GLY A CA  1 
ATOM   282  C  C   . GLY A 1 48  ? 6.384   -12.224 5.114   1.00 21.55 ? 75  GLY A C   1 
ATOM   283  O  O   . GLY A 1 48  ? 5.969   -12.460 6.256   1.00 22.70 ? 75  GLY A O   1 
ATOM   284  N  N   . VAL A 1 49  ? 6.240   -11.033 4.544   1.00 17.24 ? 76  VAL A N   1 
ATOM   285  C  CA  . VAL A 1 49  ? 5.519   -9.949  5.201   1.00 18.44 ? 76  VAL A CA  1 
ATOM   286  C  C   . VAL A 1 49  ? 4.054   -10.019 4.780   1.00 17.78 ? 76  VAL A C   1 
ATOM   287  O  O   . VAL A 1 49  ? 3.751   -10.011 3.581   1.00 16.72 ? 76  VAL A O   1 
ATOM   288  C  CB  . VAL A 1 49  ? 6.137   -8.586  4.857   1.00 17.77 ? 76  VAL A CB  1 
ATOM   289  C  CG1 . VAL A 1 49  ? 5.383   -7.471  5.565   1.00 15.40 ? 76  VAL A CG1 1 
ATOM   290  C  CG2 . VAL A 1 49  ? 7.634   -8.569  5.243   1.00 19.04 ? 76  VAL A CG2 1 
ATOM   291  N  N   . ASP A 1 50  ? 3.148   -10.094 5.766   1.00 16.19 ? 77  ASP A N   1 
ATOM   292  C  CA  . ASP A 1 50  ? 1.709   -10.199 5.523   1.00 18.03 ? 77  ASP A CA  1 
ATOM   293  C  C   . ASP A 1 50  ? 1.089   -8.813  5.467   1.00 18.95 ? 77  ASP A C   1 
ATOM   294  O  O   . ASP A 1 50  ? 1.287   -8.007  6.384   1.00 15.70 ? 77  ASP A O   1 
ATOM   295  C  CB  . ASP A 1 50  ? 1.001   -10.999 6.621   1.00 17.61 ? 77  ASP A CB  1 
ATOM   296  C  CG  . ASP A 1 50  ? 1.443   -12.455 6.681   1.00 21.83 ? 77  ASP A CG  1 
ATOM   297  O  OD1 . ASP A 1 50  ? 1.924   -12.996 5.662   1.00 21.74 ? 77  ASP A OD1 1 
ATOM   298  O  OD2 . ASP A 1 50  ? 1.283   -13.062 7.761   1.00 21.06 ? 77  ASP A OD2 1 
ATOM   299  N  N   . PHE A 1 51  ? 0.298   -8.561  4.422   1.00 13.94 ? 78  PHE A N   1 
ATOM   300  C  CA  . PHE A 1 51  ? -0.445  -7.313  4.274   1.00 15.88 ? 78  PHE A CA  1 
ATOM   301  C  C   . PHE A 1 51  ? -1.931  -7.596  4.155   1.00 17.96 ? 78  PHE A C   1 
ATOM   302  O  O   . PHE A 1 51  ? -2.349  -8.518  3.438   1.00 14.55 ? 78  PHE A O   1 
ATOM   303  C  CB  . PHE A 1 51  ? -0.017  -6.522  3.037   1.00 15.28 ? 78  PHE A CB  1 
ATOM   304  C  CG  . PHE A 1 51  ? 1.296   -5.826  3.181   1.00 14.47 ? 78  PHE A CG  1 
ATOM   305  C  CD1 . PHE A 1 51  ? 1.353   -4.510  3.630   1.00 16.36 ? 78  PHE A CD1 1 
ATOM   306  C  CD2 . PHE A 1 51  ? 2.482   -6.482  2.853   1.00 17.31 ? 78  PHE A CD2 1 
ATOM   307  C  CE1 . PHE A 1 51  ? 2.568   -3.858  3.756   1.00 16.26 ? 78  PHE A CE1 1 
ATOM   308  C  CE2 . PHE A 1 51  ? 3.708   -5.838  2.983   1.00 17.70 ? 78  PHE A CE2 1 
ATOM   309  C  CZ  . PHE A 1 51  ? 3.753   -4.520  3.433   1.00 16.37 ? 78  PHE A CZ  1 
ATOM   310  N  N   . THR A 1 52  ? -2.728  -6.797  4.849   1.00 13.78 ? 79  THR A N   1 
ATOM   311  C  CA  . THR A 1 52  ? -4.157  -6.736  4.593   1.00 20.42 ? 79  THR A CA  1 
ATOM   312  C  C   . THR A 1 52  ? -4.439  -5.464  3.808   1.00 18.13 ? 79  THR A C   1 
ATOM   313  O  O   . THR A 1 52  ? -3.913  -4.397  4.142   1.00 18.20 ? 79  THR A O   1 
ATOM   314  C  CB  . THR A 1 52  ? -4.963  -6.765  5.894   1.00 20.81 ? 79  THR A CB  1 
ATOM   315  O  OG1 . THR A 1 52  ? -4.698  -7.995  6.585   1.00 20.98 ? 79  THR A OG1 1 
ATOM   316  C  CG2 . THR A 1 52  ? -6.463  -6.670  5.592   1.00 17.45 ? 79  THR A CG2 1 
ATOM   317  N  N   . ILE A 1 53  ? -5.228  -5.584  2.746   1.00 17.76 ? 80  ILE A N   1 
ATOM   318  C  CA  . ILE A 1 53  ? -5.600  -4.452  1.909   1.00 16.30 ? 80  ILE A CA  1 
ATOM   319  C  C   . ILE A 1 53  ? -7.066  -4.147  2.199   1.00 20.85 ? 80  ILE A C   1 
ATOM   320  O  O   . ILE A 1 53  ? -7.955  -4.939  1.850   1.00 18.46 ? 80  ILE A O   1 
ATOM   321  C  CB  . ILE A 1 53  ? -5.364  -4.743  0.419   1.00 16.95 ? 80  ILE A CB  1 
ATOM   322  C  CG1 . ILE A 1 53  ? -3.899  -5.118  0.169   1.00 18.77 ? 80  ILE A CG1 1 
ATOM   323  C  CG2 . ILE A 1 53  ? -5.702  -3.527  -0.450  1.00 15.60 ? 80  ILE A CG2 1 
ATOM   324  C  CD1 . ILE A 1 53  ? -3.668  -5.701  -1.238  1.00 17.47 ? 80  ILE A CD1 1 
ATOM   325  N  N   . TYR A 1 54  ? -7.327  -3.010  2.854   1.00 16.76 ? 81  TYR A N   1 
ATOM   326  C  CA  . TYR A 1 54  ? -8.696  -2.598  3.154   1.00 19.11 ? 81  TYR A CA  1 
ATOM   327  C  C   . TYR A 1 54  ? -9.241  -1.690  2.063   1.00 19.53 ? 81  TYR A C   1 
ATOM   328  O  O   . TYR A 1 54  ? -8.529  -0.819  1.553   1.00 18.29 ? 81  TYR A O   1 
ATOM   329  C  CB  . TYR A 1 54  ? -8.784  -1.862  4.494   1.00 17.07 ? 81  TYR A CB  1 
ATOM   330  C  CG  . TYR A 1 54  ? -8.482  -2.718  5.705   1.00 20.38 ? 81  TYR A CG  1 
ATOM   331  C  CD1 . TYR A 1 54  ? -7.178  -2.875  6.155   1.00 18.64 ? 81  TYR A CD1 1 
ATOM   332  C  CD2 . TYR A 1 54  ? -9.507  -3.366  6.398   1.00 20.80 ? 81  TYR A CD2 1 
ATOM   333  C  CE1 . TYR A 1 54  ? -6.888  -3.654  7.268   1.00 20.10 ? 81  TYR A CE1 1 
ATOM   334  C  CE2 . TYR A 1 54  ? -9.229  -4.157  7.508   1.00 23.13 ? 81  TYR A CE2 1 
ATOM   335  C  CZ  . TYR A 1 54  ? -7.916  -4.293  7.938   1.00 23.90 ? 81  TYR A CZ  1 
ATOM   336  O  OH  . TYR A 1 54  ? -7.626  -5.063  9.041   1.00 23.75 ? 81  TYR A OH  1 
ATOM   337  N  N   . ASN A 1 55  ? -10.522 -1.880  1.735   1.00 16.89 ? 82  ASN A N   1 
ATOM   338  C  CA  . ASN A 1 55  ? -11.252 -0.990  0.834   1.00 19.27 ? 82  ASN A CA  1 
ATOM   339  C  C   . ASN A 1 55  ? -11.780 0.155   1.688   1.00 17.21 ? 82  ASN A C   1 
ATOM   340  O  O   . ASN A 1 55  ? -12.807 0.016   2.356   1.00 16.41 ? 82  ASN A O   1 
ATOM   341  C  CB  . ASN A 1 55  ? -12.383 -1.743  0.138   1.00 19.64 ? 82  ASN A CB  1 
ATOM   342  C  CG  . ASN A 1 55  ? -13.227 -0.849  -0.754  1.00 22.57 ? 82  ASN A CG  1 
ATOM   343  O  OD1 . ASN A 1 55  ? -12.947 0.343   -0.927  1.00 18.54 ? 82  ASN A OD1 1 
ATOM   344  N  ND2 . ASN A 1 55  ? -14.272 -1.423  -1.329  1.00 21.80 ? 82  ASN A ND2 1 
ATOM   345  N  N   . VAL A 1 56  ? -11.071 1.282   1.684   1.00 14.84 ? 83  VAL A N   1 
ATOM   346  C  CA  . VAL A 1 56  ? -11.449 2.439   2.498   1.00 17.06 ? 83  VAL A CA  1 
ATOM   347  C  C   . VAL A 1 56  ? -12.171 3.503   1.664   1.00 20.63 ? 83  VAL A C   1 
ATOM   348  O  O   . VAL A 1 56  ? -12.195 4.671   2.046   1.00 19.36 ? 83  VAL A O   1 
ATOM   349  C  CB  . VAL A 1 56  ? -10.237 3.035   3.245   1.00 17.96 ? 83  VAL A CB  1 
ATOM   350  C  CG1 . VAL A 1 56  ? -9.636  2.011   4.195   1.00 18.80 ? 83  VAL A CG1 1 
ATOM   351  C  CG2 . VAL A 1 56  ? -9.164  3.521   2.280   1.00 16.79 ? 83  VAL A CG2 1 
ATOM   352  N  N   . THR A 1 57  ? -12.778 3.108   0.535   1.00 16.09 ? 84  THR A N   1 
ATOM   353  C  CA  . THR A 1 57  ? -13.493 4.069   -0.309  1.00 19.41 ? 84  THR A CA  1 
ATOM   354  C  C   . THR A 1 57  ? -14.557 4.830   0.478   1.00 19.05 ? 84  THR A C   1 
ATOM   355  O  O   . THR A 1 57  ? -14.683 6.054   0.347   1.00 18.64 ? 84  THR A O   1 
ATOM   356  C  CB  . THR A 1 57  ? -14.131 3.350   -1.493  1.00 20.08 ? 84  THR A CB  1 
ATOM   357  O  OG1 . THR A 1 57  ? -13.121 2.657   -2.237  1.00 20.06 ? 84  THR A OG1 1 
ATOM   358  C  CG2 . THR A 1 57  ? -14.859 4.342   -2.426  1.00 19.03 ? 84  THR A CG2 1 
ATOM   359  N  N   . ALA A 1 58  ? -15.325 4.125   1.312   1.00 21.62 ? 85  ALA A N   1 
ATOM   360  C  CA  . ALA A 1 58  ? -16.370 4.784   2.092   1.00 22.90 ? 85  ALA A CA  1 
ATOM   361  C  C   . ALA A 1 58  ? -15.775 5.753   3.106   1.00 23.37 ? 85  ALA A C   1 
ATOM   362  O  O   . ALA A 1 58  ? -16.201 6.907   3.186   1.00 22.22 ? 85  ALA A O   1 
ATOM   363  C  CB  . ALA A 1 58  ? -17.242 3.744   2.791   1.00 22.02 ? 85  ALA A CB  1 
ATOM   364  N  N   . ASN A 1 59  ? -14.794 5.296   3.900   1.00 21.43 ? 86  ASN A N   1 
ATOM   365  C  CA  . ASN A 1 59  ? -14.158 6.169   4.888   1.00 20.88 ? 86  ASN A CA  1 
ATOM   366  C  C   . ASN A 1 59  ? -13.535 7.395   4.230   1.00 24.16 ? 86  ASN A C   1 
ATOM   367  O  O   . ASN A 1 59  ? -13.583 8.506   4.780   1.00 24.20 ? 86  ASN A O   1 
ATOM   368  C  CB  . ASN A 1 59  ? -13.087 5.400   5.666   1.00 23.77 ? 86  ASN A CB  1 
ATOM   369  C  CG  . ASN A 1 59  ? -13.678 4.452   6.695   1.00 29.52 ? 86  ASN A CG  1 
ATOM   370  O  OD1 . ASN A 1 59  ? -14.901 4.320   6.802   1.00 40.73 ? 86  ASN A OD1 1 
ATOM   371  N  ND2 . ASN A 1 59  ? -12.821 3.802   7.465   1.00 25.24 ? 86  ASN A ND2 1 
ATOM   372  N  N   . TYR A 1 60  ? -12.931 7.208   3.057   1.00 20.39 ? 87  TYR A N   1 
ATOM   373  C  CA  . TYR A 1 60  ? -12.330 8.323   2.339   1.00 20.80 ? 87  TYR A CA  1 
ATOM   374  C  C   . TYR A 1 60  ? -13.394 9.308   1.871   1.00 20.70 ? 87  TYR A C   1 
ATOM   375  O  O   . TYR A 1 60  ? -13.318 10.509  2.158   1.00 21.51 ? 87  TYR A O   1 
ATOM   376  C  CB  . TYR A 1 60  ? -11.532 7.793   1.155   1.00 18.63 ? 87  TYR A CB  1 
ATOM   377  C  CG  . TYR A 1 60  ? -10.888 8.863   0.313   1.00 18.85 ? 87  TYR A CG  1 
ATOM   378  C  CD1 . TYR A 1 60  ? -9.624  9.347   0.625   1.00 20.34 ? 87  TYR A CD1 1 
ATOM   379  C  CD2 . TYR A 1 60  ? -11.531 9.373   -0.802  1.00 18.11 ? 87  TYR A CD2 1 
ATOM   380  C  CE1 . TYR A 1 60  ? -9.024  10.318  -0.147  1.00 22.98 ? 87  TYR A CE1 1 
ATOM   381  C  CE2 . TYR A 1 60  ? -10.940 10.336  -1.586  1.00 19.34 ? 87  TYR A CE2 1 
ATOM   382  C  CZ  . TYR A 1 60  ? -9.687  10.807  -1.254  1.00 23.53 ? 87  TYR A CZ  1 
ATOM   383  O  OH  . TYR A 1 60  ? -9.098  11.780  -2.028  1.00 24.95 ? 87  TYR A OH  1 
ATOM   384  N  N   . TRP A 1 61  ? -14.397 8.812   1.152   1.00 19.91 ? 88  TRP A N   1 
ATOM   385  C  CA  . TRP A 1 61  ? -15.388 9.685   0.543   1.00 21.73 ? 88  TRP A CA  1 
ATOM   386  C  C   . TRP A 1 61  ? -16.341 10.297  1.561   1.00 24.31 ? 88  TRP A C   1 
ATOM   387  O  O   . TRP A 1 61  ? -17.040 11.254  1.223   1.00 22.28 ? 88  TRP A O   1 
ATOM   388  C  CB  . TRP A 1 61  ? -16.139 8.920   -0.551  1.00 19.48 ? 88  TRP A CB  1 
ATOM   389  C  CG  . TRP A 1 61  ? -15.327 8.924   -1.791  1.00 19.72 ? 88  TRP A CG  1 
ATOM   390  C  CD1 . TRP A 1 61  ? -14.540 7.919   -2.260  1.00 16.69 ? 88  TRP A CD1 1 
ATOM   391  C  CD2 . TRP A 1 61  ? -15.137 10.033  -2.677  1.00 21.73 ? 88  TRP A CD2 1 
ATOM   392  N  NE1 . TRP A 1 61  ? -13.900 8.318   -3.411  1.00 19.20 ? 88  TRP A NE1 1 
ATOM   393  C  CE2 . TRP A 1 61  ? -14.251 9.614   -3.687  1.00 21.17 ? 88  TRP A CE2 1 
ATOM   394  C  CE3 . TRP A 1 61  ? -15.654 11.334  -2.727  1.00 20.94 ? 88  TRP A CE3 1 
ATOM   395  C  CZ2 . TRP A 1 61  ? -13.872 10.445  -4.741  1.00 19.46 ? 88  TRP A CZ2 1 
ATOM   396  C  CZ3 . TRP A 1 61  ? -15.278 12.157  -3.773  1.00 22.17 ? 88  TRP A CZ3 1 
ATOM   397  C  CH2 . TRP A 1 61  ? -14.393 11.714  -4.764  1.00 19.75 ? 88  TRP A CH2 1 
ATOM   398  N  N   . ALA A 1 62  ? -16.312 9.855   2.794   1.00 23.90 ? 89  ALA A N   1 
ATOM   399  C  CA  . ALA A 1 62  ? -17.065 10.523  3.821   1.00 25.42 ? 89  ALA A CA  1 
ATOM   400  C  C   . ALA A 1 62  ? -16.553 11.957  3.936   1.00 29.82 ? 89  ALA A C   1 
ATOM   401  O  O   . ALA A 1 62  ? -17.304 12.829  4.141   1.00 32.91 ? 89  ALA A O   1 
ATOM   402  C  CB  . ALA A 1 62  ? -16.926 9.802   5.132   1.00 25.71 ? 89  ALA A CB  1 
ATOM   403  N  N   . SER A 1 63  ? -15.250 12.155  3.846   1.00 27.35 ? 90  SER A N   1 
ATOM   404  C  CA  . SER A 1 63  ? -14.647 13.460  3.672   1.00 26.64 ? 90  SER A CA  1 
ATOM   405  C  C   . SER A 1 63  ? -13.210 13.394  3.144   1.00 21.99 ? 90  SER A C   1 
ATOM   406  O  O   . SER A 1 63  ? -12.298 13.271  3.875   1.00 24.07 ? 90  SER A O   1 
ATOM   407  C  CB  . SER A 1 63  ? -14.719 14.228  4.986   1.00 25.89 ? 90  SER A CB  1 
ATOM   408  O  OG  . SER A 1 63  ? -14.287 15.530  4.810   1.00 28.77 ? 90  SER A OG  1 
ATOM   409  N  N   . PRO A 1 64  ? -13.029 13.483  1.860   1.00 21.64 ? 91  PRO A N   1 
ATOM   410  C  CA  . PRO A 1 64  ? -11.658 13.332  1.347   1.00 23.28 ? 91  PRO A CA  1 
ATOM   411  C  C   . PRO A 1 64  ? -10.655 14.268  2.004   1.00 23.93 ? 91  PRO A C   1 
ATOM   412  O  O   . PRO A 1 64  ? -9.557  13.838  2.386   1.00 20.90 ? 91  PRO A O   1 
ATOM   413  C  CB  . PRO A 1 64  ? -11.831 13.617  -0.152  1.00 20.35 ? 91  PRO A CB  1 
ATOM   414  C  CG  . PRO A 1 64  ? -13.231 13.167  -0.444  1.00 23.86 ? 91  PRO A CG  1 
ATOM   415  C  CD  . PRO A 1 64  ? -14.026 13.552  0.779   1.00 20.51 ? 91  PRO A CD  1 
ATOM   416  N  N   . LYS A 1 65  ? -11.034 15.531  2.199   1.00 21.61 ? 92  LYS A N   1 
ATOM   417  C  CA  . LYS A 1 65  ? -10.117 16.516  2.753   1.00 22.36 ? 92  LYS A CA  1 
ATOM   418  C  C   . LYS A 1 65  ? -9.671  16.166  4.163   1.00 22.31 ? 92  LYS A C   1 
ATOM   419  O  O   . LYS A 1 65  ? -8.648  16.685  4.620   1.00 20.72 ? 92  LYS A O   1 
ATOM   420  C  CB  . LYS A 1 65  ? -10.779 17.910  2.740   1.00 26.06 ? 92  LYS A CB  1 
ATOM   421  C  CG  . LYS A 1 65  ? -12.023 18.012  3.617   1.00 25.32 ? 92  LYS A CG  1 
ATOM   422  C  CD  . LYS A 1 65  ? -12.832 19.271  3.318   1.00 31.69 ? 92  LYS A CD  1 
ATOM   423  C  CE  . LYS A 1 65  ? -14.042 19.368  4.238   1.00 33.54 ? 92  LYS A CE  1 
ATOM   424  N  NZ  . LYS A 1 65  ? -13.625 19.328  5.682   1.00 34.12 ? 92  LYS A NZ  1 
ATOM   425  N  N   . ASP A 1 66  ? -10.410 15.307  4.869   1.00 22.78 ? 93  ASP A N   1 
ATOM   426  C  CA  . ASP A 1 66  ? -10.050 14.918  6.231   1.00 25.48 ? 93  ASP A CA  1 
ATOM   427  C  C   . ASP A 1 66  ? -9.455  13.519  6.334   1.00 23.63 ? 93  ASP A C   1 
ATOM   428  O  O   . ASP A 1 66  ? -9.065  13.113  7.431   1.00 25.18 ? 93  ASP A O   1 
ATOM   429  C  CB  . ASP A 1 66  ? -11.272 14.999  7.152   1.00 24.90 ? 93  ASP A CB  1 
ATOM   430  C  CG  . ASP A 1 66  ? -11.795 16.405  7.285   1.00 28.24 ? 93  ASP A CG  1 
ATOM   431  O  OD1 . ASP A 1 66  ? -10.958 17.306  7.467   1.00 27.46 ? 93  ASP A OD1 1 
ATOM   432  O  OD2 . ASP A 1 66  ? -13.025 16.606  7.175   1.00 33.40 ? 93  ASP A OD2 1 
ATOM   433  N  N   . TYR A 1 67  ? -9.380  12.771  5.240   1.00 23.90 ? 94  TYR A N   1 
ATOM   434  C  CA  . TYR A 1 67  ? -8.944  11.383  5.338   1.00 23.27 ? 94  TYR A CA  1 
ATOM   435  C  C   . TYR A 1 67  ? -7.474  11.300  5.755   1.00 23.41 ? 94  TYR A C   1 
ATOM   436  O  O   . TYR A 1 67  ? -6.602  11.904  5.120   1.00 23.87 ? 94  TYR A O   1 
ATOM   437  C  CB  . TYR A 1 67  ? -9.145  10.643  4.017   1.00 19.22 ? 94  TYR A CB  1 
ATOM   438  C  CG  . TYR A 1 67  ? -8.850  9.179   4.204   1.00 19.37 ? 94  TYR A CG  1 
ATOM   439  C  CD1 . TYR A 1 67  ? -9.703  8.390   4.957   1.00 21.41 ? 94  TYR A CD1 1 
ATOM   440  C  CD2 . TYR A 1 67  ? -7.690  8.601   3.698   1.00 19.88 ? 94  TYR A CD2 1 
ATOM   441  C  CE1 . TYR A 1 67  ? -9.436  7.057   5.179   1.00 22.59 ? 94  TYR A CE1 1 
ATOM   442  C  CE2 . TYR A 1 67  ? -7.416  7.255   3.905   1.00 19.10 ? 94  TYR A CE2 1 
ATOM   443  C  CZ  . TYR A 1 67  ? -8.295  6.492   4.651   1.00 20.39 ? 94  TYR A CZ  1 
ATOM   444  O  OH  . TYR A 1 67  ? -8.049  5.158   4.885   1.00 18.78 ? 94  TYR A OH  1 
ATOM   445  N  N   . LYS A 1 68  ? -7.199  10.534  6.818   1.00 22.35 ? 95  LYS A N   1 
ATOM   446  C  CA  . LYS A 1 68  ? -5.832  10.376  7.317   1.00 25.04 ? 95  LYS A CA  1 
ATOM   447  C  C   . LYS A 1 68  ? -5.435  8.912   7.475   1.00 25.64 ? 95  LYS A C   1 
ATOM   448  O  O   . LYS A 1 68  ? -4.489  8.604   8.210   1.00 26.39 ? 95  LYS A O   1 
ATOM   449  C  CB  . LYS A 1 68  ? -5.647  11.120  8.649   1.00 26.80 ? 95  LYS A CB  1 
ATOM   450  C  CG  . LYS A 1 68  ? -6.019  12.599  8.564   1.00 33.45 ? 95  LYS A CG  1 
ATOM   451  C  CD  . LYS A 1 68  ? -5.736  13.355  9.867   1.00 37.63 ? 95  LYS A CD  1 
ATOM   452  C  CE  . LYS A 1 68  ? -6.338  14.771  9.822   1.00 45.99 ? 95  LYS A CE  1 
ATOM   453  N  NZ  . LYS A 1 68  ? -6.043  15.493  8.544   1.00 45.14 ? 95  LYS A NZ  1 
ATOM   454  N  N   . GLY A 1 69  ? -6.113  7.996   6.789   1.00 23.95 ? 96  GLY A N   1 
ATOM   455  C  CA  . GLY A 1 69  ? -5.725  6.606   6.817   1.00 20.36 ? 96  GLY A CA  1 
ATOM   456  C  C   . GLY A 1 69  ? -6.544  5.708   7.715   1.00 23.05 ? 96  GLY A C   1 
ATOM   457  O  O   . GLY A 1 69  ? -6.134  4.566   7.954   1.00 23.51 ? 96  GLY A O   1 
ATOM   458  N  N   . SER A 1 70  ? -7.684  6.173   8.216   1.00 17.43 ? 97  SER A N   1 
ATOM   459  C  CA  . SER A 1 70  ? -8.536  5.298   9.009   1.00 21.86 ? 97  SER A CA  1 
ATOM   460  C  C   . SER A 1 70  ? -9.068  4.150   8.155   1.00 23.77 ? 97  SER A C   1 
ATOM   461  O  O   . SER A 1 70  ? -9.505  4.350   7.016   1.00 21.40 ? 97  SER A O   1 
ATOM   462  C  CB  . SER A 1 70  ? -9.707  6.086   9.589   1.00 25.76 ? 97  SER A CB  1 
ATOM   463  O  OG  . SER A 1 70  ? -10.605 5.215   10.253  1.00 27.06 ? 97  SER A OG  1 
ATOM   464  N  N   . PHE A 1 71  ? -9.036  2.934   8.710   1.00 21.72 ? 98  PHE A N   1 
ATOM   465  C  CA  . PHE A 1 71  ? -9.724  1.809   8.083   1.00 23.46 ? 98  PHE A CA  1 
ATOM   466  C  C   . PHE A 1 71  ? -10.731 1.169   9.029   1.00 26.56 ? 98  PHE A C   1 
ATOM   467  O  O   . PHE A 1 71  ? -11.094 -0.004  8.856   1.00 24.70 ? 98  PHE A O   1 
ATOM   468  C  CB  . PHE A 1 71  ? -8.746  0.768   7.521   1.00 23.91 ? 98  PHE A CB  1 
ATOM   469  C  CG  . PHE A 1 71  ? -7.680  0.285   8.486   1.00 23.37 ? 98  PHE A CG  1 
ATOM   470  C  CD1 . PHE A 1 71  ? -6.585  1.078   8.804   1.00 22.79 ? 98  PHE A CD1 1 
ATOM   471  C  CD2 . PHE A 1 71  ? -7.735  -1.003  9.001   1.00 23.37 ? 98  PHE A CD2 1 
ATOM   472  C  CE1 . PHE A 1 71  ? -5.589  0.602   9.653   1.00 25.68 ? 98  PHE A CE1 1 
ATOM   473  C  CE2 . PHE A 1 71  ? -6.740  -1.490  9.844   1.00 24.45 ? 98  PHE A CE2 1 
ATOM   474  C  CZ  . PHE A 1 71  ? -5.666  -0.688  10.167  1.00 25.08 ? 98  PHE A CZ  1 
ATOM   475  N  N   . ASP A 1 72  ? -11.222 1.945   9.999   1.00 26.04 ? 99  ASP A N   1 
ATOM   476  C  CA  . ASP A 1 72  ? -12.263 1.478   10.900  1.00 27.06 ? 99  ASP A CA  1 
ATOM   477  C  C   . ASP A 1 72  ? -13.495 1.031   10.123  1.00 29.87 ? 99  ASP A C   1 
ATOM   478  O  O   . ASP A 1 72  ? -13.992 1.752   9.255   1.00 28.66 ? 99  ASP A O   1 
ATOM   479  C  CB  . ASP A 1 72  ? -12.637 2.583   11.877  1.00 30.86 ? 99  ASP A CB  1 
ATOM   480  C  CG  . ASP A 1 72  ? -13.578 2.100   12.945  1.00 36.79 ? 99  ASP A CG  1 
ATOM   481  O  OD1 . ASP A 1 72  ? -14.800 2.056   12.697  1.00 44.97 ? 99  ASP A OD1 1 
ATOM   482  O  OD2 . ASP A 1 72  ? -13.095 1.756   14.041  1.00 51.60 ? 99  ASP A OD2 1 
ATOM   483  N  N   . SER A 1 73  ? -13.977 -0.172  10.443  1.00 29.43 ? 100 SER A N   1 
ATOM   484  C  CA  . SER A 1 73  ? -15.139 -0.808  9.819   1.00 29.16 ? 100 SER A CA  1 
ATOM   485  C  C   . SER A 1 73  ? -15.005 -0.958  8.301   1.00 27.01 ? 100 SER A C   1 
ATOM   486  O  O   . SER A 1 73  ? -15.987 -1.253  7.615   1.00 28.54 ? 100 SER A O   1 
ATOM   487  C  CB  . SER A 1 73  ? -16.433 -0.065  10.172  1.00 31.16 ? 100 SER A CB  1 
ATOM   488  O  OG  . SER A 1 73  ? -16.535 1.156   9.465   1.00 38.98 ? 100 SER A OG  1 
ATOM   489  N  N   . ALA A 1 74  ? -13.812 -0.785  7.754   1.00 25.60 ? 101 ALA A N   1 
ATOM   490  C  CA  . ALA A 1 74  ? -13.608 -0.963  6.320   1.00 24.40 ? 101 ALA A CA  1 
ATOM   491  C  C   . ALA A 1 74  ? -13.594 -2.450  5.967   1.00 23.70 ? 101 ALA A C   1 
ATOM   492  O  O   . ALA A 1 74  ? -13.025 -3.255  6.708   1.00 26.69 ? 101 ALA A O   1 
ATOM   493  C  CB  . ALA A 1 74  ? -12.296 -0.314  5.880   1.00 22.86 ? 101 ALA A CB  1 
ATOM   494  N  N   . PRO A 1 75  ? -14.225 -2.850  4.861   1.00 23.97 ? 102 PRO A N   1 
ATOM   495  C  CA  . PRO A 1 75  ? -14.145 -4.255  4.447   1.00 23.25 ? 102 PRO A CA  1 
ATOM   496  C  C   . PRO A 1 75  ? -12.768 -4.583  3.893   1.00 23.60 ? 102 PRO A C   1 
ATOM   497  O  O   . PRO A 1 75  ? -12.046 -3.714  3.389   1.00 20.24 ? 102 PRO A O   1 
ATOM   498  C  CB  . PRO A 1 75  ? -15.231 -4.376  3.366   1.00 26.06 ? 102 PRO A CB  1 
ATOM   499  C  CG  . PRO A 1 75  ? -15.368 -3.022  2.820   1.00 25.14 ? 102 PRO A CG  1 
ATOM   500  C  CD  . PRO A 1 75  ? -15.102 -2.065  3.970   1.00 22.21 ? 102 PRO A CD  1 
ATOM   501  N  N   . VAL A 1 76  ? -12.396 -5.853  4.024   1.00 19.24 ? 103 VAL A N   1 
ATOM   502  C  CA  . VAL A 1 76  ? -11.118 -6.333  3.523   1.00 19.71 ? 103 VAL A CA  1 
ATOM   503  C  C   . VAL A 1 76  ? -11.246 -6.553  2.022   1.00 21.54 ? 103 VAL A C   1 
ATOM   504  O  O   . VAL A 1 76  ? -12.144 -7.268  1.566   1.00 22.33 ? 103 VAL A O   1 
ATOM   505  C  CB  . VAL A 1 76  ? -10.699 -7.624  4.243   1.00 22.29 ? 103 VAL A CB  1 
ATOM   506  C  CG1 . VAL A 1 76  ? -9.431  -8.196  3.624   1.00 15.38 ? 103 VAL A CG1 1 
ATOM   507  C  CG2 . VAL A 1 76  ? -10.507 -7.332  5.724   1.00 24.80 ? 103 VAL A CG2 1 
ATOM   508  N  N   . ALA A 1 77  ? -10.371 -5.914  1.247   1.00 18.02 ? 104 ALA A N   1 
ATOM   509  C  CA  . ALA A 1 77  ? -10.358 -6.173  -0.185  1.00 20.19 ? 104 ALA A CA  1 
ATOM   510  C  C   . ALA A 1 77  ? -9.550  -7.420  -0.505  1.00 23.01 ? 104 ALA A C   1 
ATOM   511  O  O   . ALA A 1 77  ? -9.939  -8.205  -1.376  1.00 18.37 ? 104 ALA A O   1 
ATOM   512  C  CB  . ALA A 1 77  ? -9.799  -4.970  -0.943  1.00 17.86 ? 104 ALA A CB  1 
ATOM   513  N  N   . ALA A 1 78  ? -8.440  -7.628  0.206   1.00 19.52 ? 105 ALA A N   1 
ATOM   514  C  CA  . ALA A 1 78  ? -7.558  -8.750  -0.077  1.00 19.33 ? 105 ALA A CA  1 
ATOM   515  C  C   . ALA A 1 78  ? -6.509  -8.850  1.022   1.00 21.60 ? 105 ALA A C   1 
ATOM   516  O  O   . ALA A 1 78  ? -6.291  -7.906  1.788   1.00 17.43 ? 105 ALA A O   1 
ATOM   517  C  CB  . ALA A 1 78  ? -6.882  -8.595  -1.440  1.00 18.95 ? 105 ALA A CB  1 
ATOM   518  N  N   . THR A 1 79  ? -5.880  -10.018 1.099   1.00 18.60 ? 106 THR A N   1 
ATOM   519  C  CA  . THR A 1 79  ? -4.674  -10.221 1.887   1.00 17.10 ? 106 THR A CA  1 
ATOM   520  C  C   . THR A 1 79  ? -3.572  -10.755 0.987   1.00 19.63 ? 106 THR A C   1 
ATOM   521  O  O   . THR A 1 79  ? -3.821  -11.317 -0.085  1.00 15.53 ? 106 THR A O   1 
ATOM   522  C  CB  . THR A 1 79  ? -4.893  -11.215 3.023   1.00 19.78 ? 106 THR A CB  1 
ATOM   523  O  OG1 . THR A 1 79  ? -5.439  -12.432 2.481   1.00 20.18 ? 106 THR A OG1 1 
ATOM   524  C  CG2 . THR A 1 79  ? -5.815  -10.632 4.079   1.00 17.06 ? 106 THR A CG2 1 
ATOM   525  N  N   . GLY A 1 80  ? -2.338  -10.590 1.443   1.00 16.26 ? 107 GLY A N   1 
ATOM   526  C  CA  . GLY A 1 80  ? -1.219  -11.106 0.683   1.00 17.61 ? 107 GLY A CA  1 
ATOM   527  C  C   . GLY A 1 80  ? -0.033  -11.293 1.597   1.00 17.30 ? 107 GLY A C   1 
ATOM   528  O  O   . GLY A 1 80  ? -0.052  -10.896 2.765   1.00 16.03 ? 107 GLY A O   1 
ATOM   529  N  N   . THR A 1 81  ? 1.005   -11.902 1.036   1.00 15.50 ? 108 THR A N   1 
ATOM   530  C  CA  . THR A 1 81  ? 2.242   -12.211 1.742   1.00 16.81 ? 108 THR A CA  1 
ATOM   531  C  C   . THR A 1 81  ? 3.386   -12.032 0.756   1.00 17.89 ? 108 THR A C   1 
ATOM   532  O  O   . THR A 1 81  ? 3.321   -12.573 -0.352  1.00 17.61 ? 108 THR A O   1 
ATOM   533  C  CB  . THR A 1 81  ? 2.207   -13.654 2.277   1.00 17.11 ? 108 THR A CB  1 
ATOM   534  O  OG1 . THR A 1 81  ? 1.134   -13.787 3.227   1.00 16.56 ? 108 THR A OG1 1 
ATOM   535  C  CG2 . THR A 1 81  ? 3.536   -14.045 2.920   1.00 17.62 ? 108 THR A CG2 1 
ATOM   536  N  N   . THR A 1 82  ? 4.426   -11.285 1.136   1.00 14.75 ? 109 THR A N   1 
ATOM   537  C  CA  . THR A 1 82  ? 5.503   -11.045 0.180   1.00 15.62 ? 109 THR A CA  1 
ATOM   538  C  C   . THR A 1 82  ? 6.290   -12.330 -0.086  1.00 18.63 ? 109 THR A C   1 
ATOM   539  O  O   . THR A 1 82  ? 6.517   -13.149 0.814   1.00 17.92 ? 109 THR A O   1 
ATOM   540  C  CB  . THR A 1 82  ? 6.451   -9.936  0.652   1.00 17.78 ? 109 THR A CB  1 
ATOM   541  O  OG1 . THR A 1 82  ? 7.048   -10.283 1.916   1.00 15.95 ? 109 THR A OG1 1 
ATOM   542  C  CG2 . THR A 1 82  ? 5.706   -8.598  0.768   1.00 17.62 ? 109 THR A CG2 1 
ATOM   543  N  N   . ASN A 1 83  ? 6.699   -12.498 -1.334  1.00 16.49 ? 110 ASN A N   1 
ATOM   544  C  CA  . ASN A 1 83  ? 7.419   -13.685 -1.761  1.00 19.71 ? 110 ASN A CA  1 
ATOM   545  C  C   . ASN A 1 83  ? 8.924   -13.463 -1.635  1.00 22.83 ? 110 ASN A C   1 
ATOM   546  O  O   . ASN A 1 83  ? 9.391   -12.457 -1.076  1.00 18.48 ? 110 ASN A O   1 
ATOM   547  C  CB  . ASN A 1 83  ? 7.022   -14.031 -3.191  1.00 18.56 ? 110 ASN A CB  1 
ATOM   548  C  CG  . ASN A 1 83  ? 7.361   -12.920 -4.174  1.00 23.34 ? 110 ASN A CG  1 
ATOM   549  O  OD1 . ASN A 1 83  ? 8.203   -12.063 -3.904  1.00 19.51 ? 110 ASN A OD1 1 
ATOM   550  N  ND2 . ASN A 1 83  ? 6.701   -12.932 -5.327  1.00 19.13 ? 110 ASN A ND2 1 
ATOM   551  N  N   . ASP A 1 84  ? 9.680   -14.413 -2.202  1.00 26.19 ? 111 ASP A N   1 
ATOM   552  C  CA  . ASP A 1 84  ? 11.128  -14.434 -2.409  1.00 31.38 ? 111 ASP A CA  1 
ATOM   553  C  C   . ASP A 1 84  ? 11.716  -13.092 -2.788  1.00 26.05 ? 111 ASP A C   1 
ATOM   554  O  O   . ASP A 1 84  ? 12.813  -12.727 -2.348  1.00 26.64 ? 111 ASP A O   1 
ATOM   555  C  CB  . ASP A 1 84  ? 11.473  -15.411 -3.541  1.00 31.28 ? 111 ASP A CB  1 
ATOM   556  C  CG  . ASP A 1 84  ? 11.893  -16.734 -3.037  1.00 35.06 ? 111 ASP A CG  1 
ATOM   557  O  OD1 . ASP A 1 84  ? 11.603  -17.003 -1.855  1.00 45.71 ? 111 ASP A OD1 1 
ATOM   558  O  OD2 . ASP A 1 84  ? 12.502  -17.506 -3.807  1.00 33.85 ? 111 ASP A OD2 1 
ATOM   559  N  N   . LYS A 1 85  ? 11.022  -12.398 -3.682  1.00 20.45 ? 112 LYS A N   1 
ATOM   560  C  CA  . LYS A 1 85  ? 11.480  -11.131 -4.216  1.00 22.63 ? 112 LYS A CA  1 
ATOM   561  C  C   . LYS A 1 85  ? 10.883  -9.955  -3.457  1.00 20.32 ? 112 LYS A C   1 
ATOM   562  O  O   . LYS A 1 85  ? 10.935  -8.819  -3.940  1.00 21.64 ? 112 LYS A O   1 
ATOM   563  C  CB  . LYS A 1 85  ? 11.152  -11.055 -5.707  1.00 25.14 ? 112 LYS A CB  1 
ATOM   564  C  CG  . LYS A 1 85  ? 11.570  -12.305 -6.472  1.00 29.05 ? 112 LYS A CG  1 
ATOM   565  C  CD  . LYS A 1 85  ? 11.234  -12.201 -7.951  1.00 34.86 ? 112 LYS A CD  1 
ATOM   566  C  CE  . LYS A 1 85  ? 9.779   -12.556 -8.239  1.00 36.81 ? 112 LYS A CE  1 
ATOM   567  N  NZ  . LYS A 1 85  ? 9.421   -14.004 -8.042  1.00 40.72 ? 112 LYS A NZ  1 
ATOM   568  N  N   . GLY A 1 86  ? 10.338  -10.208 -2.268  1.00 20.91 ? 113 GLY A N   1 
ATOM   569  C  CA  . GLY A 1 86  ? 9.717   -9.153  -1.481  1.00 20.80 ? 113 GLY A CA  1 
ATOM   570  C  C   . GLY A 1 86  ? 8.426   -8.619  -2.068  1.00 19.38 ? 113 GLY A C   1 
ATOM   571  O  O   . GLY A 1 86  ? 8.042   -7.479  -1.774  1.00 17.10 ? 113 GLY A O   1 
ATOM   572  N  N   . GLN A 1 87  ? 7.731   -9.415  -2.880  1.00 17.53 ? 114 GLN A N   1 
ATOM   573  C  CA  . GLN A 1 87  ? 6.625   -8.886  -3.669  1.00 17.46 ? 114 GLN A CA  1 
ATOM   574  C  C   . GLN A 1 87  ? 5.335   -9.660  -3.458  1.00 20.35 ? 114 GLN A C   1 
ATOM   575  O  O   . GLN A 1 87  ? 5.336   -10.860 -3.156  1.00 17.37 ? 114 GLN A O   1 
ATOM   576  C  CB  . GLN A 1 87  ? 6.952   -8.883  -5.162  1.00 17.62 ? 114 GLN A CB  1 
ATOM   577  C  CG  . GLN A 1 87  ? 7.976   -7.840  -5.529  1.00 19.50 ? 114 GLN A CG  1 
ATOM   578  C  CD  . GLN A 1 87  ? 8.311   -7.847  -6.999  1.00 24.11 ? 114 GLN A CD  1 
ATOM   579  O  OE1 . GLN A 1 87  ? 8.323   -8.901  -7.633  1.00 27.64 ? 114 GLN A OE1 1 
ATOM   580  N  NE2 . GLN A 1 87  ? 8.595   -6.668  -7.551  1.00 23.60 ? 114 GLN A NE2 1 
ATOM   581  N  N   . LEU A 1 88  ? 4.225   -8.942  -3.648  1.00 18.41 ? 115 LEU A N   1 
ATOM   582  C  CA  . LEU A 1 88  ? 2.916   -9.542  -3.847  1.00 19.28 ? 115 LEU A CA  1 
ATOM   583  C  C   . LEU A 1 88  ? 2.191   -8.728  -4.915  1.00 19.94 ? 115 LEU A C   1 
ATOM   584  O  O   . LEU A 1 88  ? 2.480   -7.548  -5.133  1.00 17.96 ? 115 LEU A O   1 
ATOM   585  C  CB  . LEU A 1 88  ? 2.099   -9.610  -2.539  1.00 17.59 ? 115 LEU A CB  1 
ATOM   586  C  CG  . LEU A 1 88  ? 1.733   -8.298  -1.819  1.00 19.90 ? 115 LEU A CG  1 
ATOM   587  C  CD1 . LEU A 1 88  ? 0.444   -7.643  -2.413  1.00 18.73 ? 115 LEU A CD1 1 
ATOM   588  C  CD2 . LEU A 1 88  ? 1.556   -8.517  -0.327  1.00 15.55 ? 115 LEU A CD2 1 
ATOM   589  N  N   . THR A 1 89  ? 1.248   -9.371  -5.584  1.00 17.37 ? 116 THR A N   1 
ATOM   590  C  CA  . THR A 1 89  ? 0.506   -8.756  -6.677  1.00 19.92 ? 116 THR A CA  1 
ATOM   591  C  C   . THR A 1 89  ? -0.977  -8.889  -6.395  1.00 19.88 ? 116 THR A C   1 
ATOM   592  O  O   . THR A 1 89  ? -1.427  -9.937  -5.923  1.00 21.18 ? 116 THR A O   1 
ATOM   593  C  CB  . THR A 1 89  ? 0.852   -9.422  -8.028  1.00 21.37 ? 116 THR A CB  1 
ATOM   594  O  OG1 . THR A 1 89  ? 2.242   -9.218  -8.310  1.00 22.67 ? 116 THR A OG1 1 
ATOM   595  C  CG2 . THR A 1 89  ? 0.032   -8.814  -9.150  1.00 25.19 ? 116 THR A CG2 1 
ATOM   596  N  N   . GLN A 1 90  ? -1.739  -7.831  -6.669  1.00 16.62 ? 117 GLN A N   1 
ATOM   597  C  CA  . GLN A 1 90  ? -3.165  -7.873  -6.387  1.00 18.85 ? 117 GLN A CA  1 
ATOM   598  C  C   . GLN A 1 90  ? -3.921  -6.983  -7.363  1.00 19.20 ? 117 GLN A C   1 
ATOM   599  O  O   . GLN A 1 90  ? -3.581  -5.806  -7.530  1.00 16.29 ? 117 GLN A O   1 
ATOM   600  C  CB  . GLN A 1 90  ? -3.441  -7.444  -4.942  1.00 19.97 ? 117 GLN A CB  1 
ATOM   601  C  CG  . GLN A 1 90  ? -4.912  -7.424  -4.580  1.00 18.26 ? 117 GLN A CG  1 
ATOM   602  C  CD  . GLN A 1 90  ? -5.525  -8.811  -4.585  1.00 18.96 ? 117 GLN A CD  1 
ATOM   603  O  OE1 . GLN A 1 90  ? -5.015  -9.733  -3.940  1.00 18.10 ? 117 GLN A OE1 1 
ATOM   604  N  NE2 . GLN A 1 90  ? -6.633  -8.964  -5.312  1.00 19.40 ? 117 GLN A NE2 1 
ATOM   605  N  N   . ALA A 1 91  ? -4.938  -7.558  -8.001  1.00 18.70 ? 118 ALA A N   1 
ATOM   606  C  CA  . ALA A 1 91  ? -5.845  -6.800  -8.847  1.00 18.42 ? 118 ALA A CA  1 
ATOM   607  C  C   . ALA A 1 91  ? -6.866  -6.090  -7.970  1.00 20.26 ? 118 ALA A C   1 
ATOM   608  O  O   . ALA A 1 91  ? -7.511  -6.717  -7.118  1.00 18.79 ? 118 ALA A O   1 
ATOM   609  C  CB  . ALA A 1 91  ? -6.554  -7.715  -9.846  1.00 20.06 ? 118 ALA A CB  1 
ATOM   610  N  N   . LEU A 1 92  ? -7.015  -4.783  -8.172  1.00 17.81 ? 119 LEU A N   1 
ATOM   611  C  CA  . LEU A 1 92  ? -7.931  -4.001  -7.356  1.00 17.76 ? 119 LEU A CA  1 
ATOM   612  C  C   . LEU A 1 92  ? -8.867  -3.214  -8.267  1.00 16.54 ? 119 LEU A C   1 
ATOM   613  O  O   . LEU A 1 92  ? -8.406  -2.616  -9.253  1.00 17.29 ? 119 LEU A O   1 
ATOM   614  C  CB  . LEU A 1 92  ? -7.161  -3.059  -6.418  1.00 18.01 ? 119 LEU A CB  1 
ATOM   615  C  CG  . LEU A 1 92  ? -6.322  -3.739  -5.326  1.00 16.21 ? 119 LEU A CG  1 
ATOM   616  C  CD1 . LEU A 1 92  ? -5.497  -2.693  -4.586  1.00 17.72 ? 119 LEU A CD1 1 
ATOM   617  C  CD2 . LEU A 1 92  ? -7.221  -4.477  -4.357  1.00 14.13 ? 119 LEU A CD2 1 
ATOM   618  N  N   . PRO A 1 93  ? -10.171 -3.210  -7.987  1.00 16.65 ? 120 PRO A N   1 
ATOM   619  C  CA  . PRO A 1 93  ? -11.104 -2.372  -8.760  1.00 19.06 ? 120 PRO A CA  1 
ATOM   620  C  C   . PRO A 1 93  ? -10.774 -0.891  -8.650  1.00 20.66 ? 120 PRO A C   1 
ATOM   621  O  O   . PRO A 1 93  ? -10.496 -0.370  -7.563  1.00 16.55 ? 120 PRO A O   1 
ATOM   622  C  CB  . PRO A 1 93  ? -12.462 -2.677  -8.122  1.00 19.09 ? 120 PRO A CB  1 
ATOM   623  C  CG  . PRO A 1 93  ? -12.279 -4.085  -7.533  1.00 22.22 ? 120 PRO A CG  1 
ATOM   624  C  CD  . PRO A 1 93  ? -10.862 -4.092  -7.032  1.00 17.93 ? 120 PRO A CD  1 
ATOM   625  N  N   . ILE A 1 94  ? -10.811 -0.200  -9.792  1.00 18.35 ? 121 ILE A N   1 
ATOM   626  C  CA  . ILE A 1 94  ? -10.524 1.233   -9.745  1.00 23.72 ? 121 ILE A CA  1 
ATOM   627  C  C   . ILE A 1 94  ? -11.712 2.055   -9.265  1.00 21.57 ? 121 ILE A C   1 
ATOM   628  O  O   . ILE A 1 94  ? -11.542 3.238   -8.929  1.00 20.77 ? 121 ILE A O   1 
ATOM   629  C  CB  . ILE A 1 94  ? -10.040 1.766   -11.106 1.00 24.75 ? 121 ILE A CB  1 
ATOM   630  C  CG1 . ILE A 1 94  ? -11.196 1.920   -12.078 1.00 26.10 ? 121 ILE A CG1 1 
ATOM   631  C  CG2 . ILE A 1 94  ? -9.000  0.858   -11.702 1.00 21.63 ? 121 ILE A CG2 1 
ATOM   632  C  CD1 . ILE A 1 94  ? -10.740 2.452   -13.425 1.00 27.86 ? 121 ILE A CD1 1 
ATOM   633  N  N   . GLN A 1 95  ? -12.897 1.460   -9.171  1.00 17.36 ? 122 GLN A N   1 
ATOM   634  C  CA  . GLN A 1 95  ? -14.044 2.131   -8.580  1.00 20.53 ? 122 GLN A CA  1 
ATOM   635  C  C   . GLN A 1 95  ? -14.692 1.244   -7.535  1.00 20.68 ? 122 GLN A C   1 
ATOM   636  O  O   . GLN A 1 95  ? -14.667 0.015   -7.635  1.00 20.47 ? 122 GLN A O   1 
ATOM   637  C  CB  . GLN A 1 95  ? -15.091 2.494   -9.625  1.00 23.26 ? 122 GLN A CB  1 
ATOM   638  C  CG  . GLN A 1 95  ? -14.700 3.664   -10.466 1.00 30.19 ? 122 GLN A CG  1 
ATOM   639  C  CD  . GLN A 1 95  ? -15.834 4.109   -11.360 1.00 37.52 ? 122 GLN A CD  1 
ATOM   640  O  OE1 . GLN A 1 95  ? -16.606 3.284   -11.859 1.00 33.62 ? 122 GLN A OE1 1 
ATOM   641  N  NE2 . GLN A 1 95  ? -15.955 5.423   -11.550 1.00 38.10 ? 122 GLN A NE2 1 
ATOM   642  N  N   . SER A 1 96  ? -15.295 1.883   -6.542  1.00 18.31 ? 123 SER A N   1 
ATOM   643  C  CA  . SER A 1 96  ? -16.059 1.179   -5.520  1.00 22.35 ? 123 SER A CA  1 
ATOM   644  C  C   . SER A 1 96  ? -17.208 2.098   -5.108  1.00 24.10 ? 123 SER A C   1 
ATOM   645  O  O   . SER A 1 96  ? -17.526 3.060   -5.810  1.00 27.40 ? 123 SER A O   1 
ATOM   646  C  CB  . SER A 1 96  ? -15.136 0.755   -4.363  1.00 20.97 ? 123 SER A CB  1 
ATOM   647  O  OG  . SER A 1 96  ? -15.816 -0.090  -3.459  1.00 19.37 ? 123 SER A OG  1 
ATOM   648  N  N   . LYS A 1 97  ? -17.833 1.809   -3.970  1.00 26.81 ? 124 LYS A N   1 
ATOM   649  C  CA  . LYS A 1 97  ? -19.010 2.539   -3.518  1.00 26.12 ? 124 LYS A CA  1 
ATOM   650  C  C   . LYS A 1 97  ? -18.686 3.290   -2.240  1.00 29.03 ? 124 LYS A C   1 
ATOM   651  O  O   . LYS A 1 97  ? -17.942 2.784   -1.393  1.00 27.87 ? 124 LYS A O   1 
ATOM   652  C  CB  . LYS A 1 97  ? -20.178 1.590   -3.242  1.00 25.55 ? 124 LYS A CB  1 
ATOM   653  C  CG  . LYS A 1 97  ? -20.597 0.718   -4.412  1.00 30.03 ? 124 LYS A CG  1 
ATOM   654  C  CD  . LYS A 1 97  ? -21.537 1.455   -5.337  1.00 33.52 ? 124 LYS A CD  1 
ATOM   655  C  CE  . LYS A 1 97  ? -22.651 0.540   -5.837  1.00 39.73 ? 124 LYS A CE  1 
ATOM   656  N  NZ  . LYS A 1 97  ? -22.098 -0.576  -6.652  1.00 43.79 ? 124 LYS A NZ  1 
ATOM   657  N  N   . ASP A 1 98  ? -19.254 4.486   -2.086  1.00 25.06 ? 125 ASP A N   1 
ATOM   658  C  CA  . ASP A 1 98  ? -19.141 5.167   -0.807  1.00 26.27 ? 125 ASP A CA  1 
ATOM   659  C  C   . ASP A 1 98  ? -20.283 4.716   0.111   1.00 29.36 ? 125 ASP A C   1 
ATOM   660  O  O   . ASP A 1 98  ? -21.083 3.841   -0.235  1.00 26.70 ? 125 ASP A O   1 
ATOM   661  C  CB  . ASP A 1 98  ? -19.089 6.695   -0.992  1.00 26.86 ? 125 ASP A CB  1 
ATOM   662  C  CG  . ASP A 1 98  ? -20.409 7.314   -1.473  1.00 27.78 ? 125 ASP A CG  1 
ATOM   663  O  OD1 . ASP A 1 98  ? -21.478 6.690   -1.363  1.00 27.55 ? 125 ASP A OD1 1 
ATOM   664  O  OD2 . ASP A 1 98  ? -20.365 8.465   -1.957  1.00 24.23 ? 125 ASP A OD2 1 
ATOM   665  N  N   . ALA A 1 99  ? -20.368 5.330   1.294   1.00 27.98 ? 126 ALA A N   1 
ATOM   666  C  CA  . ALA A 1 99  ? -21.365 4.913   2.276   1.00 30.68 ? 126 ALA A CA  1 
ATOM   667  C  C   . ALA A 1 99  ? -22.795 5.144   1.801   1.00 37.09 ? 126 ALA A C   1 
ATOM   668  O  O   . ALA A 1 99  ? -23.712 4.484   2.303   1.00 37.24 ? 126 ALA A O   1 
ATOM   669  C  CB  . ALA A 1 99  ? -21.132 5.636   3.599   1.00 30.05 ? 126 ALA A CB  1 
ATOM   670  N  N   . SER A 1 100 ? -23.006 6.055   0.845   1.00 28.46 ? 127 SER A N   1 
ATOM   671  C  CA  . SER A 1 100 ? -24.319 6.276   0.253   1.00 30.98 ? 127 SER A CA  1 
ATOM   672  C  C   . SER A 1 100 ? -24.661 5.277   -0.840  1.00 35.67 ? 127 SER A C   1 
ATOM   673  O  O   . SER A 1 100 ? -25.769 5.340   -1.382  1.00 32.85 ? 127 SER A O   1 
ATOM   674  C  CB  . SER A 1 100 ? -24.410 7.687   -0.337  1.00 27.90 ? 127 SER A CB  1 
ATOM   675  O  OG  . SER A 1 100 ? -23.840 8.636   0.541   1.00 42.92 ? 127 SER A OG  1 
ATOM   676  N  N   . GLY A 1 101 ? -23.749 4.378   -1.199  1.00 33.07 ? 128 GLY A N   1 
ATOM   677  C  CA  . GLY A 1 101 ? -23.971 3.529   -2.350  1.00 25.69 ? 128 GLY A CA  1 
ATOM   678  C  C   . GLY A 1 101 ? -23.629 4.159   -3.679  1.00 28.40 ? 128 GLY A C   1 
ATOM   679  O  O   . GLY A 1 101 ? -23.822 3.517   -4.717  1.00 31.50 ? 128 GLY A O   1 
ATOM   680  N  N   . LYS A 1 102 ? -23.133 5.394   -3.687  1.00 27.02 ? 129 LYS A N   1 
ATOM   681  C  CA  . LYS A 1 102 ? -22.707 6.039   -4.920  1.00 26.86 ? 129 LYS A CA  1 
ATOM   682  C  C   . LYS A 1 102 ? -21.362 5.482   -5.380  1.00 28.07 ? 129 LYS A C   1 
ATOM   683  O  O   . LYS A 1 102 ? -20.460 5.251   -4.569  1.00 27.61 ? 129 LYS A O   1 
ATOM   684  C  CB  . LYS A 1 102 ? -22.613 7.551   -4.711  1.00 24.72 ? 129 LYS A CB  1 
ATOM   685  C  CG  . LYS A 1 102 ? -21.993 8.340   -5.865  1.00 28.99 ? 129 LYS A CG  1 
ATOM   686  C  CD  . LYS A 1 102 ? -21.983 9.849   -5.542  1.00 37.29 ? 129 LYS A CD  1 
ATOM   687  C  CE  . LYS A 1 102 ? -21.322 10.690  -6.650  1.00 39.20 ? 129 LYS A CE  1 
ATOM   688  N  NZ  . LYS A 1 102 ? -22.120 10.725  -7.919  1.00 35.48 ? 129 LYS A NZ  1 
ATOM   689  N  N   . THR A 1 103 ? -21.238 5.265   -6.691  1.00 25.25 ? 130 THR A N   1 
ATOM   690  C  CA  . THR A 1 103 ? -19.972 4.828   -7.274  1.00 28.60 ? 130 THR A CA  1 
ATOM   691  C  C   . THR A 1 103 ? -18.926 5.941   -7.204  1.00 28.09 ? 130 THR A C   1 
ATOM   692  O  O   . THR A 1 103 ? -19.202 7.099   -7.544  1.00 20.89 ? 130 THR A O   1 
ATOM   693  C  CB  . THR A 1 103 ? -20.188 4.389   -8.723  1.00 29.17 ? 130 THR A CB  1 
ATOM   694  O  OG1 . THR A 1 103 ? -21.007 3.213   -8.739  1.00 30.51 ? 130 THR A OG1 1 
ATOM   695  C  CG2 . THR A 1 103 ? -18.850 4.072   -9.399  1.00 31.12 ? 130 THR A CG2 1 
ATOM   696  N  N   . ARG A 1 104 ? -17.722 5.585   -6.751  1.00 20.77 ? 131 ARG A N   1 
ATOM   697  C  CA  . ARG A 1 104 ? -16.638 6.535   -6.538  1.00 21.10 ? 131 ARG A CA  1 
ATOM   698  C  C   . ARG A 1 104 ? -15.307 5.898   -6.921  1.00 23.17 ? 131 ARG A C   1 
ATOM   699  O  O   . ARG A 1 104 ? -15.166 4.673   -6.934  1.00 19.96 ? 131 ARG A O   1 
ATOM   700  C  CB  . ARG A 1 104 ? -16.555 6.978   -5.071  1.00 24.00 ? 131 ARG A CB  1 
ATOM   701  C  CG  . ARG A 1 104 ? -17.828 7.564   -4.498  1.00 25.08 ? 131 ARG A CG  1 
ATOM   702  C  CD  . ARG A 1 104 ? -17.995 8.984   -4.957  1.00 26.46 ? 131 ARG A CD  1 
ATOM   703  N  NE  . ARG A 1 104 ? -18.823 9.723   -4.022  1.00 27.48 ? 131 ARG A NE  1 
ATOM   704  C  CZ  . ARG A 1 104 ? -19.005 11.035  -4.076  1.00 36.39 ? 131 ARG A CZ  1 
ATOM   705  N  NH1 . ARG A 1 104 ? -18.405 11.750  -5.022  1.00 35.57 ? 131 ARG A NH1 1 
ATOM   706  N  NH2 . ARG A 1 104 ? -19.785 11.630  -3.185  1.00 37.00 ? 131 ARG A NH2 1 
ATOM   707  N  N   . ALA A 1 105 ? -14.321 6.744   -7.213  1.00 20.71 ? 132 ALA A N   1 
ATOM   708  C  CA  . ALA A 1 105 ? -12.955 6.260   -7.374  1.00 22.72 ? 132 ALA A CA  1 
ATOM   709  C  C   . ALA A 1 105 ? -12.495 5.615   -6.073  1.00 20.15 ? 132 ALA A C   1 
ATOM   710  O  O   . ALA A 1 105 ? -12.697 6.170   -4.989  1.00 15.50 ? 132 ALA A O   1 
ATOM   711  C  CB  . ALA A 1 105 ? -12.015 7.399   -7.765  1.00 17.99 ? 132 ALA A CB  1 
ATOM   712  N  N   . ALA A 1 106 ? -11.889 4.434   -6.185  1.00 15.16 ? 133 ALA A N   1 
ATOM   713  C  CA  . ALA A 1 106 ? -11.627 3.587   -5.030  1.00 18.65 ? 133 ALA A CA  1 
ATOM   714  C  C   . ALA A 1 106 ? -10.325 3.964   -4.332  1.00 16.02 ? 133 ALA A C   1 
ATOM   715  O  O   . ALA A 1 106 ? -9.363  4.414   -4.959  1.00 16.14 ? 133 ALA A O   1 
ATOM   716  C  CB  . ALA A 1 106 ? -11.569 2.113   -5.454  1.00 18.04 ? 133 ALA A CB  1 
ATOM   717  N  N   . VAL A 1 107 ? -10.307 3.767   -3.013  1.00 17.22 ? 134 VAL A N   1 
ATOM   718  C  CA  . VAL A 1 107 ? -9.135  4.008   -2.181  1.00 16.56 ? 134 VAL A CA  1 
ATOM   719  C  C   . VAL A 1 107 ? -8.897  2.780   -1.313  1.00 15.60 ? 134 VAL A C   1 
ATOM   720  O  O   . VAL A 1 107 ? -9.834  2.251   -0.703  1.00 15.74 ? 134 VAL A O   1 
ATOM   721  C  CB  . VAL A 1 107 ? -9.302  5.260   -1.304  1.00 18.70 ? 134 VAL A CB  1 
ATOM   722  C  CG1 . VAL A 1 107 ? -7.983  5.608   -0.597  1.00 13.72 ? 134 VAL A CG1 1 
ATOM   723  C  CG2 . VAL A 1 107 ? -9.801  6.414   -2.143  1.00 16.60 ? 134 VAL A CG2 1 
ATOM   724  N  N   . TYR A 1 108 ? -7.636  2.344   -1.244  1.00 15.37 ? 135 TYR A N   1 
ATOM   725  C  CA  . TYR A 1 108 ? -7.251  1.124   -0.554  1.00 16.56 ? 135 TYR A CA  1 
ATOM   726  C  C   . TYR A 1 108 ? -6.147  1.436   0.441   1.00 17.90 ? 135 TYR A C   1 
ATOM   727  O  O   . TYR A 1 108 ? -5.219  2.185   0.131   1.00 16.77 ? 135 TYR A O   1 
ATOM   728  C  CB  . TYR A 1 108 ? -6.778  0.049   -1.549  1.00 15.72 ? 135 TYR A CB  1 
ATOM   729  C  CG  . TYR A 1 108 ? -7.861  -0.337  -2.527  1.00 17.56 ? 135 TYR A CG  1 
ATOM   730  C  CD1 . TYR A 1 108 ? -8.813  -1.288  -2.193  1.00 15.91 ? 135 TYR A CD1 1 
ATOM   731  C  CD2 . TYR A 1 108 ? -7.938  0.264   -3.774  1.00 15.89 ? 135 TYR A CD2 1 
ATOM   732  C  CE1 . TYR A 1 108 ? -9.814  -1.636  -3.080  1.00 16.69 ? 135 TYR A CE1 1 
ATOM   733  C  CE2 . TYR A 1 108 ? -8.939  -0.077  -4.672  1.00 16.84 ? 135 TYR A CE2 1 
ATOM   734  C  CZ  . TYR A 1 108 ? -9.874  -1.026  -4.318  1.00 17.42 ? 135 TYR A CZ  1 
ATOM   735  O  OH  . TYR A 1 108 ? -10.876 -1.363  -5.205  1.00 16.74 ? 135 TYR A OH  1 
ATOM   736  N  N   . LEU A 1 109 ? -6.258  0.873   1.639   1.00 14.15 ? 136 LEU A N   1 
ATOM   737  C  CA  . LEU A 1 109 ? -5.268  1.070   2.688   1.00 18.21 ? 136 LEU A CA  1 
ATOM   738  C  C   . LEU A 1 109 ? -4.498  -0.233  2.894   1.00 15.95 ? 136 LEU A C   1 
ATOM   739  O  O   . LEU A 1 109 ? -5.101  -1.279  3.159   1.00 16.91 ? 136 LEU A O   1 
ATOM   740  C  CB  . LEU A 1 109 ? -5.925  1.533   3.990   1.00 17.76 ? 136 LEU A CB  1 
ATOM   741  C  CG  . LEU A 1 109 ? -4.774  1.884   4.931   1.00 21.70 ? 136 LEU A CG  1 
ATOM   742  C  CD1 . LEU A 1 109 ? -4.869  3.287   5.436   1.00 19.21 ? 136 LEU A CD1 1 
ATOM   743  C  CD2 . LEU A 1 109 ? -4.587  0.852   6.049   1.00 18.84 ? 136 LEU A CD2 1 
ATOM   744  N  N   . PHE A 1 110 ? -3.177  -0.171  2.762   1.00 17.16 ? 137 PHE A N   1 
ATOM   745  C  CA  . PHE A 1 110 ? -2.295  -1.318  2.968   1.00 14.78 ? 137 PHE A CA  1 
ATOM   746  C  C   . PHE A 1 110 ? -1.742  -1.307  4.397   1.00 19.44 ? 137 PHE A C   1 
ATOM   747  O  O   . PHE A 1 110 ? -1.091  -0.337  4.808   1.00 18.55 ? 137 PHE A O   1 
ATOM   748  C  CB  . PHE A 1 110 ? -1.142  -1.291  1.970   1.00 13.46 ? 137 PHE A CB  1 
ATOM   749  C  CG  . PHE A 1 110 ? -1.556  -1.500  0.535   1.00 17.78 ? 137 PHE A CG  1 
ATOM   750  C  CD1 . PHE A 1 110 ? -1.182  -2.652  -0.145  1.00 16.24 ? 137 PHE A CD1 1 
ATOM   751  C  CD2 . PHE A 1 110 ? -2.281  -0.539  -0.141  1.00 17.84 ? 137 PHE A CD2 1 
ATOM   752  C  CE1 . PHE A 1 110 ? -1.531  -2.846  -1.456  1.00 17.55 ? 137 PHE A CE1 1 
ATOM   753  C  CE2 . PHE A 1 110 ? -2.651  -0.732  -1.470  1.00 17.08 ? 137 PHE A CE2 1 
ATOM   754  C  CZ  . PHE A 1 110 ? -2.264  -1.891  -2.124  1.00 17.91 ? 137 PHE A CZ  1 
ATOM   755  N  N   . HIS A 1 111 ? -1.980  -2.391  5.139   1.00 18.35 ? 138 HIS A N   1 
ATOM   756  C  CA  . HIS A 1 111 ? -1.616  -2.506  6.549   1.00 17.31 ? 138 HIS A CA  1 
ATOM   757  C  C   . HIS A 1 111 ? -0.816  -3.781  6.755   1.00 19.06 ? 138 HIS A C   1 
ATOM   758  O  O   . HIS A 1 111 ? -1.310  -4.871  6.451   1.00 16.79 ? 138 HIS A O   1 
ATOM   759  C  CB  . HIS A 1 111 ? -2.880  -2.513  7.428   1.00 20.65 ? 138 HIS A CB  1 
ATOM   760  C  CG  . HIS A 1 111 ? -2.630  -2.831  8.871   1.00 20.98 ? 138 HIS A CG  1 
ATOM   761  N  ND1 . HIS A 1 111 ? -1.981  -1.964  9.731   1.00 23.00 ? 138 HIS A ND1 1 
ATOM   762  C  CD2 . HIS A 1 111 ? -2.970  -3.910  9.616   1.00 20.45 ? 138 HIS A CD2 1 
ATOM   763  C  CE1 . HIS A 1 111 ? -1.917  -2.507  10.934  1.00 21.02 ? 138 HIS A CE1 1 
ATOM   764  N  NE2 . HIS A 1 111 ? -2.507  -3.688  10.890  1.00 20.78 ? 138 HIS A NE2 1 
ATOM   765  N  N   . GLU A 1 112 ? 0.410   -3.653  7.284   1.00 17.64 ? 139 GLU A N   1 
ATOM   766  C  CA  . GLU A 1 112 ? 1.231   -4.815  7.619   1.00 18.18 ? 139 GLU A CA  1 
ATOM   767  C  C   . GLU A 1 112 ? 0.734   -5.443  8.916   1.00 20.86 ? 139 GLU A C   1 
ATOM   768  O  O   . GLU A 1 112 ? 0.745   -4.793  9.971   1.00 17.63 ? 139 GLU A O   1 
ATOM   769  C  CB  . GLU A 1 112 ? 2.707   -4.441  7.770   1.00 15.22 ? 139 GLU A CB  1 
ATOM   770  C  CG  . GLU A 1 112 ? 3.558   -5.660  8.149   1.00 16.62 ? 139 GLU A CG  1 
ATOM   771  C  CD  . GLU A 1 112 ? 5.053   -5.385  8.201   1.00 19.10 ? 139 GLU A CD  1 
ATOM   772  O  OE1 . GLU A 1 112 ? 5.534   -4.419  7.560   1.00 19.08 ? 139 GLU A OE1 1 
ATOM   773  O  OE2 . GLU A 1 112 ? 5.753   -6.155  8.891   1.00 19.21 ? 139 GLU A OE2 1 
ATOM   774  N  N   . THR A 1 113 ? 0.318   -6.708  8.848   1.00 15.57 ? 140 THR A N   1 
ATOM   775  C  CA  . THR A 1 113 ? -0.126  -7.427  10.034  1.00 18.10 ? 140 THR A CA  1 
ATOM   776  C  C   . THR A 1 113 ? 0.978   -8.252  10.686  1.00 20.60 ? 140 THR A C   1 
ATOM   777  O  O   . THR A 1 113 ? 0.830   -8.634  11.856  1.00 22.58 ? 140 THR A O   1 
ATOM   778  C  CB  . THR A 1 113 ? -1.293  -8.363  9.692   1.00 19.04 ? 140 THR A CB  1 
ATOM   779  O  OG1 . THR A 1 113 ? -0.899  -9.256  8.639   1.00 15.83 ? 140 THR A OG1 1 
ATOM   780  C  CG2 . THR A 1 113 ? -2.509  -7.565  9.248   1.00 19.62 ? 140 THR A CG2 1 
ATOM   781  N  N   . ASN A 1 114 ? 2.078   -8.510  9.980   1.00 17.87 ? 141 ASN A N   1 
ATOM   782  C  CA  . ASN A 1 114 ? 3.063   -9.509  10.409  1.00 20.54 ? 141 ASN A CA  1 
ATOM   783  C  C   . ASN A 1 114 ? 4.278   -9.445  9.480   1.00 21.12 ? 141 ASN A C   1 
ATOM   784  O  O   . ASN A 1 114 ? 4.102   -9.370  8.264   1.00 18.51 ? 141 ASN A O   1 
ATOM   785  C  CB  . ASN A 1 114 ? 2.401   -10.902 10.377  1.00 22.31 ? 141 ASN A CB  1 
ATOM   786  C  CG  . ASN A 1 114 ? 3.302   -12.013 10.846  1.00 28.81 ? 141 ASN A CG  1 
ATOM   787  O  OD1 . ASN A 1 114 ? 3.899   -11.948 11.924  1.00 26.95 ? 141 ASN A OD1 1 
ATOM   788  N  ND2 . ASN A 1 114 ? 3.385   -13.072 10.043  1.00 26.19 ? 141 ASN A ND2 1 
ATOM   789  N  N   . PRO A 1 115 ? 5.514   -9.474  10.031  1.00 18.08 ? 142 PRO A N   1 
ATOM   790  C  CA  . PRO A 1 115 ? 5.888   -9.561  11.448  1.00 18.87 ? 142 PRO A CA  1 
ATOM   791  C  C   . PRO A 1 115 ? 5.969   -8.217  12.188  1.00 18.39 ? 142 PRO A C   1 
ATOM   792  O  O   . PRO A 1 115 ? 6.256   -8.237  13.383  1.00 18.68 ? 142 PRO A O   1 
ATOM   793  C  CB  . PRO A 1 115 ? 7.283   -10.201 11.391  1.00 19.28 ? 142 PRO A CB  1 
ATOM   794  C  CG  . PRO A 1 115 ? 7.875   -9.604  10.149  1.00 19.78 ? 142 PRO A CG  1 
ATOM   795  C  CD  . PRO A 1 115 ? 6.706   -9.503  9.160   1.00 20.57 ? 142 PRO A CD  1 
ATOM   796  N  N   . ARG A 1 116 ? 5.745   -7.095  11.506  1.00 16.23 ? 143 ARG A N   1 
ATOM   797  C  CA  . ARG A 1 116 ? 5.921   -5.763  12.093  1.00 17.14 ? 143 ARG A CA  1 
ATOM   798  C  C   . ARG A 1 116 ? 7.225   -5.701  12.904  1.00 20.74 ? 143 ARG A C   1 
ATOM   799  O  O   . ARG A 1 116 ? 7.245   -5.459  14.114  1.00 16.05 ? 143 ARG A O   1 
ATOM   800  C  CB  . ARG A 1 116 ? 4.703   -5.378  12.939  1.00 15.91 ? 143 ARG A CB  1 
ATOM   801  C  CG  . ARG A 1 116 ? 3.378   -5.419  12.171  1.00 17.69 ? 143 ARG A CG  1 
ATOM   802  C  CD  . ARG A 1 116 ? 2.200   -4.870  12.983  1.00 17.63 ? 143 ARG A CD  1 
ATOM   803  N  NE  . ARG A 1 116 ? 2.414   -3.475  13.348  1.00 20.16 ? 143 ARG A NE  1 
ATOM   804  C  CZ  . ARG A 1 116 ? 2.128   -2.439  12.564  1.00 22.06 ? 143 ARG A CZ  1 
ATOM   805  N  NH1 . ARG A 1 116 ? 1.595   -2.631  11.365  1.00 17.44 ? 143 ARG A NH1 1 
ATOM   806  N  NH2 . ARG A 1 116 ? 2.383   -1.200  12.976  1.00 18.83 ? 143 ARG A NH2 1 
ATOM   807  N  N   . ALA A 1 117 ? 8.334   -5.948  12.200  1.00 18.11 ? 144 ALA A N   1 
ATOM   808  C  CA  . ALA A 1 117 ? 9.640   -6.133  12.839  1.00 19.16 ? 144 ALA A CA  1 
ATOM   809  C  C   . ALA A 1 117 ? 10.298  -4.776  13.098  1.00 19.95 ? 144 ALA A C   1 
ATOM   810  O  O   . ALA A 1 117 ? 11.262  -4.372  12.440  1.00 20.04 ? 144 ALA A O   1 
ATOM   811  C  CB  . ALA A 1 117 ? 10.526  -7.028  11.983  1.00 18.22 ? 144 ALA A CB  1 
ATOM   812  N  N   . GLY A 1 118 ? 9.754   -4.069  14.090  1.00 19.11 ? 145 GLY A N   1 
ATOM   813  C  CA  . GLY A 1 118 ? 10.388  -2.848  14.564  1.00 16.60 ? 145 GLY A CA  1 
ATOM   814  C  C   . GLY A 1 118 ? 10.546  -1.811  13.469  1.00 19.63 ? 145 GLY A C   1 
ATOM   815  O  O   . GLY A 1 118 ? 9.584   -1.440  12.782  1.00 18.36 ? 145 GLY A O   1 
ATOM   816  N  N   . TYR A 1 119 ? 11.782  -1.337  13.288  1.00 18.32 ? 146 TYR A N   1 
ATOM   817  C  CA  . TYR A 1 119 ? 12.028  -0.277  12.313  1.00 20.64 ? 146 TYR A CA  1 
ATOM   818  C  C   . TYR A 1 119 ? 11.777  -0.737  10.879  1.00 19.67 ? 146 TYR A C   1 
ATOM   819  O  O   . TYR A 1 119 ? 11.675  0.105   9.982   1.00 19.98 ? 146 TYR A O   1 
ATOM   820  C  CB  . TYR A 1 119 ? 13.461  0.270   12.447  1.00 19.24 ? 146 TYR A CB  1 
ATOM   821  C  CG  . TYR A 1 119 ? 14.559  -0.748  12.144  1.00 23.14 ? 146 TYR A CG  1 
ATOM   822  C  CD1 . TYR A 1 119 ? 14.973  -1.000  10.839  1.00 25.32 ? 146 TYR A CD1 1 
ATOM   823  C  CD2 . TYR A 1 119 ? 15.185  -1.443  13.169  1.00 24.11 ? 146 TYR A CD2 1 
ATOM   824  C  CE1 . TYR A 1 119 ? 15.976  -1.934  10.564  1.00 25.73 ? 146 TYR A CE1 1 
ATOM   825  C  CE2 . TYR A 1 119 ? 16.195  -2.378  12.905  1.00 27.66 ? 146 TYR A CE2 1 
ATOM   826  C  CZ  . TYR A 1 119 ? 16.578  -2.617  11.605  1.00 25.46 ? 146 TYR A CZ  1 
ATOM   827  O  OH  . TYR A 1 119 ? 17.567  -3.532  11.351  1.00 31.75 ? 146 TYR A OH  1 
ATOM   828  N  N   . ASN A 1 120 ? 11.684  -2.036  10.633  1.00 19.63 ? 147 ASN A N   1 
ATOM   829  C  CA  . ASN A 1 120 ? 11.326  -2.517  9.303   1.00 20.04 ? 147 ASN A CA  1 
ATOM   830  C  C   . ASN A 1 120 ? 9.836   -2.803  9.170   1.00 20.39 ? 147 ASN A C   1 
ATOM   831  O  O   . ASN A 1 120 ? 9.427   -3.455  8.204   1.00 19.54 ? 147 ASN A O   1 
ATOM   832  C  CB  . ASN A 1 120 ? 12.143  -3.765  8.935   1.00 19.55 ? 147 ASN A CB  1 
ATOM   833  C  CG  . ASN A 1 120 ? 13.445  -3.417  8.212   1.00 24.75 ? 147 ASN A CG  1 
ATOM   834  O  OD1 . ASN A 1 120 ? 13.572  -2.339  7.621   1.00 22.36 ? 147 ASN A OD1 1 
ATOM   835  N  ND2 . ASN A 1 120 ? 14.410  -4.331  8.247   1.00 24.49 ? 147 ASN A ND2 1 
ATOM   836  N  N   . THR A 1 121 ? 9.027   -2.344  10.124  1.00 17.34 ? 148 THR A N   1 
ATOM   837  C  CA  . THR A 1 121 ? 7.581   -2.327  9.945   1.00 19.80 ? 148 THR A CA  1 
ATOM   838  C  C   . THR A 1 121 ? 7.211   -1.315  8.868   1.00 17.87 ? 148 THR A C   1 
ATOM   839  O  O   . THR A 1 121 ? 7.727   -0.195  8.850   1.00 18.03 ? 148 THR A O   1 
ATOM   840  C  CB  . THR A 1 121 ? 6.876   -1.950  11.250  1.00 18.80 ? 148 THR A CB  1 
ATOM   841  O  OG1 . THR A 1 121 ? 7.251   -2.856  12.298  1.00 18.74 ? 148 THR A OG1 1 
ATOM   842  C  CG2 . THR A 1 121 ? 5.356   -1.975  11.066  1.00 18.12 ? 148 THR A CG2 1 
ATOM   843  N  N   . SER A 1 122 ? 6.321   -1.716  7.965   1.00 17.96 ? 149 SER A N   1 
ATOM   844  C  CA  . SER A 1 122 ? 5.761   -0.785  6.992   1.00 19.15 ? 149 SER A CA  1 
ATOM   845  C  C   . SER A 1 122 ? 4.790   0.177   7.660   1.00 16.78 ? 149 SER A C   1 
ATOM   846  O  O   . SER A 1 122 ? 3.918   -0.232  8.432   1.00 19.90 ? 149 SER A O   1 
ATOM   847  C  CB  . SER A 1 122 ? 5.012   -1.537  5.885   1.00 21.53 ? 149 SER A CB  1 
ATOM   848  O  OG  . SER A 1 122 ? 5.872   -2.379  5.150   1.00 20.19 ? 149 SER A OG  1 
ATOM   849  N  N   . ALA A 1 123 ? 4.907   1.457   7.330   1.00 18.03 ? 150 ALA A N   1 
ATOM   850  C  CA  . ALA A 1 123 ? 3.856   2.395   7.696   1.00 19.82 ? 150 ALA A CA  1 
ATOM   851  C  C   . ALA A 1 123 ? 2.613   2.104   6.866   1.00 19.25 ? 150 ALA A C   1 
ATOM   852  O  O   . ALA A 1 123 ? 2.720   1.744   5.690   1.00 17.36 ? 150 ALA A O   1 
ATOM   853  C  CB  . ALA A 1 123 ? 4.313   3.837   7.463   1.00 19.71 ? 150 ALA A CB  1 
ATOM   854  N  N   . ASP A 1 124 ? 1.431   2.249   7.481   1.00 17.81 ? 151 ASP A N   1 
ATOM   855  C  CA  . ASP A 1 124 ? 0.193   2.193   6.706   1.00 19.91 ? 151 ASP A CA  1 
ATOM   856  C  C   . ASP A 1 124 ? 0.274   3.193   5.566   1.00 20.52 ? 151 ASP A C   1 
ATOM   857  O  O   . ASP A 1 124 ? 0.772   4.308   5.740   1.00 18.23 ? 151 ASP A O   1 
ATOM   858  C  CB  . ASP A 1 124 ? -1.040  2.537   7.552   1.00 19.64 ? 151 ASP A CB  1 
ATOM   859  C  CG  . ASP A 1 124 ? -1.419  1.463   8.544   1.00 23.33 ? 151 ASP A CG  1 
ATOM   860  O  OD1 . ASP A 1 124 ? -0.811  0.370   8.547   1.00 21.87 ? 151 ASP A OD1 1 
ATOM   861  O  OD2 . ASP A 1 124 ? -2.363  1.725   9.332   1.00 24.31 ? 151 ASP A OD2 1 
ATOM   862  N  N   . PHE A 1 125 ? -0.213  2.798   4.394   1.00 16.53 ? 152 PHE A N   1 
ATOM   863  C  CA  . PHE A 1 125 ? -0.294  3.745   3.297   1.00 18.45 ? 152 PHE A CA  1 
ATOM   864  C  C   . PHE A 1 125 ? -1.569  3.477   2.507   1.00 19.45 ? 152 PHE A C   1 
ATOM   865  O  O   . PHE A 1 125 ? -2.104  2.363   2.511   1.00 15.79 ? 152 PHE A O   1 
ATOM   866  C  CB  . PHE A 1 125 ? 0.968   3.698   2.408   1.00 18.30 ? 152 PHE A CB  1 
ATOM   867  C  CG  . PHE A 1 125 ? 1.008   2.549   1.439   1.00 16.51 ? 152 PHE A CG  1 
ATOM   868  C  CD1 . PHE A 1 125 ? 1.584   1.341   1.793   1.00 18.63 ? 152 PHE A CD1 1 
ATOM   869  C  CD2 . PHE A 1 125 ? 0.479   2.687   0.156   1.00 19.24 ? 152 PHE A CD2 1 
ATOM   870  C  CE1 . PHE A 1 125 ? 1.633   0.290   0.883   1.00 16.51 ? 152 PHE A CE1 1 
ATOM   871  C  CE2 . PHE A 1 125 ? 0.516   1.630   -0.761  1.00 17.27 ? 152 PHE A CE2 1 
ATOM   872  C  CZ  . PHE A 1 125 ? 1.087   0.437   -0.399  1.00 17.22 ? 152 PHE A CZ  1 
ATOM   873  N  N   . TRP A 1 126 ? -2.090  4.521   1.872   1.00 16.41 ? 153 TRP A N   1 
ATOM   874  C  CA  . TRP A 1 126 ? -3.274  4.325   1.063   1.00 16.52 ? 153 TRP A CA  1 
ATOM   875  C  C   . TRP A 1 126 ? -2.995  4.740   -0.373  1.00 15.50 ? 153 TRP A C   1 
ATOM   876  O  O   . TRP A 1 126 ? -2.026  5.448   -0.673  1.00 16.80 ? 153 TRP A O   1 
ATOM   877  C  CB  . TRP A 1 126 ? -4.507  5.038   1.658   1.00 17.33 ? 153 TRP A CB  1 
ATOM   878  C  CG  . TRP A 1 126 ? -4.433  6.532   1.914   1.00 17.55 ? 153 TRP A CG  1 
ATOM   879  C  CD1 . TRP A 1 126 ? -4.949  7.526   1.128   1.00 20.08 ? 153 TRP A CD1 1 
ATOM   880  C  CD2 . TRP A 1 126 ? -3.882  7.176   3.061   1.00 19.21 ? 153 TRP A CD2 1 
ATOM   881  N  NE1 . TRP A 1 126 ? -4.725  8.750   1.706   1.00 20.69 ? 153 TRP A NE1 1 
ATOM   882  C  CE2 . TRP A 1 126 ? -4.068  8.564   2.893   1.00 21.95 ? 153 TRP A CE2 1 
ATOM   883  C  CE3 . TRP A 1 126 ? -3.231  6.715   4.213   1.00 23.43 ? 153 TRP A CE3 1 
ATOM   884  C  CZ2 . TRP A 1 126 ? -3.626  9.501   3.835   1.00 22.89 ? 153 TRP A CZ2 1 
ATOM   885  C  CZ3 . TRP A 1 126 ? -2.786  7.653   5.150   1.00 26.23 ? 153 TRP A CZ3 1 
ATOM   886  C  CH2 . TRP A 1 126 ? -2.990  9.025   4.953   1.00 26.48 ? 153 TRP A CH2 1 
ATOM   887  N  N   . LEU A 1 127 ? -3.848  4.240   -1.260  1.00 14.89 ? 154 LEU A N   1 
ATOM   888  C  CA  . LEU A 1 127 ? -3.627  4.282   -2.700  1.00 15.61 ? 154 LEU A CA  1 
ATOM   889  C  C   . LEU A 1 127 ? -4.930  4.701   -3.363  1.00 17.43 ? 154 LEU A C   1 
ATOM   890  O  O   . LEU A 1 127 ? -5.961  4.043   -3.167  1.00 17.67 ? 154 LEU A O   1 
ATOM   891  C  CB  . LEU A 1 127 ? -3.176  2.902   -3.209  1.00 15.63 ? 154 LEU A CB  1 
ATOM   892  C  CG  . LEU A 1 127 ? -3.208  2.665   -4.721  1.00 16.94 ? 154 LEU A CG  1 
ATOM   893  C  CD1 . LEU A 1 127 ? -2.198  3.581   -5.398  1.00 15.86 ? 154 LEU A CD1 1 
ATOM   894  C  CD2 . LEU A 1 127 ? -2.935  1.188   -5.057  1.00 15.37 ? 154 LEU A CD2 1 
ATOM   895  N  N   . THR A 1 128 ? -4.889  5.774   -4.154  1.00 15.40 ? 155 THR A N   1 
ATOM   896  C  CA  . THR A 1 128 ? -6.089  6.360   -4.760  1.00 15.86 ? 155 THR A CA  1 
ATOM   897  C  C   . THR A 1 128 ? -6.107  5.990   -6.240  1.00 16.35 ? 155 THR A C   1 
ATOM   898  O  O   . THR A 1 128 ? -5.353  6.548   -7.041  1.00 16.80 ? 155 THR A O   1 
ATOM   899  C  CB  . THR A 1 128 ? -6.119  7.880   -4.560  1.00 16.11 ? 155 THR A CB  1 
ATOM   900  O  OG1 . THR A 1 128 ? -4.958  8.471   -5.163  1.00 15.19 ? 155 THR A OG1 1 
ATOM   901  C  CG2 . THR A 1 128 ? -6.137  8.214   -3.085  1.00 14.27 ? 155 THR A CG2 1 
ATOM   902  N  N   . LEU A 1 129 ? -6.964  5.042   -6.600  1.00 17.08 ? 156 LEU A N   1 
ATOM   903  C  CA  . LEU A 1 129 ? -7.029  4.569   -7.965  1.00 16.16 ? 156 LEU A CA  1 
ATOM   904  C  C   . LEU A 1 129 ? -7.962  5.487   -8.777  1.00 18.21 ? 156 LEU A C   1 
ATOM   905  O  O   . LEU A 1 129 ? -8.794  6.168   -8.194  1.00 16.81 ? 156 LEU A O   1 
ATOM   906  C  CB  . LEU A 1 129 ? -7.503  3.112   -7.991  1.00 19.68 ? 156 LEU A CB  1 
ATOM   907  C  CG  . LEU A 1 129 ? -6.525  2.097   -7.380  1.00 18.55 ? 156 LEU A CG  1 
ATOM   908  C  CD1 . LEU A 1 129 ? -6.950  0.660   -7.721  1.00 16.38 ? 156 LEU A CD1 1 
ATOM   909  C  CD2 . LEU A 1 129 ? -5.088  2.361   -7.824  1.00 14.05 ? 156 LEU A CD2 1 
ATOM   910  N  N   . PRO A 1 130 ? -7.800  5.522   -10.115 1.00 19.98 ? 157 PRO A N   1 
ATOM   911  C  CA  . PRO A 1 130 ? -6.754  4.807   -10.866 1.00 17.74 ? 157 PRO A CA  1 
ATOM   912  C  C   . PRO A 1 130 ? -5.392  5.465   -10.734 1.00 19.48 ? 157 PRO A C   1 
ATOM   913  O  O   . PRO A 1 130 ? -5.296  6.688   -10.644 1.00 20.29 ? 157 PRO A O   1 
ATOM   914  C  CB  . PRO A 1 130 ? -7.256  4.883   -12.313 1.00 21.20 ? 157 PRO A CB  1 
ATOM   915  C  CG  . PRO A 1 130 ? -8.035  6.180   -12.347 1.00 21.45 ? 157 PRO A CG  1 
ATOM   916  C  CD  . PRO A 1 130 ? -8.728  6.236   -11.014 1.00 19.27 ? 157 PRO A CD  1 
ATOM   917  N  N   . ALA A 1 131 ? -4.338  4.661   -10.696 1.00 19.74 ? 158 ALA A N   1 
ATOM   918  C  CA  . ALA A 1 131 ? -2.980  5.181   -10.642 1.00 18.71 ? 158 ALA A CA  1 
ATOM   919  C  C   . ALA A 1 131 ? -2.348  5.116   -12.028 1.00 19.14 ? 158 ALA A C   1 
ATOM   920  O  O   . ALA A 1 131 ? -2.828  4.415   -12.923 1.00 21.47 ? 158 ALA A O   1 
ATOM   921  C  CB  . ALA A 1 131 ? -2.132  4.391   -9.631  1.00 16.21 ? 158 ALA A CB  1 
ATOM   922  N  N   . LYS A 1 132 ? -1.271  5.873   -12.201 1.00 19.01 ? 159 LYS A N   1 
ATOM   923  C  CA  . LYS A 1 132 ? -0.454  5.746   -13.398 1.00 23.14 ? 159 LYS A CA  1 
ATOM   924  C  C   . LYS A 1 132 ? 0.187   4.369   -13.433 1.00 22.49 ? 159 LYS A C   1 
ATOM   925  O  O   . LYS A 1 132 ? 0.783   3.936   -12.443 1.00 21.70 ? 159 LYS A O   1 
ATOM   926  C  CB  . LYS A 1 132 ? 0.640   6.809   -13.419 1.00 24.90 ? 159 LYS A CB  1 
ATOM   927  C  CG  . LYS A 1 132 ? 0.175   8.236   -13.650 1.00 26.39 ? 159 LYS A CG  1 
ATOM   928  C  CD  . LYS A 1 132 ? 1.377   9.160   -13.515 1.00 26.37 ? 159 LYS A CD  1 
ATOM   929  C  CE  . LYS A 1 132 ? 1.015   10.594  -13.784 1.00 32.44 ? 159 LYS A CE  1 
ATOM   930  N  NZ  . LYS A 1 132 ? 2.250   11.409  -13.817 1.00 32.24 ? 159 LYS A NZ  1 
ATOM   931  N  N   . ALA A 1 133 ? 0.068   3.679   -14.568 1.00 23.64 ? 160 ALA A N   1 
ATOM   932  C  CA  . ALA A 1 133 ? 0.622   2.342   -14.731 1.00 25.22 ? 160 ALA A CA  1 
ATOM   933  C  C   . ALA A 1 133 ? 1.920   2.395   -15.534 1.00 27.03 ? 160 ALA A C   1 
ATOM   934  O  O   . ALA A 1 133 ? 2.092   3.242   -16.411 1.00 25.99 ? 160 ALA A O   1 
ATOM   935  C  CB  . ALA A 1 133 ? -0.382  1.416   -15.433 1.00 22.13 ? 160 ALA A CB  1 
ATOM   936  N  N   . ALA A 1 134 ? 2.829   1.467   -15.243 1.00 25.35 ? 161 ALA A N   1 
ATOM   937  C  CA  . ALA A 1 134 ? 4.041   1.365   -16.044 1.00 26.57 ? 161 ALA A CA  1 
ATOM   938  C  C   . ALA A 1 134 ? 3.710   0.771   -17.411 1.00 29.48 ? 161 ALA A C   1 
ATOM   939  O  O   . ALA A 1 134 ? 2.583   0.353   -17.685 1.00 25.90 ? 161 ALA A O   1 
ATOM   940  C  CB  . ALA A 1 134 ? 5.096   0.521   -15.331 1.00 26.91 ? 161 ALA A CB  1 
ATOM   941  N  N   . ALA A 1 135 ? 4.728   0.713   -18.274 1.00 34.09 ? 162 ALA A N   1 
ATOM   942  C  CA  . ALA A 1 135 ? 4.548   0.155   -19.612 1.00 30.26 ? 162 ALA A CA  1 
ATOM   943  C  C   . ALA A 1 135 ? 4.046   -1.285  -19.561 1.00 33.79 ? 162 ALA A C   1 
ATOM   944  O  O   . ALA A 1 135 ? 3.224   -1.687  -20.394 1.00 34.72 ? 162 ALA A O   1 
ATOM   945  C  CB  . ALA A 1 135 ? 5.856   0.236   -20.394 1.00 32.20 ? 162 ALA A CB  1 
ATOM   946  N  N   . ASP A 1 136 ? 4.517   -2.077  -18.589 1.00 29.54 ? 163 ASP A N   1 
ATOM   947  C  CA  . ASP A 1 136 ? 4.030   -3.451  -18.467 1.00 27.32 ? 163 ASP A CA  1 
ATOM   948  C  C   . ASP A 1 136 ? 2.594   -3.541  -17.950 1.00 30.03 ? 163 ASP A C   1 
ATOM   949  O  O   . ASP A 1 136 ? 2.088   -4.656  -17.776 1.00 29.93 ? 163 ASP A O   1 
ATOM   950  C  CB  . ASP A 1 136 ? 4.967   -4.269  -17.571 1.00 29.51 ? 163 ASP A CB  1 
ATOM   951  C  CG  . ASP A 1 136 ? 5.121   -3.682  -16.166 1.00 28.88 ? 163 ASP A CG  1 
ATOM   952  O  OD1 . ASP A 1 136 ? 4.263   -2.891  -15.726 1.00 26.19 ? 163 ASP A OD1 1 
ATOM   953  O  OD2 . ASP A 1 136 ? 6.101   -4.038  -15.481 1.00 29.03 ? 163 ASP A OD2 1 
ATOM   954  N  N   . GLY A 1 137 ? 1.931   -2.411  -17.696 1.00 29.95 ? 164 GLY A N   1 
ATOM   955  C  CA  . GLY A 1 137 ? 0.565   -2.397  -17.213 1.00 27.95 ? 164 GLY A CA  1 
ATOM   956  C  C   . GLY A 1 137 ? 0.382   -2.525  -15.711 1.00 28.85 ? 164 GLY A C   1 
ATOM   957  O  O   . GLY A 1 137 ? -0.764  -2.607  -15.257 1.00 26.93 ? 164 GLY A O   1 
ATOM   958  N  N   . ASN A 1 138 ? 1.459   -2.556  -14.923 1.00 23.12 ? 165 ASN A N   1 
ATOM   959  C  CA  . ASN A 1 138 ? 1.338   -2.726  -13.481 1.00 20.75 ? 165 ASN A CA  1 
ATOM   960  C  C   . ASN A 1 138 ? 1.427   -1.384  -12.764 1.00 21.01 ? 165 ASN A C   1 
ATOM   961  O  O   . ASN A 1 138 ? 2.005   -0.424  -13.274 1.00 20.82 ? 165 ASN A O   1 
ATOM   962  C  CB  . ASN A 1 138 ? 2.414   -3.663  -12.941 1.00 20.81 ? 165 ASN A CB  1 
ATOM   963  C  CG  . ASN A 1 138 ? 2.272   -5.080  -13.476 1.00 22.88 ? 165 ASN A CG  1 
ATOM   964  O  OD1 . ASN A 1 138 ? 1.166   -5.607  -13.588 1.00 22.55 ? 165 ASN A OD1 1 
ATOM   965  N  ND2 . ASN A 1 138 ? 3.392   -5.696  -13.806 1.00 24.22 ? 165 ASN A ND2 1 
ATOM   966  N  N   . VAL A 1 139 ? 0.835   -1.333  -11.577 1.00 20.49 ? 166 VAL A N   1 
ATOM   967  C  CA  . VAL A 1 139 ? 0.941   -0.190  -10.676 1.00 19.09 ? 166 VAL A CA  1 
ATOM   968  C  C   . VAL A 1 139 ? 1.894   -0.588  -9.555  1.00 20.63 ? 166 VAL A C   1 
ATOM   969  O  O   . VAL A 1 139 ? 1.626   -1.548  -8.820  1.00 18.82 ? 166 VAL A O   1 
ATOM   970  C  CB  . VAL A 1 139 ? -0.439  0.218   -10.133 1.00 17.48 ? 166 VAL A CB  1 
ATOM   971  C  CG1 . VAL A 1 139 ? -0.317  1.277   -9.023  1.00 14.67 ? 166 VAL A CG1 1 
ATOM   972  C  CG2 . VAL A 1 139 ? -1.311  0.720   -11.272 1.00 17.07 ? 166 VAL A CG2 1 
ATOM   973  N  N   . TYR A 1 140 ? 3.012   0.132   -9.429  1.00 19.55 ? 167 TYR A N   1 
ATOM   974  C  CA  . TYR A 1 140 ? 4.086   -0.253  -8.521  1.00 19.38 ? 167 TYR A CA  1 
ATOM   975  C  C   . TYR A 1 140 ? 4.043   0.614   -7.269  1.00 19.35 ? 167 TYR A C   1 
ATOM   976  O  O   . TYR A 1 140 ? 4.140   1.842   -7.355  1.00 18.89 ? 167 TYR A O   1 
ATOM   977  C  CB  . TYR A 1 140 ? 5.453   -0.152  -9.206  1.00 21.03 ? 167 TYR A CB  1 
ATOM   978  C  CG  . TYR A 1 140 ? 5.672   -1.246  -10.226 1.00 24.54 ? 167 TYR A CG  1 
ATOM   979  C  CD1 . TYR A 1 140 ? 6.215   -2.475  -9.856  1.00 22.67 ? 167 TYR A CD1 1 
ATOM   980  C  CD2 . TYR A 1 140 ? 5.302   -1.065  -11.557 1.00 24.35 ? 167 TYR A CD2 1 
ATOM   981  C  CE1 . TYR A 1 140 ? 6.403   -3.493  -10.785 1.00 25.02 ? 167 TYR A CE1 1 
ATOM   982  C  CE2 . TYR A 1 140 ? 5.490   -2.082  -12.499 1.00 25.90 ? 167 TYR A CE2 1 
ATOM   983  C  CZ  . TYR A 1 140 ? 6.038   -3.292  -12.107 1.00 25.40 ? 167 TYR A CZ  1 
ATOM   984  O  OH  . TYR A 1 140 ? 6.213   -4.293  -13.036 1.00 23.37 ? 167 TYR A OH  1 
ATOM   985  N  N   . VAL A 1 141 ? 3.906   -0.032  -6.113  1.00 17.58 ? 168 VAL A N   1 
ATOM   986  C  CA  . VAL A 1 141 ? 3.940   0.642   -4.822  1.00 21.74 ? 168 VAL A CA  1 
ATOM   987  C  C   . VAL A 1 141 ? 5.089   0.068   -4.002  1.00 23.19 ? 168 VAL A C   1 
ATOM   988  O  O   . VAL A 1 141 ? 5.433   -1.116  -4.114  1.00 19.16 ? 168 VAL A O   1 
ATOM   989  C  CB  . VAL A 1 141 ? 2.601   0.515   -4.059  1.00 19.07 ? 168 VAL A CB  1 
ATOM   990  C  CG1 . VAL A 1 141 ? 1.470   1.179   -4.849  1.00 15.62 ? 168 VAL A CG1 1 
ATOM   991  C  CG2 . VAL A 1 141 ? 2.295   -0.948  -3.764  1.00 17.94 ? 168 VAL A CG2 1 
ATOM   992  N  N   . TYR A 1 142 ? 5.683   0.931   -3.170  1.00 18.51 ? 169 TYR A N   1 
ATOM   993  C  CA  . TYR A 1 142 ? 6.852   0.603   -2.353  1.00 20.92 ? 169 TYR A CA  1 
ATOM   994  C  C   . TYR A 1 142 ? 6.618   1.122   -0.942  1.00 21.46 ? 169 TYR A C   1 
ATOM   995  O  O   . TYR A 1 142 ? 6.928   2.283   -0.637  1.00 20.83 ? 169 TYR A O   1 
ATOM   996  C  CB  . TYR A 1 142 ? 8.124   1.206   -2.949  1.00 22.74 ? 169 TYR A CB  1 
ATOM   997  C  CG  . TYR A 1 142 ? 8.345   0.784   -4.383  1.00 23.87 ? 169 TYR A CG  1 
ATOM   998  C  CD1 . TYR A 1 142 ? 9.009   -0.396  -4.678  1.00 22.45 ? 169 TYR A CD1 1 
ATOM   999  C  CD2 . TYR A 1 142 ? 7.862   1.554   -5.441  1.00 26.63 ? 169 TYR A CD2 1 
ATOM   1000 C  CE1 . TYR A 1 142 ? 9.202   -0.805  -5.992  1.00 25.98 ? 169 TYR A CE1 1 
ATOM   1001 C  CE2 . TYR A 1 142 ? 8.053   1.163   -6.757  1.00 23.89 ? 169 TYR A CE2 1 
ATOM   1002 C  CZ  . TYR A 1 142 ? 8.723   -0.021  -7.028  1.00 28.96 ? 169 TYR A CZ  1 
ATOM   1003 O  OH  . TYR A 1 142 ? 8.917   -0.421  -8.335  1.00 30.25 ? 169 TYR A OH  1 
ATOM   1004 N  N   . PRO A 1 143 ? 6.044   0.308   -0.063  1.00 19.76 ? 170 PRO A N   1 
ATOM   1005 C  CA  . PRO A 1 143 ? 5.765   0.778   1.296   1.00 20.54 ? 170 PRO A CA  1 
ATOM   1006 C  C   . PRO A 1 143 ? 7.032   1.243   1.996   1.00 20.47 ? 170 PRO A C   1 
ATOM   1007 O  O   . PRO A 1 143 ? 8.085   0.602   1.913   1.00 19.37 ? 170 PRO A O   1 
ATOM   1008 C  CB  . PRO A 1 143 ? 5.154   -0.447  1.985   1.00 19.44 ? 170 PRO A CB  1 
ATOM   1009 C  CG  . PRO A 1 143 ? 5.455   -1.613  1.052   1.00 21.39 ? 170 PRO A CG  1 
ATOM   1010 C  CD  . PRO A 1 143 ? 5.469   -1.022  -0.311  1.00 19.84 ? 170 PRO A CD  1 
ATOM   1011 N  N   . LYS A 1 144 ? 6.922   2.385   2.668   1.00 20.66 ? 171 LYS A N   1 
ATOM   1012 C  CA  . LYS A 1 144 ? 8.020   2.924   3.455   1.00 20.60 ? 171 LYS A CA  1 
ATOM   1013 C  C   . LYS A 1 144 ? 7.988   2.354   4.865   1.00 22.40 ? 171 LYS A C   1 
ATOM   1014 O  O   . LYS A 1 144 ? 6.931   1.983   5.387   1.00 20.39 ? 171 LYS A O   1 
ATOM   1015 C  CB  . LYS A 1 144 ? 7.946   4.451   3.511   1.00 22.93 ? 171 LYS A CB  1 
ATOM   1016 C  CG  . LYS A 1 144 ? 7.940   5.107   2.146   1.00 28.50 ? 171 LYS A CG  1 
ATOM   1017 C  CD  . LYS A 1 144 ? 7.867   6.617   2.249   1.00 32.33 ? 171 LYS A CD  1 
ATOM   1018 C  CE  . LYS A 1 144 ? 7.879   7.226   0.859   1.00 45.17 ? 171 LYS A CE  1 
ATOM   1019 N  NZ  . LYS A 1 144 ? 8.103   8.697   0.869   1.00 50.42 ? 171 LYS A NZ  1 
ATOM   1020 N  N   . ASN A 1 145 ? 9.164   2.297   5.487   1.00 19.92 ? 172 ASN A N   1 
ATOM   1021 C  CA  . ASN A 1 145 ? 9.245   1.907   6.883   1.00 20.15 ? 172 ASN A CA  1 
ATOM   1022 C  C   . ASN A 1 145 ? 8.669   3.007   7.761   1.00 21.63 ? 172 ASN A C   1 
ATOM   1023 O  O   . ASN A 1 145 ? 8.560   4.166   7.357   1.00 22.13 ? 172 ASN A O   1 
ATOM   1024 C  CB  . ASN A 1 145 ? 10.695  1.618   7.280   1.00 20.29 ? 172 ASN A CB  1 
ATOM   1025 C  CG  . ASN A 1 145 ? 11.238  0.371   6.614   1.00 26.31 ? 172 ASN A CG  1 
ATOM   1026 O  OD1 . ASN A 1 145 ? 10.529  -0.626  6.453   1.00 22.83 ? 172 ASN A OD1 1 
ATOM   1027 N  ND2 . ASN A 1 145 ? 12.500  0.423   6.208   1.00 32.11 ? 172 ASN A ND2 1 
ATOM   1028 N  N   . VAL A 1 146 ? 8.296   2.629   8.986   1.00 22.17 ? 173 VAL A N   1 
ATOM   1029 C  CA  . VAL A 1 146 ? 7.728   3.607   9.904   1.00 20.25 ? 173 VAL A CA  1 
ATOM   1030 C  C   . VAL A 1 146 ? 8.721   4.742   10.159  1.00 20.78 ? 173 VAL A C   1 
ATOM   1031 O  O   . VAL A 1 146 ? 9.946   4.553   10.161  1.00 22.18 ? 173 VAL A O   1 
ATOM   1032 C  CB  . VAL A 1 146 ? 7.300   2.948   11.225  1.00 17.95 ? 173 VAL A CB  1 
ATOM   1033 C  CG1 . VAL A 1 146 ? 6.026   2.128   11.022  1.00 19.71 ? 173 VAL A CG1 1 
ATOM   1034 C  CG2 . VAL A 1 146 ? 8.449   2.074   11.795  1.00 20.02 ? 173 VAL A CG2 1 
ATOM   1035 N  N   . GLN A 1 147 ? 8.173   5.938   10.369  1.00 23.03 ? 174 GLN A N   1 
ATOM   1036 C  CA  . GLN A 1 147 ? 8.988   7.116   10.649  1.00 24.48 ? 174 GLN A CA  1 
ATOM   1037 C  C   . GLN A 1 147 ? 9.813   6.939   11.914  1.00 22.92 ? 174 GLN A C   1 
ATOM   1038 O  O   . GLN A 1 147 ? 10.956  7.402   11.996  1.00 22.85 ? 174 GLN A O   1 
ATOM   1039 C  CB  . GLN A 1 147 ? 8.086   8.345   10.787  1.00 27.18 ? 174 GLN A CB  1 
ATOM   1040 C  CG  . GLN A 1 147 ? 7.533   8.868   9.484   1.00 37.47 ? 174 GLN A CG  1 
ATOM   1041 C  CD  . GLN A 1 147 ? 8.620   9.409   8.584   1.00 43.36 ? 174 GLN A CD  1 
ATOM   1042 O  OE1 . GLN A 1 147 ? 9.456   10.210  9.013   1.00 47.26 ? 174 GLN A OE1 1 
ATOM   1043 N  NE2 . GLN A 1 147 ? 8.620   8.972   7.328   1.00 47.07 ? 174 GLN A NE2 1 
ATOM   1044 N  N   . LYS A 1 148 ? 9.241   6.297   12.924  1.00 22.26 ? 175 LYS A N   1 
ATOM   1045 C  CA  . LYS A 1 148 ? 9.938   6.110   14.185  1.00 21.64 ? 175 LYS A CA  1 
ATOM   1046 C  C   . LYS A 1 148 ? 9.405   4.853   14.854  1.00 20.80 ? 175 LYS A C   1 
ATOM   1047 O  O   . LYS A 1 148 ? 8.356   4.320   14.481  1.00 19.10 ? 175 LYS A O   1 
ATOM   1048 C  CB  . LYS A 1 148 ? 9.766   7.324   15.097  1.00 21.84 ? 175 LYS A CB  1 
ATOM   1049 C  CG  . LYS A 1 148 ? 8.307   7.760   15.275  1.00 23.24 ? 175 LYS A CG  1 
ATOM   1050 C  CD  . LYS A 1 148 ? 8.216   8.972   16.243  1.00 28.63 ? 175 LYS A CD  1 
ATOM   1051 C  CE  . LYS A 1 148 ? 6.784   9.490   16.377  1.00 31.13 ? 175 LYS A CE  1 
ATOM   1052 N  NZ  . LYS A 1 148 ? 5.771   8.417   16.691  1.00 29.33 ? 175 LYS A NZ  1 
ATOM   1053 N  N   . THR A 1 149 ? 10.141  4.389   15.862  1.00 19.60 ? 176 THR A N   1 
ATOM   1054 C  CA  . THR A 1 149 ? 9.743   3.228   16.642  1.00 20.50 ? 176 THR A CA  1 
ATOM   1055 C  C   . THR A 1 149 ? 9.305   3.586   18.056  1.00 19.72 ? 176 THR A C   1 
ATOM   1056 O  O   . THR A 1 149 ? 9.098   2.678   18.864  1.00 18.81 ? 176 THR A O   1 
ATOM   1057 C  CB  . THR A 1 149 ? 10.874  2.201   16.697  1.00 18.66 ? 176 THR A CB  1 
ATOM   1058 O  OG1 . THR A 1 149 ? 12.095  2.861   17.048  1.00 19.54 ? 176 THR A OG1 1 
ATOM   1059 C  CG2 . THR A 1 149 ? 11.024  1.486   15.340  1.00 17.54 ? 176 THR A CG2 1 
ATOM   1060 N  N   . THR A 1 150 ? 9.166   4.874   18.380  1.00 19.08 ? 177 THR A N   1 
ATOM   1061 C  CA  . THR A 1 150 ? 8.578   5.284   19.646  1.00 18.50 ? 177 THR A CA  1 
ATOM   1062 C  C   . THR A 1 150 ? 7.255   5.979   19.377  1.00 20.00 ? 177 THR A C   1 
ATOM   1063 O  O   . THR A 1 150 ? 7.086   6.639   18.351  1.00 21.24 ? 177 THR A O   1 
ATOM   1064 C  CB  . THR A 1 150 ? 9.508   6.213   20.438  1.00 22.64 ? 177 THR A CB  1 
ATOM   1065 O  OG1 . THR A 1 150 ? 9.858   7.341   19.629  1.00 19.77 ? 177 THR A OG1 1 
ATOM   1066 C  CG2 . THR A 1 150 ? 10.780  5.464   20.862  1.00 20.35 ? 177 THR A CG2 1 
ATOM   1067 N  N   . TYR A 1 151 ? 6.310   5.805   20.277  1.00 19.47 ? 178 TYR A N   1 
ATOM   1068 C  CA  . TYR A 1 151 ? 4.969   6.289   20.116  1.00 22.09 ? 178 TYR A CA  1 
ATOM   1069 C  C   . TYR A 1 151 ? 4.324   6.762   21.430  1.00 24.11 ? 178 TYR A C   1 
ATOM   1070 O  O   . TYR A 1 151 ? 4.595   6.254   22.465  1.00 18.57 ? 178 TYR A O   1 
ATOM   1071 C  CB  . TYR A 1 151 ? 4.097   5.174   19.564  1.00 19.39 ? 178 TYR A CB  1 
ATOM   1072 C  CG  . TYR A 1 151 ? 4.517   4.565   18.250  1.00 22.49 ? 178 TYR A CG  1 
ATOM   1073 C  CD1 . TYR A 1 151 ? 3.972   4.995   17.077  1.00 20.45 ? 178 TYR A CD1 1 
ATOM   1074 C  CD2 . TYR A 1 151 ? 5.430   3.549   18.197  1.00 19.88 ? 178 TYR A CD2 1 
ATOM   1075 C  CE1 . TYR A 1 151 ? 4.329   4.445   15.886  1.00 24.37 ? 178 TYR A CE1 1 
ATOM   1076 C  CE2 . TYR A 1 151 ? 5.768   2.971   17.006  1.00 19.41 ? 178 TYR A CE2 1 
ATOM   1077 C  CZ  . TYR A 1 151 ? 5.207   3.427   15.855  1.00 20.23 ? 178 TYR A CZ  1 
ATOM   1078 O  OH  . TYR A 1 151 ? 5.523   2.921   14.679  1.00 18.10 ? 178 TYR A OH  1 
ATOM   1079 N  N   . GLU A 1 152 ? 3.407   7.689   21.304  1.00 22.90 ? 179 GLU A N   1 
ATOM   1080 C  CA  . GLU A 1 152 ? 2.554   8.087   22.386  1.00 25.87 ? 179 GLU A CA  1 
ATOM   1081 C  C   . GLU A 1 152 ? 1.107   8.137   21.969  1.00 30.36 ? 179 GLU A C   1 
ATOM   1082 O  O   . GLU A 1 152 ? 0.792   8.123   20.813  1.00 33.83 ? 179 GLU A O   1 
ATOM   1083 C  CB  . GLU A 1 152 ? 2.891   9.444   22.918  1.00 28.47 ? 179 GLU A CB  1 
ATOM   1084 C  CG  . GLU A 1 152 ? 4.312   9.723   23.169  1.00 29.02 ? 179 GLU A CG  1 
ATOM   1085 C  CD  . GLU A 1 152 ? 4.530   11.147  23.612  1.00 37.05 ? 179 GLU A CD  1 
ATOM   1086 O  OE1 . GLU A 1 152 ? 3.580   11.906  23.791  1.00 37.07 ? 179 GLU A OE1 1 
ATOM   1087 O  OE2 . GLU A 1 152 ? 5.675   11.496  23.806  1.00 41.41 ? 179 GLU A OE2 1 
ATOM   1088 N  N   . ARG A 1 153 ? 0.259   8.121   22.969  1.00 30.00 ? 180 ARG A N   1 
ATOM   1089 C  CA  . ARG A 1 153 ? -1.133  8.551   22.949  1.00 30.00 ? 180 ARG A CA  1 
ATOM   1090 C  C   . ARG A 1 153 ? -2.088  7.403   23.051  1.00 30.00 ? 180 ARG A C   1 
ATOM   1091 O  O   . ARG A 1 153 ? -3.275  7.602   23.068  1.00 30.00 ? 180 ARG A O   1 
ATOM   1092 C  CB  . ARG A 1 153 ? -1.476  9.466   21.771  1.00 20.00 ? 180 ARG A CB  1 
HETATM 1093 NA NA  . NA  B 2 .   ? -1.292  -12.228 -5.754  1.00 25.93 ? 201 NA  A NA  1 
HETATM 1094 O  O   . HOH C 3 .   ? -4.406  -7.801  -12.393 1.00 35.43 ? 301 HOH A O   1 
HETATM 1095 O  O   . HOH C 3 .   ? -2.872  -2.693  -14.305 1.00 29.35 ? 302 HOH A O   1 
HETATM 1096 O  O   . HOH C 3 .   ? -5.615  -6.235  9.451   1.00 27.56 ? 303 HOH A O   1 
HETATM 1097 O  O   . HOH C 3 .   ? -7.866  -12.542 2.098   1.00 31.51 ? 304 HOH A O   1 
HETATM 1098 O  O   . HOH C 3 .   ? 9.033   -0.640  3.871   1.00 26.11 ? 305 HOH A O   1 
HETATM 1099 O  O   . HOH C 3 .   ? 3.778   14.228  24.732  1.00 28.22 ? 306 HOH A O   1 
HETATM 1100 O  O   . HOH C 3 .   ? -10.496 -10.623 -2.032  1.00 28.58 ? 307 HOH A O   1 
HETATM 1101 O  O   . HOH C 3 .   ? 8.278   -5.930  9.291   1.00 16.80 ? 308 HOH A O   1 
HETATM 1102 O  O   . HOH C 3 .   ? 17.978  -3.972  -4.004  1.00 36.24 ? 309 HOH A O   1 
HETATM 1103 O  O   . HOH C 3 .   ? 4.666   4.068   -5.925  1.00 19.91 ? 310 HOH A O   1 
HETATM 1104 O  O   . HOH C 3 .   ? 1.280   -1.192  8.622   1.00 18.50 ? 311 HOH A O   1 
HETATM 1105 O  O   . HOH C 3 .   ? -1.754  -11.619 4.610   1.00 17.61 ? 312 HOH A O   1 
HETATM 1106 O  O   . HOH C 3 .   ? -3.886  4.045   9.214   1.00 20.95 ? 313 HOH A O   1 
HETATM 1107 O  O   . HOH C 3 .   ? 6.749   -10.300 14.947  1.00 17.09 ? 314 HOH A O   1 
HETATM 1108 O  O   . HOH C 3 .   ? -2.991  -9.925  -2.260  1.00 17.89 ? 315 HOH A O   1 
HETATM 1109 O  O   . HOH C 3 .   ? -1.949  0.736   11.749  1.00 23.90 ? 316 HOH A O   1 
HETATM 1110 O  O   . HOH C 3 .   ? -0.832  -15.222 2.187   1.00 15.66 ? 317 HOH A O   1 
HETATM 1111 O  O   . HOH C 3 .   ? -12.871 -2.037  11.970  1.00 37.25 ? 318 HOH A O   1 
HETATM 1112 O  O   . HOH C 3 .   ? -1.309  -7.789  13.183  1.00 27.14 ? 319 HOH A O   1 
HETATM 1113 O  O   . HOH C 3 .   ? 12.767  -7.945  -5.680  1.00 35.52 ? 320 HOH A O   1 
HETATM 1114 O  O   . HOH C 3 .   ? -13.041 -2.654  -4.317  1.00 25.67 ? 321 HOH A O   1 
HETATM 1115 O  O   . HOH C 3 .   ? 12.060  7.542   18.119  1.00 25.71 ? 322 HOH A O   1 
HETATM 1116 O  O   . HOH C 3 .   ? -2.979  -5.110  13.112  1.00 25.95 ? 323 HOH A O   1 
HETATM 1117 O  O   . HOH C 3 .   ? -2.650  -9.821  6.688   1.00 18.45 ? 324 HOH A O   1 
HETATM 1118 O  O   . HOH C 3 .   ? -8.874  9.061   8.307   1.00 23.10 ? 325 HOH A O   1 
HETATM 1119 O  O   . HOH C 3 .   ? 6.759   0.540   14.726  1.00 17.91 ? 326 HOH A O   1 
HETATM 1120 O  O   . HOH C 3 .   ? 5.329   -12.516 14.122  1.00 23.83 ? 327 HOH A O   1 
HETATM 1121 O  O   . HOH C 3 .   ? -18.656 7.363   2.190   1.00 23.15 ? 328 HOH A O   1 
HETATM 1122 O  O   . HOH C 3 .   ? 9.402   -1.034  -0.080  1.00 20.84 ? 329 HOH A O   1 
HETATM 1123 O  O   . HOH C 3 .   ? -15.335 -2.247  -6.329  1.00 23.46 ? 330 HOH A O   1 
HETATM 1124 O  O   . HOH C 3 .   ? 11.924  2.760   10.553  1.00 18.07 ? 331 HOH A O   1 
HETATM 1125 O  O   . HOH C 3 .   ? -12.376 10.861  5.307   1.00 22.06 ? 332 HOH A O   1 
HETATM 1126 O  O   . HOH C 3 .   ? -14.161 -7.435  5.345   1.00 31.62 ? 333 HOH A O   1 
HETATM 1127 O  O   . HOH C 3 .   ? 6.033   9.150   -13.229 1.00 41.03 ? 334 HOH A O   1 
HETATM 1128 O  O   . HOH C 3 .   ? 16.906  -3.653  6.843   1.00 30.06 ? 335 HOH A O   1 
HETATM 1129 O  O   . HOH C 3 .   ? 13.304  6.597   13.147  1.00 37.08 ? 336 HOH A O   1 
HETATM 1130 O  O   . HOH C 3 .   ? -9.137  7.506   -5.826  1.00 19.24 ? 337 HOH A O   1 
HETATM 1131 O  O   . HOH C 3 .   ? -15.210 1.264   1.915   1.00 21.43 ? 338 HOH A O   1 
HETATM 1132 O  O   . HOH C 3 .   ? 0.200   6.237   7.609   1.00 30.88 ? 339 HOH A O   1 
HETATM 1133 O  O   . HOH C 3 .   ? 0.529   -15.357 9.075   1.00 28.83 ? 340 HOH A O   1 
HETATM 1134 O  O   . HOH C 3 .   ? 8.125   -6.041  -12.102 1.00 34.91 ? 341 HOH A O   1 
HETATM 1135 O  O   . HOH C 3 .   ? 7.511   -15.582 1.639   1.00 20.71 ? 342 HOH A O   1 
HETATM 1136 O  O   . HOH C 3 .   ? -8.259  -11.083 -5.995  0.50 22.13 ? 343 HOH A O   1 
HETATM 1137 O  O   . HOH C 3 .   ? 4.045   -10.673 -6.813  1.00 27.24 ? 344 HOH A O   1 
HETATM 1138 O  O   . HOH C 3 .   ? 6.524   -2.449  -6.379  1.00 20.90 ? 345 HOH A O   1 
HETATM 1139 O  O   . HOH C 3 .   ? 14.113  3.106   15.174  1.00 19.78 ? 346 HOH A O   1 
HETATM 1140 O  O   . HOH C 3 .   ? 6.905   -11.276 -7.708  1.00 25.84 ? 347 HOH A O   1 
HETATM 1141 O  O   . HOH C 3 .   ? 13.804  -17.664 0.576   1.00 40.82 ? 348 HOH A O   1 
HETATM 1142 O  O   . HOH C 3 .   ? 4.877   7.652   14.168  1.00 34.52 ? 349 HOH A O   1 
HETATM 1143 O  O   . HOH C 3 .   ? -0.694  -11.988 9.402   1.00 28.42 ? 350 HOH A O   1 
HETATM 1144 O  O   . HOH C 3 .   ? 9.500   -5.715  -10.010 1.00 32.26 ? 351 HOH A O   1 
HETATM 1145 O  O   . HOH C 3 .   ? 11.386  3.096   3.995   1.00 32.14 ? 352 HOH A O   1 
HETATM 1146 O  O   . HOH C 3 .   ? 1.064   12.158  24.985  1.00 28.73 ? 353 HOH A O   1 
HETATM 1147 O  O   . HOH C 3 .   ? 4.240   2.904   3.639   1.00 23.99 ? 354 HOH A O   1 
HETATM 1148 O  O   . HOH C 3 .   ? 2.428   0.726   10.939  1.00 26.30 ? 355 HOH A O   1 
HETATM 1149 O  O   . HOH C 3 .   ? 3.208   2.752   13.092  1.00 26.96 ? 356 HOH A O   1 
HETATM 1150 O  O   . HOH C 3 .   ? 1.753   -0.721  4.723   1.00 21.65 ? 357 HOH A O   1 
HETATM 1151 O  O   . HOH C 3 .   ? 5.872   -4.218  16.243  1.00 21.39 ? 358 HOH A O   1 
HETATM 1152 O  O   . HOH C 3 .   ? 10.373  -10.322 6.765   1.00 25.97 ? 359 HOH A O   1 
HETATM 1153 O  O   . HOH C 3 .   ? 18.113  -3.619  3.165   1.00 34.10 ? 360 HOH A O   1 
HETATM 1154 O  O   . HOH C 3 .   ? -6.777  13.220  2.563   1.00 28.66 ? 361 HOH A O   1 
HETATM 1155 O  O   . HOH C 3 .   ? 0.775   6.793   18.282  1.00 34.85 ? 362 HOH A O   1 
HETATM 1156 O  O   . HOH C 3 .   ? -12.809 6.490   11.556  1.00 40.45 ? 363 HOH A O   1 
HETATM 1157 O  O   . HOH C 3 .   ? 16.242  2.465   3.376   1.00 38.41 ? 364 HOH A O   1 
HETATM 1158 O  O   . HOH C 3 .   ? 13.327  3.648   -10.992 1.00 50.15 ? 365 HOH A O   1 
HETATM 1159 O  O   . HOH C 3 .   ? 1.309   3.448   10.099  1.00 22.21 ? 366 HOH A O   1 
HETATM 1160 O  O   . HOH C 3 .   ? -3.638  -14.508 1.609   1.00 18.43 ? 367 HOH A O   1 
HETATM 1161 O  O   . HOH C 3 .   ? 3.757   -14.746 7.037   1.00 22.36 ? 368 HOH A O   1 
HETATM 1162 O  O   . HOH C 3 .   ? -5.770  -5.456  -13.543 1.00 26.87 ? 369 HOH A O   1 
HETATM 1163 O  O   . HOH C 3 .   ? -23.390 5.929   -8.492  1.00 33.36 ? 370 HOH A O   1 
HETATM 1164 O  O   . HOH C 3 .   ? 4.865   3.700   -3.309  1.00 24.91 ? 371 HOH A O   1 
HETATM 1165 O  O   . HOH C 3 .   ? 10.364  1.925   -14.930 1.00 45.18 ? 372 HOH A O   1 
HETATM 1166 O  O   . HOH C 3 .   ? 7.971   9.523   19.905  1.00 29.81 ? 373 HOH A O   1 
HETATM 1167 O  O   . HOH C 3 .   ? -13.922 -0.830  -10.990 1.00 21.78 ? 374 HOH A O   1 
HETATM 1168 O  O   . HOH C 3 .   ? 7.072   -1.480  -17.333 1.00 40.39 ? 375 HOH A O   1 
HETATM 1169 O  O   . HOH C 3 .   ? -1.907  4.468   -16.563 1.00 33.35 ? 376 HOH A O   1 
HETATM 1170 O  O   . HOH C 3 .   ? 1.820   6.110   -16.897 1.00 34.99 ? 377 HOH A O   1 
HETATM 1171 O  O   . HOH C 3 .   ? -8.218  2.643   11.504  1.00 28.84 ? 378 HOH A O   1 
HETATM 1172 O  O   . HOH C 3 .   ? 6.161   5.703   13.125  1.00 22.31 ? 379 HOH A O   1 
HETATM 1173 O  O   . HOH C 3 .   ? 13.452  -11.537 4.142   1.00 30.90 ? 380 HOH A O   1 
HETATM 1174 O  O   . HOH C 3 .   ? -6.518  -1.086  -16.090 1.00 35.73 ? 381 HOH A O   1 
HETATM 1175 O  O   . HOH C 3 .   ? 7.123   9.850   21.820  1.00 36.82 ? 382 HOH A O   1 
HETATM 1176 O  O   . HOH C 3 .   ? 4.708   -14.809 -6.486  1.00 32.04 ? 383 HOH A O   1 
HETATM 1177 O  O   . HOH C 3 .   ? -5.544  11.477  0.851   1.00 20.51 ? 384 HOH A O   1 
HETATM 1178 O  O   . HOH C 3 .   ? -14.290 2.395   4.387   1.00 30.73 ? 385 HOH A O   1 
HETATM 1179 O  O   . HOH C 3 .   ? 5.195   6.063   10.119  1.00 21.41 ? 386 HOH A O   1 
HETATM 1180 O  O   . HOH C 3 .   ? 0.564   -12.933 -1.738  1.00 16.31 ? 387 HOH A O   1 
HETATM 1181 O  O   . HOH C 3 .   ? -9.742  -4.675  -15.908 1.00 30.14 ? 388 HOH A O   1 
HETATM 1182 O  O   . HOH C 3 .   ? -7.098  -12.344 -0.384  1.00 18.36 ? 389 HOH A O   1 
HETATM 1183 O  O   . HOH C 3 .   ? -11.153 -6.887  -3.830  1.00 30.27 ? 390 HOH A O   1 
HETATM 1184 O  O   . HOH C 3 .   ? 5.603   -1.933  14.678  1.00 24.04 ? 391 HOH A O   1 
HETATM 1185 O  O   . HOH C 3 .   ? -4.290  -14.358 4.558   1.00 32.26 ? 392 HOH A O   1 
HETATM 1186 O  O   . HOH C 3 .   ? 9.561   -3.400  -8.624  1.00 35.26 ? 393 HOH A O   1 
HETATM 1187 O  O   . HOH C 3 .   ? -5.151  -10.635 -7.926  1.00 18.30 ? 394 HOH A O   1 
HETATM 1188 O  O   . HOH C 3 .   ? 3.375   9.055   18.531  1.00 30.77 ? 395 HOH A O   1 
HETATM 1189 O  O   . HOH C 3 .   ? -6.051  12.220  -1.325  1.00 31.99 ? 396 HOH A O   1 
HETATM 1190 O  O   . HOH C 3 .   ? -6.105  -12.244 -2.339  1.00 27.12 ? 397 HOH A O   1 
HETATM 1191 O  O   . HOH C 3 .   ? -15.082 8.264   -10.416 1.00 34.14 ? 398 HOH A O   1 
HETATM 1192 O  O   . HOH C 3 .   ? -3.771  -0.069  -15.764 1.00 35.89 ? 399 HOH A O   1 
HETATM 1193 O  O   . HOH C 3 .   ? -2.443  6.258   9.042   1.00 31.76 ? 400 HOH A O   1 
HETATM 1194 O  O   . HOH C 3 .   ? 2.531   7.783   -7.993  1.00 27.13 ? 401 HOH A O   1 
HETATM 1195 O  O   . HOH C 3 .   ? -3.162  -13.999 -1.794  1.00 19.37 ? 402 HOH A O   1 
HETATM 1196 O  O   . HOH C 3 .   ? -11.228 -2.765  10.594  1.00 37.39 ? 403 HOH A O   1 
HETATM 1197 O  O   . HOH C 3 .   ? -16.126 1.398   5.708   1.00 37.47 ? 404 HOH A O   1 
HETATM 1198 O  O   . HOH C 3 .   ? -13.614 -4.629  -1.323  1.00 30.01 ? 405 HOH A O   1 
HETATM 1199 O  O   . HOH C 3 .   ? -7.027  -9.056  8.626   1.00 40.22 ? 406 HOH A O   1 
HETATM 1200 O  O   . HOH C 3 .   ? 4.456   10.578  -11.542 1.00 43.72 ? 407 HOH A O   1 
HETATM 1201 O  O   . HOH C 3 .   ? 11.990  -16.482 -6.877  1.00 37.65 ? 408 HOH A O   1 
HETATM 1202 O  O   . HOH C 3 .   ? -19.194 14.908  -4.133  1.00 35.15 ? 409 HOH A O   1 
HETATM 1203 O  O   . HOH C 3 .   ? 14.216  -5.911  11.291  1.00 35.94 ? 410 HOH A O   1 
HETATM 1204 O  O   . HOH C 3 .   ? 6.402   -15.614 -8.705  1.00 32.32 ? 411 HOH A O   1 
HETATM 1205 O  O   . HOH C 3 .   ? -12.635 6.956   -11.451 1.00 39.21 ? 412 HOH A O   1 
HETATM 1206 O  O   . HOH C 3 .   ? -4.393  -11.421 7.912   1.00 33.01 ? 413 HOH A O   1 
HETATM 1207 O  O   . HOH C 3 .   ? -5.285  3.607   11.568  1.00 26.28 ? 414 HOH A O   1 
HETATM 1208 O  O   . HOH C 3 .   ? -11.380 -6.696  -15.303 1.00 43.25 ? 415 HOH A O   1 
HETATM 1209 O  O   . HOH C 3 .   ? -8.763  20.361  6.366   1.00 41.49 ? 416 HOH A O   1 
HETATM 1210 O  O   . HOH C 3 .   ? 14.616  -20.701 -2.772  1.00 37.81 ? 417 HOH A O   1 
HETATM 1211 O  O   . HOH C 3 .   ? 20.026  -0.437  11.731  1.00 41.58 ? 418 HOH A O   1 
HETATM 1212 O  O   . HOH C 3 .   ? 12.999  3.982   12.958  1.00 18.39 ? 419 HOH A O   1 
HETATM 1213 O  O   . HOH C 3 .   ? -13.384 -11.018 -1.444  1.00 32.31 ? 420 HOH A O   1 
HETATM 1214 O  O   . HOH C 3 .   ? 10.189  -7.904  8.292   1.00 24.83 ? 421 HOH A O   1 
HETATM 1215 O  O   . HOH C 3 .   ? 5.683   10.039  12.372  1.00 43.12 ? 422 HOH A O   1 
HETATM 1216 O  O   . HOH C 3 .   ? 1.896   6.966   14.352  1.00 33.43 ? 423 HOH A O   1 
# 
loop_
_pdbx_poly_seq_scheme.asym_id 
_pdbx_poly_seq_scheme.entity_id 
_pdbx_poly_seq_scheme.seq_id 
_pdbx_poly_seq_scheme.mon_id 
_pdbx_poly_seq_scheme.ndb_seq_num 
_pdbx_poly_seq_scheme.pdb_seq_num 
_pdbx_poly_seq_scheme.auth_seq_num 
_pdbx_poly_seq_scheme.pdb_mon_id 
_pdbx_poly_seq_scheme.auth_mon_id 
_pdbx_poly_seq_scheme.pdb_strand_id 
_pdbx_poly_seq_scheme.pdb_ins_code 
_pdbx_poly_seq_scheme.hetero 
A 1 1   MET 1   28  ?   ?   ?   A . n 
A 1 2   GLY 2   29  ?   ?   ?   A . n 
A 1 3   ARG 3   30  ?   ?   ?   A . n 
A 1 4   ASP 4   31  ?   ?   ?   A . n 
A 1 5   PRO 5   32  ?   ?   ?   A . n 
A 1 6   ASN 6   33  ?   ?   ?   A . n 
A 1 7   SER 7   34  ?   ?   ?   A . n 
A 1 8   THR 8   35  ?   ?   ?   A . n 
A 1 9   ASN 9   36  ?   ?   ?   A . n 
A 1 10  ASP 10  37  ?   ?   ?   A . n 
A 1 11  THR 11  38  ?   ?   ?   A . n 
A 1 12  THR 12  39  39  THR THR A . n 
A 1 13  THR 13  40  40  THR THR A . n 
A 1 14  GLN 14  41  41  GLN GLN A . n 
A 1 15  ASN 15  42  42  ASN ASN A . n 
A 1 16  VAL 16  43  43  VAL VAL A . n 
A 1 17  VAL 17  44  44  VAL VAL A . n 
A 1 18  LEU 18  45  45  LEU LEU A . n 
A 1 19  THR 19  46  46  THR THR A . n 
A 1 20  LYS 20  47  47  LYS LYS A . n 
A 1 21  TYR 21  48  48  TYR TYR A . n 
A 1 22  GLY 22  49  49  GLY GLY A . n 
A 1 23  PHE 23  50  50  PHE PHE A . n 
A 1 24  ASP 24  51  51  ASP ASP A . n 
A 1 25  LYS 25  52  52  LYS LYS A . n 
A 1 26  ASP 26  53  53  ASP ASP A . n 
A 1 27  VAL 27  54  54  VAL VAL A . n 
A 1 28  THR 28  55  55  THR THR A . n 
A 1 29  ALA 29  56  56  ALA ALA A . n 
A 1 30  ILE 30  57  57  ILE ILE A . n 
A 1 31  ASP 31  58  58  ASP ASP A . n 
A 1 32  ARG 32  59  59  ARG ARG A . n 
A 1 33  ALA 33  60  60  ALA ALA A . n 
A 1 34  THR 34  61  61  THR THR A . n 
A 1 35  ASP 35  62  62  ASP ASP A . n 
A 1 36  GLN 36  63  63  GLN GLN A . n 
A 1 37  ILE 37  64  64  ILE ILE A . n 
A 1 38  TRP 38  65  65  TRP TRP A . n 
A 1 39  THR 39  66  66  THR THR A . n 
A 1 40  GLY 40  67  67  GLY GLY A . n 
A 1 41  ASP 41  68  68  ASP ASP A . n 
A 1 42  GLY 42  69  69  GLY GLY A . n 
A 1 43  ALA 43  70  70  ALA ALA A . n 
A 1 44  LYS 44  71  71  LYS LYS A . n 
A 1 45  PRO 45  72  72  PRO PRO A . n 
A 1 46  LEU 46  73  73  LEU LEU A . n 
A 1 47  GLN 47  74  74  GLN GLN A . n 
A 1 48  GLY 48  75  75  GLY GLY A . n 
A 1 49  VAL 49  76  76  VAL VAL A . n 
A 1 50  ASP 50  77  77  ASP ASP A . n 
A 1 51  PHE 51  78  78  PHE PHE A . n 
A 1 52  THR 52  79  79  THR THR A . n 
A 1 53  ILE 53  80  80  ILE ILE A . n 
A 1 54  TYR 54  81  81  TYR TYR A . n 
A 1 55  ASN 55  82  82  ASN ASN A . n 
A 1 56  VAL 56  83  83  VAL VAL A . n 
A 1 57  THR 57  84  84  THR THR A . n 
A 1 58  ALA 58  85  85  ALA ALA A . n 
A 1 59  ASN 59  86  86  ASN ASN A . n 
A 1 60  TYR 60  87  87  TYR TYR A . n 
A 1 61  TRP 61  88  88  TRP TRP A . n 
A 1 62  ALA 62  89  89  ALA ALA A . n 
A 1 63  SER 63  90  90  SER SER A . n 
A 1 64  PRO 64  91  91  PRO PRO A . n 
A 1 65  LYS 65  92  92  LYS LYS A . n 
A 1 66  ASP 66  93  93  ASP ASP A . n 
A 1 67  TYR 67  94  94  TYR TYR A . n 
A 1 68  LYS 68  95  95  LYS LYS A . n 
A 1 69  GLY 69  96  96  GLY GLY A . n 
A 1 70  SER 70  97  97  SER SER A . n 
A 1 71  PHE 71  98  98  PHE PHE A . n 
A 1 72  ASP 72  99  99  ASP ASP A . n 
A 1 73  SER 73  100 100 SER SER A . n 
A 1 74  ALA 74  101 101 ALA ALA A . n 
A 1 75  PRO 75  102 102 PRO PRO A . n 
A 1 76  VAL 76  103 103 VAL VAL A . n 
A 1 77  ALA 77  104 104 ALA ALA A . n 
A 1 78  ALA 78  105 105 ALA ALA A . n 
A 1 79  THR 79  106 106 THR THR A . n 
A 1 80  GLY 80  107 107 GLY GLY A . n 
A 1 81  THR 81  108 108 THR THR A . n 
A 1 82  THR 82  109 109 THR THR A . n 
A 1 83  ASN 83  110 110 ASN ASN A . n 
A 1 84  ASP 84  111 111 ASP ASP A . n 
A 1 85  LYS 85  112 112 LYS LYS A . n 
A 1 86  GLY 86  113 113 GLY GLY A . n 
A 1 87  GLN 87  114 114 GLN GLN A . n 
A 1 88  LEU 88  115 115 LEU LEU A . n 
A 1 89  THR 89  116 116 THR THR A . n 
A 1 90  GLN 90  117 117 GLN GLN A . n 
A 1 91  ALA 91  118 118 ALA ALA A . n 
A 1 92  LEU 92  119 119 LEU LEU A . n 
A 1 93  PRO 93  120 120 PRO PRO A . n 
A 1 94  ILE 94  121 121 ILE ILE A . n 
A 1 95  GLN 95  122 122 GLN GLN A . n 
A 1 96  SER 96  123 123 SER SER A . n 
A 1 97  LYS 97  124 124 LYS LYS A . n 
A 1 98  ASP 98  125 125 ASP ASP A . n 
A 1 99  ALA 99  126 126 ALA ALA A . n 
A 1 100 SER 100 127 127 SER SER A . n 
A 1 101 GLY 101 128 128 GLY GLY A . n 
A 1 102 LYS 102 129 129 LYS LYS A . n 
A 1 103 THR 103 130 130 THR THR A . n 
A 1 104 ARG 104 131 131 ARG ARG A . n 
A 1 105 ALA 105 132 132 ALA ALA A . n 
A 1 106 ALA 106 133 133 ALA ALA A . n 
A 1 107 VAL 107 134 134 VAL VAL A . n 
A 1 108 TYR 108 135 135 TYR TYR A . n 
A 1 109 LEU 109 136 136 LEU LEU A . n 
A 1 110 PHE 110 137 137 PHE PHE A . n 
A 1 111 HIS 111 138 138 HIS HIS A . n 
A 1 112 GLU 112 139 139 GLU GLU A . n 
A 1 113 THR 113 140 140 THR THR A . n 
A 1 114 ASN 114 141 141 ASN ASN A . n 
A 1 115 PRO 115 142 142 PRO PRO A . n 
A 1 116 ARG 116 143 143 ARG ARG A . n 
A 1 117 ALA 117 144 144 ALA ALA A . n 
A 1 118 GLY 118 145 145 GLY GLY A . n 
A 1 119 TYR 119 146 146 TYR TYR A . n 
A 1 120 ASN 120 147 147 ASN ASN A . n 
A 1 121 THR 121 148 148 THR THR A . n 
A 1 122 SER 122 149 149 SER SER A . n 
A 1 123 ALA 123 150 150 ALA ALA A . n 
A 1 124 ASP 124 151 151 ASP ASP A . n 
A 1 125 PHE 125 152 152 PHE PHE A . n 
A 1 126 TRP 126 153 153 TRP TRP A . n 
A 1 127 LEU 127 154 154 LEU LEU A . n 
A 1 128 THR 128 155 155 THR THR A . n 
A 1 129 LEU 129 156 156 LEU LEU A . n 
A 1 130 PRO 130 157 157 PRO PRO A . n 
A 1 131 ALA 131 158 158 ALA ALA A . n 
A 1 132 LYS 132 159 159 LYS LYS A . n 
A 1 133 ALA 133 160 160 ALA ALA A . n 
A 1 134 ALA 134 161 161 ALA ALA A . n 
A 1 135 ALA 135 162 162 ALA ALA A . n 
A 1 136 ASP 136 163 163 ASP ASP A . n 
A 1 137 GLY 137 164 164 GLY GLY A . n 
A 1 138 ASN 138 165 165 ASN ASN A . n 
A 1 139 VAL 139 166 166 VAL VAL A . n 
A 1 140 TYR 140 167 167 TYR TYR A . n 
A 1 141 VAL 141 168 168 VAL VAL A . n 
A 1 142 TYR 142 169 169 TYR TYR A . n 
A 1 143 PRO 143 170 170 PRO PRO A . n 
A 1 144 LYS 144 171 171 LYS LYS A . n 
A 1 145 ASN 145 172 172 ASN ASN A . n 
A 1 146 VAL 146 173 173 VAL VAL A . n 
A 1 147 GLN 147 174 174 GLN GLN A . n 
A 1 148 LYS 148 175 175 LYS LYS A . n 
A 1 149 THR 149 176 176 THR THR A . n 
A 1 150 THR 150 177 177 THR THR A . n 
A 1 151 TYR 151 178 178 TYR TYR A . n 
A 1 152 GLU 152 179 179 GLU GLU A . n 
A 1 153 ARG 153 180 180 ARG ARG A . n 
# 
loop_
_pdbx_nonpoly_scheme.asym_id 
_pdbx_nonpoly_scheme.entity_id 
_pdbx_nonpoly_scheme.mon_id 
_pdbx_nonpoly_scheme.ndb_seq_num 
_pdbx_nonpoly_scheme.pdb_seq_num 
_pdbx_nonpoly_scheme.auth_seq_num 
_pdbx_nonpoly_scheme.pdb_mon_id 
_pdbx_nonpoly_scheme.auth_mon_id 
_pdbx_nonpoly_scheme.pdb_strand_id 
_pdbx_nonpoly_scheme.pdb_ins_code 
B 2 NA  1   201 1   NA  NA  A . 
C 3 HOH 1   301 152 HOH HOH A . 
C 3 HOH 2   302 60  HOH HOH A . 
C 3 HOH 3   303 73  HOH HOH A . 
C 3 HOH 4   304 118 HOH HOH A . 
C 3 HOH 5   305 138 HOH HOH A . 
C 3 HOH 6   306 50  HOH HOH A . 
C 3 HOH 7   307 151 HOH HOH A . 
C 3 HOH 8   308 14  HOH HOH A . 
C 3 HOH 9   309 37  HOH HOH A . 
C 3 HOH 10  310 6   HOH HOH A . 
C 3 HOH 11  311 16  HOH HOH A . 
C 3 HOH 12  312 10  HOH HOH A . 
C 3 HOH 13  313 24  HOH HOH A . 
C 3 HOH 14  314 2   HOH HOH A . 
C 3 HOH 15  315 39  HOH HOH A . 
C 3 HOH 16  316 88  HOH HOH A . 
C 3 HOH 17  317 1   HOH HOH A . 
C 3 HOH 18  318 142 HOH HOH A . 
C 3 HOH 19  319 45  HOH HOH A . 
C 3 HOH 20  320 59  HOH HOH A . 
C 3 HOH 21  321 61  HOH HOH A . 
C 3 HOH 22  322 42  HOH HOH A . 
C 3 HOH 23  323 34  HOH HOH A . 
C 3 HOH 24  324 30  HOH HOH A . 
C 3 HOH 25  325 5   HOH HOH A . 
C 3 HOH 26  326 21  HOH HOH A . 
C 3 HOH 27  327 20  HOH HOH A . 
C 3 HOH 28  328 8   HOH HOH A . 
C 3 HOH 29  329 7   HOH HOH A . 
C 3 HOH 30  330 54  HOH HOH A . 
C 3 HOH 31  331 18  HOH HOH A . 
C 3 HOH 32  332 19  HOH HOH A . 
C 3 HOH 33  333 78  HOH HOH A . 
C 3 HOH 34  334 96  HOH HOH A . 
C 3 HOH 35  335 67  HOH HOH A . 
C 3 HOH 36  336 94  HOH HOH A . 
C 3 HOH 37  337 35  HOH HOH A . 
C 3 HOH 38  338 43  HOH HOH A . 
C 3 HOH 39  339 65  HOH HOH A . 
C 3 HOH 40  340 117 HOH HOH A . 
C 3 HOH 41  341 48  HOH HOH A . 
C 3 HOH 42  342 36  HOH HOH A . 
C 3 HOH 43  343 23  HOH HOH A . 
C 3 HOH 44  344 149 HOH HOH A . 
C 3 HOH 45  345 9   HOH HOH A . 
C 3 HOH 46  346 15  HOH HOH A . 
C 3 HOH 47  347 28  HOH HOH A . 
C 3 HOH 48  348 74  HOH HOH A . 
C 3 HOH 49  349 83  HOH HOH A . 
C 3 HOH 50  350 53  HOH HOH A . 
C 3 HOH 51  351 32  HOH HOH A . 
C 3 HOH 52  352 38  HOH HOH A . 
C 3 HOH 53  353 46  HOH HOH A . 
C 3 HOH 54  354 55  HOH HOH A . 
C 3 HOH 55  355 41  HOH HOH A . 
C 3 HOH 56  356 148 HOH HOH A . 
C 3 HOH 57  357 49  HOH HOH A . 
C 3 HOH 58  358 25  HOH HOH A . 
C 3 HOH 59  359 72  HOH HOH A . 
C 3 HOH 60  360 51  HOH HOH A . 
C 3 HOH 61  361 63  HOH HOH A . 
C 3 HOH 62  362 153 HOH HOH A . 
C 3 HOH 63  363 101 HOH HOH A . 
C 3 HOH 64  364 128 HOH HOH A . 
C 3 HOH 65  365 130 HOH HOH A . 
C 3 HOH 66  366 12  HOH HOH A . 
C 3 HOH 67  367 4   HOH HOH A . 
C 3 HOH 68  368 44  HOH HOH A . 
C 3 HOH 69  369 62  HOH HOH A . 
C 3 HOH 70  370 69  HOH HOH A . 
C 3 HOH 71  371 26  HOH HOH A . 
C 3 HOH 72  372 79  HOH HOH A . 
C 3 HOH 73  373 82  HOH HOH A . 
C 3 HOH 74  374 87  HOH HOH A . 
C 3 HOH 75  375 146 HOH HOH A . 
C 3 HOH 76  376 98  HOH HOH A . 
C 3 HOH 77  377 140 HOH HOH A . 
C 3 HOH 78  378 56  HOH HOH A . 
C 3 HOH 79  379 27  HOH HOH A . 
C 3 HOH 80  380 122 HOH HOH A . 
C 3 HOH 81  381 71  HOH HOH A . 
C 3 HOH 82  382 90  HOH HOH A . 
C 3 HOH 83  383 144 HOH HOH A . 
C 3 HOH 84  384 22  HOH HOH A . 
C 3 HOH 85  385 92  HOH HOH A . 
C 3 HOH 86  386 17  HOH HOH A . 
C 3 HOH 87  387 11  HOH HOH A . 
C 3 HOH 88  388 31  HOH HOH A . 
C 3 HOH 89  389 29  HOH HOH A . 
C 3 HOH 90  390 143 HOH HOH A . 
C 3 HOH 91  391 89  HOH HOH A . 
C 3 HOH 92  392 57  HOH HOH A . 
C 3 HOH 93  393 47  HOH HOH A . 
C 3 HOH 94  394 13  HOH HOH A . 
C 3 HOH 95  395 104 HOH HOH A . 
C 3 HOH 96  396 127 HOH HOH A . 
C 3 HOH 97  397 68  HOH HOH A . 
C 3 HOH 98  398 99  HOH HOH A . 
C 3 HOH 99  399 108 HOH HOH A . 
C 3 HOH 100 400 70  HOH HOH A . 
C 3 HOH 101 401 58  HOH HOH A . 
C 3 HOH 102 402 85  HOH HOH A . 
C 3 HOH 103 403 154 HOH HOH A . 
C 3 HOH 104 404 147 HOH HOH A . 
C 3 HOH 105 405 141 HOH HOH A . 
C 3 HOH 106 406 100 HOH HOH A . 
C 3 HOH 107 407 150 HOH HOH A . 
C 3 HOH 108 408 145 HOH HOH A . 
C 3 HOH 109 409 116 HOH HOH A . 
C 3 HOH 110 410 123 HOH HOH A . 
C 3 HOH 111 411 40  HOH HOH A . 
C 3 HOH 112 412 121 HOH HOH A . 
C 3 HOH 113 413 77  HOH HOH A . 
C 3 HOH 114 414 52  HOH HOH A . 
C 3 HOH 115 415 103 HOH HOH A . 
C 3 HOH 116 416 139 HOH HOH A . 
C 3 HOH 117 417 133 HOH HOH A . 
C 3 HOH 118 418 109 HOH HOH A . 
C 3 HOH 119 419 86  HOH HOH A . 
C 3 HOH 120 420 95  HOH HOH A . 
C 3 HOH 121 421 33  HOH HOH A . 
C 3 HOH 122 422 137 HOH HOH A . 
C 3 HOH 123 423 97  HOH HOH A . 
# 
_pdbx_struct_assembly.id                   1 
_pdbx_struct_assembly.details              author_and_software_defined_assembly 
_pdbx_struct_assembly.method_details       PISA 
_pdbx_struct_assembly.oligomeric_details   monomeric 
_pdbx_struct_assembly.oligomeric_count     1 
# 
_pdbx_struct_assembly_gen.assembly_id       1 
_pdbx_struct_assembly_gen.oper_expression   1 
_pdbx_struct_assembly_gen.asym_id_list      A,B,C 
# 
loop_
_pdbx_struct_assembly_prop.biol_id 
_pdbx_struct_assembly_prop.type 
_pdbx_struct_assembly_prop.value 
_pdbx_struct_assembly_prop.details 
1 'ABSA (A^2)' 90   ? 
1 MORE         -5   ? 
1 'SSA (A^2)'  8190 ? 
# 
_pdbx_struct_oper_list.id                   1 
_pdbx_struct_oper_list.type                 'identity operation' 
_pdbx_struct_oper_list.name                 1_555 
_pdbx_struct_oper_list.symmetry_operation   x,y,z 
_pdbx_struct_oper_list.matrix[1][1]         1.0000000000 
_pdbx_struct_oper_list.matrix[1][2]         0.0000000000 
_pdbx_struct_oper_list.matrix[1][3]         0.0000000000 
_pdbx_struct_oper_list.vector[1]            0.0000000000 
_pdbx_struct_oper_list.matrix[2][1]         0.0000000000 
_pdbx_struct_oper_list.matrix[2][2]         1.0000000000 
_pdbx_struct_oper_list.matrix[2][3]         0.0000000000 
_pdbx_struct_oper_list.vector[2]            0.0000000000 
_pdbx_struct_oper_list.matrix[3][1]         0.0000000000 
_pdbx_struct_oper_list.matrix[3][2]         0.0000000000 
_pdbx_struct_oper_list.matrix[3][3]         1.0000000000 
_pdbx_struct_oper_list.vector[3]            0.0000000000 
# 
_pdbx_struct_special_symmetry.id              1 
_pdbx_struct_special_symmetry.PDB_model_num   1 
_pdbx_struct_special_symmetry.auth_asym_id    A 
_pdbx_struct_special_symmetry.auth_comp_id    HOH 
_pdbx_struct_special_symmetry.auth_seq_id     343 
_pdbx_struct_special_symmetry.PDB_ins_code    ? 
_pdbx_struct_special_symmetry.label_asym_id   C 
_pdbx_struct_special_symmetry.label_comp_id   HOH 
_pdbx_struct_special_symmetry.label_seq_id    . 
# 
loop_
_pdbx_struct_conn_angle.id 
_pdbx_struct_conn_angle.ptnr1_label_atom_id 
_pdbx_struct_conn_angle.ptnr1_label_alt_id 
_pdbx_struct_conn_angle.ptnr1_label_asym_id 
_pdbx_struct_conn_angle.ptnr1_label_comp_id 
_pdbx_struct_conn_angle.ptnr1_label_seq_id 
_pdbx_struct_conn_angle.ptnr1_auth_atom_id 
_pdbx_struct_conn_angle.ptnr1_auth_asym_id 
_pdbx_struct_conn_angle.ptnr1_auth_comp_id 
_pdbx_struct_conn_angle.ptnr1_auth_seq_id 
_pdbx_struct_conn_angle.ptnr1_PDB_ins_code 
_pdbx_struct_conn_angle.ptnr1_symmetry 
_pdbx_struct_conn_angle.ptnr2_label_atom_id 
_pdbx_struct_conn_angle.ptnr2_label_alt_id 
_pdbx_struct_conn_angle.ptnr2_label_asym_id 
_pdbx_struct_conn_angle.ptnr2_label_comp_id 
_pdbx_struct_conn_angle.ptnr2_label_seq_id 
_pdbx_struct_conn_angle.ptnr2_auth_atom_id 
_pdbx_struct_conn_angle.ptnr2_auth_asym_id 
_pdbx_struct_conn_angle.ptnr2_auth_comp_id 
_pdbx_struct_conn_angle.ptnr2_auth_seq_id 
_pdbx_struct_conn_angle.ptnr2_PDB_ins_code 
_pdbx_struct_conn_angle.ptnr2_symmetry 
_pdbx_struct_conn_angle.ptnr3_label_atom_id 
_pdbx_struct_conn_angle.ptnr3_label_alt_id 
_pdbx_struct_conn_angle.ptnr3_label_asym_id 
_pdbx_struct_conn_angle.ptnr3_label_comp_id 
_pdbx_struct_conn_angle.ptnr3_label_seq_id 
_pdbx_struct_conn_angle.ptnr3_auth_atom_id 
_pdbx_struct_conn_angle.ptnr3_auth_asym_id 
_pdbx_struct_conn_angle.ptnr3_auth_comp_id 
_pdbx_struct_conn_angle.ptnr3_auth_seq_id 
_pdbx_struct_conn_angle.ptnr3_PDB_ins_code 
_pdbx_struct_conn_angle.ptnr3_symmetry 
_pdbx_struct_conn_angle.value 
_pdbx_struct_conn_angle.value_esd 
1  O   ? A THR 79 ? A THR 106 ? 1_555 NA ? B NA . ? A NA 201 ? 8_554 OG1 ? A THR 79 ? A THR 106 ? 1_555 75.4  ? 
2  O   ? A THR 79 ? A THR 106 ? 1_555 NA ? B NA . ? A NA 201 ? 8_554 O   ? A THR 89 ? A THR 116 ? 1_555 54.3  ? 
3  OG1 ? A THR 79 ? A THR 106 ? 1_555 NA ? B NA . ? A NA 201 ? 8_554 O   ? A THR 89 ? A THR 116 ? 1_555 129.5 ? 
4  O   ? A THR 79 ? A THR 106 ? 1_555 NA ? B NA . ? A NA 201 ? 8_554 O   ? C HOH .  ? A HOH 367 ? 8_554 64.0  ? 
5  OG1 ? A THR 79 ? A THR 106 ? 1_555 NA ? B NA . ? A NA 201 ? 8_554 O   ? C HOH .  ? A HOH 367 ? 8_554 133.3 ? 
6  O   ? A THR 89 ? A THR 116 ? 1_555 NA ? B NA . ? A NA 201 ? 8_554 O   ? C HOH .  ? A HOH 367 ? 8_554 26.4  ? 
7  O   ? A THR 79 ? A THR 106 ? 1_555 NA ? B NA . ? A NA 201 ? 8_554 O   ? C HOH .  ? A HOH 389 ? 8_554 76.6  ? 
8  OG1 ? A THR 79 ? A THR 106 ? 1_555 NA ? B NA . ? A NA 201 ? 8_554 O   ? C HOH .  ? A HOH 389 ? 8_554 150.7 ? 
9  O   ? A THR 89 ? A THR 116 ? 1_555 NA ? B NA . ? A NA 201 ? 8_554 O   ? C HOH .  ? A HOH 389 ? 8_554 22.6  ? 
10 O   ? C HOH .  ? A HOH 367 ? 8_554 NA ? B NA . ? A NA 201 ? 8_554 O   ? C HOH .  ? A HOH 389 ? 8_554 33.0  ? 
11 O   ? A THR 79 ? A THR 106 ? 1_555 NA ? B NA . ? A NA 201 ? 8_554 O   ? C HOH .  ? A HOH 397 ? 8_554 77.1  ? 
12 OG1 ? A THR 79 ? A THR 106 ? 1_555 NA ? B NA . ? A NA 201 ? 8_554 O   ? C HOH .  ? A HOH 397 ? 8_554 148.1 ? 
13 O   ? A THR 89 ? A THR 116 ? 1_555 NA ? B NA . ? A NA 201 ? 8_554 O   ? C HOH .  ? A HOH 397 ? 8_554 25.0  ? 
14 O   ? C HOH .  ? A HOH 367 ? 8_554 NA ? B NA . ? A NA 201 ? 8_554 O   ? C HOH .  ? A HOH 397 ? 8_554 39.9  ? 
15 O   ? C HOH .  ? A HOH 389 ? 8_554 NA ? B NA . ? A NA 201 ? 8_554 O   ? C HOH .  ? A HOH 397 ? 8_554 7.4   ? 
16 O   ? A THR 79 ? A THR 106 ? 1_555 NA ? B NA . ? A NA 201 ? 8_554 O   ? C HOH .  ? A HOH 402 ? 8_554 57.4  ? 
17 OG1 ? A THR 79 ? A THR 106 ? 1_555 NA ? B NA . ? A NA 201 ? 8_554 O   ? C HOH .  ? A HOH 402 ? 8_554 130.2 ? 
18 O   ? A THR 89 ? A THR 116 ? 1_555 NA ? B NA . ? A NA 201 ? 8_554 O   ? C HOH .  ? A HOH 402 ? 8_554 18.1  ? 
19 O   ? C HOH .  ? A HOH 367 ? 8_554 NA ? B NA . ? A NA 201 ? 8_554 O   ? C HOH .  ? A HOH 402 ? 8_554 9.1   ? 
20 O   ? C HOH .  ? A HOH 389 ? 8_554 NA ? B NA . ? A NA 201 ? 8_554 O   ? C HOH .  ? A HOH 402 ? 8_554 30.1  ? 
21 O   ? C HOH .  ? A HOH 397 ? 8_554 NA ? B NA . ? A NA 201 ? 8_554 O   ? C HOH .  ? A HOH 402 ? 8_554 36.0  ? 
# 
loop_
_pdbx_audit_revision_history.ordinal 
_pdbx_audit_revision_history.data_content_type 
_pdbx_audit_revision_history.major_revision 
_pdbx_audit_revision_history.minor_revision 
_pdbx_audit_revision_history.revision_date 
1 'Structure model' 1 0 2016-07-20 
2 'Structure model' 1 1 2023-11-08 
# 
_pdbx_audit_revision_details.ordinal             1 
_pdbx_audit_revision_details.revision_ordinal    1 
_pdbx_audit_revision_details.data_content_type   'Structure model' 
_pdbx_audit_revision_details.provider            repository 
_pdbx_audit_revision_details.type                'Initial release' 
_pdbx_audit_revision_details.description         ? 
_pdbx_audit_revision_details.details             ? 
# 
loop_
_pdbx_audit_revision_group.ordinal 
_pdbx_audit_revision_group.revision_ordinal 
_pdbx_audit_revision_group.data_content_type 
_pdbx_audit_revision_group.group 
1 2 'Structure model' 'Data collection'        
2 2 'Structure model' 'Database references'    
3 2 'Structure model' 'Derived calculations'   
4 2 'Structure model' 'Refinement description' 
# 
loop_
_pdbx_audit_revision_category.ordinal 
_pdbx_audit_revision_category.revision_ordinal 
_pdbx_audit_revision_category.data_content_type 
_pdbx_audit_revision_category.category 
1 2 'Structure model' chem_comp_atom                
2 2 'Structure model' chem_comp_bond                
3 2 'Structure model' database_2                    
4 2 'Structure model' pdbx_initial_refinement_model 
5 2 'Structure model' pdbx_struct_conn_angle        
6 2 'Structure model' pdbx_struct_oper_list         
7 2 'Structure model' struct_conn                   
# 
loop_
_pdbx_audit_revision_item.ordinal 
_pdbx_audit_revision_item.revision_ordinal 
_pdbx_audit_revision_item.data_content_type 
_pdbx_audit_revision_item.item 
1  2 'Structure model' '_database_2.pdbx_DOI'                        
2  2 'Structure model' '_database_2.pdbx_database_accession'         
3  2 'Structure model' '_pdbx_struct_conn_angle.ptnr1_auth_seq_id'   
4  2 'Structure model' '_pdbx_struct_conn_angle.ptnr1_label_atom_id' 
5  2 'Structure model' '_pdbx_struct_conn_angle.ptnr1_label_seq_id'  
6  2 'Structure model' '_pdbx_struct_conn_angle.ptnr2_symmetry'      
7  2 'Structure model' '_pdbx_struct_conn_angle.ptnr3_auth_seq_id'   
8  2 'Structure model' '_pdbx_struct_conn_angle.ptnr3_label_atom_id' 
9  2 'Structure model' '_pdbx_struct_conn_angle.ptnr3_label_seq_id'  
10 2 'Structure model' '_pdbx_struct_conn_angle.value'               
11 2 'Structure model' '_pdbx_struct_oper_list.symmetry_operation'   
12 2 'Structure model' '_struct_conn.pdbx_dist_value'                
13 2 'Structure model' '_struct_conn.ptnr1_auth_seq_id'              
14 2 'Structure model' '_struct_conn.ptnr1_label_atom_id'            
15 2 'Structure model' '_struct_conn.ptnr1_label_seq_id'             
16 2 'Structure model' '_struct_conn.ptnr2_auth_seq_id'              
17 2 'Structure model' '_struct_conn.ptnr2_symmetry'                 
# 
loop_
_software.citation_id 
_software.classification 
_software.compiler_name 
_software.compiler_version 
_software.contact_author 
_software.contact_author_email 
_software.date 
_software.description 
_software.dependencies 
_software.hardware 
_software.language 
_software.location 
_software.mods 
_software.name 
_software.os 
_software.os_version 
_software.type 
_software.version 
_software.pdbx_ordinal 
? refinement        ? ? ? ? ? ? ? ? ? ? ? PHENIX  ? ? ? '(1.10.1_2155: ???)' 1 
? 'data processing' ? ? ? ? ? ? ? ? ? ? ? XDS     ? ? ? .                    2 
? 'data scaling'    ? ? ? ? ? ? ? ? ? ? ? Aimless ? ? ? .                    3 
? phasing           ? ? ? ? ? ? ? ? ? ? ? PHASER  ? ? ? .                    4 
# 
_pdbx_validate_close_contact.id               1 
_pdbx_validate_close_contact.PDB_model_num    1 
_pdbx_validate_close_contact.auth_atom_id_1   O 
_pdbx_validate_close_contact.auth_asym_id_1   A 
_pdbx_validate_close_contact.auth_comp_id_1   HOH 
_pdbx_validate_close_contact.auth_seq_id_1    373 
_pdbx_validate_close_contact.PDB_ins_code_1   ? 
_pdbx_validate_close_contact.label_alt_id_1   ? 
_pdbx_validate_close_contact.auth_atom_id_2   O 
_pdbx_validate_close_contact.auth_asym_id_2   A 
_pdbx_validate_close_contact.auth_comp_id_2   HOH 
_pdbx_validate_close_contact.auth_seq_id_2    382 
_pdbx_validate_close_contact.PDB_ins_code_2   ? 
_pdbx_validate_close_contact.label_alt_id_2   ? 
_pdbx_validate_close_contact.dist             2.12 
# 
loop_
_pdbx_validate_torsion.id 
_pdbx_validate_torsion.PDB_model_num 
_pdbx_validate_torsion.auth_comp_id 
_pdbx_validate_torsion.auth_asym_id 
_pdbx_validate_torsion.auth_seq_id 
_pdbx_validate_torsion.PDB_ins_code 
_pdbx_validate_torsion.label_alt_id 
_pdbx_validate_torsion.phi 
_pdbx_validate_torsion.psi 
1 1 SER A 90  ? ? -161.12 93.88  
2 1 SER A 100 ? ? 57.01   13.98  
3 1 ASN A 141 ? ? -173.25 135.39 
# 
loop_
_pdbx_unobs_or_zero_occ_atoms.id 
_pdbx_unobs_or_zero_occ_atoms.PDB_model_num 
_pdbx_unobs_or_zero_occ_atoms.polymer_flag 
_pdbx_unobs_or_zero_occ_atoms.occupancy_flag 
_pdbx_unobs_or_zero_occ_atoms.auth_asym_id 
_pdbx_unobs_or_zero_occ_atoms.auth_comp_id 
_pdbx_unobs_or_zero_occ_atoms.auth_seq_id 
_pdbx_unobs_or_zero_occ_atoms.PDB_ins_code 
_pdbx_unobs_or_zero_occ_atoms.auth_atom_id 
_pdbx_unobs_or_zero_occ_atoms.label_alt_id 
_pdbx_unobs_or_zero_occ_atoms.label_asym_id 
_pdbx_unobs_or_zero_occ_atoms.label_comp_id 
_pdbx_unobs_or_zero_occ_atoms.label_seq_id 
_pdbx_unobs_or_zero_occ_atoms.label_atom_id 
1 1 Y 1 A ARG 180 ? CG  ? A ARG 153 CG  
2 1 Y 1 A ARG 180 ? CD  ? A ARG 153 CD  
3 1 Y 1 A ARG 180 ? NE  ? A ARG 153 NE  
4 1 Y 1 A ARG 180 ? CZ  ? A ARG 153 CZ  
5 1 Y 1 A ARG 180 ? NH1 ? A ARG 153 NH1 
6 1 Y 1 A ARG 180 ? NH2 ? A ARG 153 NH2 
# 
loop_
_pdbx_unobs_or_zero_occ_residues.id 
_pdbx_unobs_or_zero_occ_residues.PDB_model_num 
_pdbx_unobs_or_zero_occ_residues.polymer_flag 
_pdbx_unobs_or_zero_occ_residues.occupancy_flag 
_pdbx_unobs_or_zero_occ_residues.auth_asym_id 
_pdbx_unobs_or_zero_occ_residues.auth_comp_id 
_pdbx_unobs_or_zero_occ_residues.auth_seq_id 
_pdbx_unobs_or_zero_occ_residues.PDB_ins_code 
_pdbx_unobs_or_zero_occ_residues.label_asym_id 
_pdbx_unobs_or_zero_occ_residues.label_comp_id 
_pdbx_unobs_or_zero_occ_residues.label_seq_id 
1  1 Y 1 A MET 28 ? A MET 1  
2  1 Y 1 A GLY 29 ? A GLY 2  
3  1 Y 1 A ARG 30 ? A ARG 3  
4  1 Y 1 A ASP 31 ? A ASP 4  
5  1 Y 1 A PRO 32 ? A PRO 5  
6  1 Y 1 A ASN 33 ? A ASN 6  
7  1 Y 1 A SER 34 ? A SER 7  
8  1 Y 1 A THR 35 ? A THR 8  
9  1 Y 1 A ASN 36 ? A ASN 9  
10 1 Y 1 A ASP 37 ? A ASP 10 
11 1 Y 1 A THR 38 ? A THR 11 
# 
loop_
_chem_comp_atom.comp_id 
_chem_comp_atom.atom_id 
_chem_comp_atom.type_symbol 
_chem_comp_atom.pdbx_aromatic_flag 
_chem_comp_atom.pdbx_stereo_config 
_chem_comp_atom.pdbx_ordinal 
ALA N    N  N N 1   
ALA CA   C  N S 2   
ALA C    C  N N 3   
ALA O    O  N N 4   
ALA CB   C  N N 5   
ALA OXT  O  N N 6   
ALA H    H  N N 7   
ALA H2   H  N N 8   
ALA HA   H  N N 9   
ALA HB1  H  N N 10  
ALA HB2  H  N N 11  
ALA HB3  H  N N 12  
ALA HXT  H  N N 13  
ARG N    N  N N 14  
ARG CA   C  N S 15  
ARG C    C  N N 16  
ARG O    O  N N 17  
ARG CB   C  N N 18  
ARG CG   C  N N 19  
ARG CD   C  N N 20  
ARG NE   N  N N 21  
ARG CZ   C  N N 22  
ARG NH1  N  N N 23  
ARG NH2  N  N N 24  
ARG OXT  O  N N 25  
ARG H    H  N N 26  
ARG H2   H  N N 27  
ARG HA   H  N N 28  
ARG HB2  H  N N 29  
ARG HB3  H  N N 30  
ARG HG2  H  N N 31  
ARG HG3  H  N N 32  
ARG HD2  H  N N 33  
ARG HD3  H  N N 34  
ARG HE   H  N N 35  
ARG HH11 H  N N 36  
ARG HH12 H  N N 37  
ARG HH21 H  N N 38  
ARG HH22 H  N N 39  
ARG HXT  H  N N 40  
ASN N    N  N N 41  
ASN CA   C  N S 42  
ASN C    C  N N 43  
ASN O    O  N N 44  
ASN CB   C  N N 45  
ASN CG   C  N N 46  
ASN OD1  O  N N 47  
ASN ND2  N  N N 48  
ASN OXT  O  N N 49  
ASN H    H  N N 50  
ASN H2   H  N N 51  
ASN HA   H  N N 52  
ASN HB2  H  N N 53  
ASN HB3  H  N N 54  
ASN HD21 H  N N 55  
ASN HD22 H  N N 56  
ASN HXT  H  N N 57  
ASP N    N  N N 58  
ASP CA   C  N S 59  
ASP C    C  N N 60  
ASP O    O  N N 61  
ASP CB   C  N N 62  
ASP CG   C  N N 63  
ASP OD1  O  N N 64  
ASP OD2  O  N N 65  
ASP OXT  O  N N 66  
ASP H    H  N N 67  
ASP H2   H  N N 68  
ASP HA   H  N N 69  
ASP HB2  H  N N 70  
ASP HB3  H  N N 71  
ASP HD2  H  N N 72  
ASP HXT  H  N N 73  
GLN N    N  N N 74  
GLN CA   C  N S 75  
GLN C    C  N N 76  
GLN O    O  N N 77  
GLN CB   C  N N 78  
GLN CG   C  N N 79  
GLN CD   C  N N 80  
GLN OE1  O  N N 81  
GLN NE2  N  N N 82  
GLN OXT  O  N N 83  
GLN H    H  N N 84  
GLN H2   H  N N 85  
GLN HA   H  N N 86  
GLN HB2  H  N N 87  
GLN HB3  H  N N 88  
GLN HG2  H  N N 89  
GLN HG3  H  N N 90  
GLN HE21 H  N N 91  
GLN HE22 H  N N 92  
GLN HXT  H  N N 93  
GLU N    N  N N 94  
GLU CA   C  N S 95  
GLU C    C  N N 96  
GLU O    O  N N 97  
GLU CB   C  N N 98  
GLU CG   C  N N 99  
GLU CD   C  N N 100 
GLU OE1  O  N N 101 
GLU OE2  O  N N 102 
GLU OXT  O  N N 103 
GLU H    H  N N 104 
GLU H2   H  N N 105 
GLU HA   H  N N 106 
GLU HB2  H  N N 107 
GLU HB3  H  N N 108 
GLU HG2  H  N N 109 
GLU HG3  H  N N 110 
GLU HE2  H  N N 111 
GLU HXT  H  N N 112 
GLY N    N  N N 113 
GLY CA   C  N N 114 
GLY C    C  N N 115 
GLY O    O  N N 116 
GLY OXT  O  N N 117 
GLY H    H  N N 118 
GLY H2   H  N N 119 
GLY HA2  H  N N 120 
GLY HA3  H  N N 121 
GLY HXT  H  N N 122 
HIS N    N  N N 123 
HIS CA   C  N S 124 
HIS C    C  N N 125 
HIS O    O  N N 126 
HIS CB   C  N N 127 
HIS CG   C  Y N 128 
HIS ND1  N  Y N 129 
HIS CD2  C  Y N 130 
HIS CE1  C  Y N 131 
HIS NE2  N  Y N 132 
HIS OXT  O  N N 133 
HIS H    H  N N 134 
HIS H2   H  N N 135 
HIS HA   H  N N 136 
HIS HB2  H  N N 137 
HIS HB3  H  N N 138 
HIS HD1  H  N N 139 
HIS HD2  H  N N 140 
HIS HE1  H  N N 141 
HIS HE2  H  N N 142 
HIS HXT  H  N N 143 
HOH O    O  N N 144 
HOH H1   H  N N 145 
HOH H2   H  N N 146 
ILE N    N  N N 147 
ILE CA   C  N S 148 
ILE C    C  N N 149 
ILE O    O  N N 150 
ILE CB   C  N S 151 
ILE CG1  C  N N 152 
ILE CG2  C  N N 153 
ILE CD1  C  N N 154 
ILE OXT  O  N N 155 
ILE H    H  N N 156 
ILE H2   H  N N 157 
ILE HA   H  N N 158 
ILE HB   H  N N 159 
ILE HG12 H  N N 160 
ILE HG13 H  N N 161 
ILE HG21 H  N N 162 
ILE HG22 H  N N 163 
ILE HG23 H  N N 164 
ILE HD11 H  N N 165 
ILE HD12 H  N N 166 
ILE HD13 H  N N 167 
ILE HXT  H  N N 168 
LEU N    N  N N 169 
LEU CA   C  N S 170 
LEU C    C  N N 171 
LEU O    O  N N 172 
LEU CB   C  N N 173 
LEU CG   C  N N 174 
LEU CD1  C  N N 175 
LEU CD2  C  N N 176 
LEU OXT  O  N N 177 
LEU H    H  N N 178 
LEU H2   H  N N 179 
LEU HA   H  N N 180 
LEU HB2  H  N N 181 
LEU HB3  H  N N 182 
LEU HG   H  N N 183 
LEU HD11 H  N N 184 
LEU HD12 H  N N 185 
LEU HD13 H  N N 186 
LEU HD21 H  N N 187 
LEU HD22 H  N N 188 
LEU HD23 H  N N 189 
LEU HXT  H  N N 190 
LYS N    N  N N 191 
LYS CA   C  N S 192 
LYS C    C  N N 193 
LYS O    O  N N 194 
LYS CB   C  N N 195 
LYS CG   C  N N 196 
LYS CD   C  N N 197 
LYS CE   C  N N 198 
LYS NZ   N  N N 199 
LYS OXT  O  N N 200 
LYS H    H  N N 201 
LYS H2   H  N N 202 
LYS HA   H  N N 203 
LYS HB2  H  N N 204 
LYS HB3  H  N N 205 
LYS HG2  H  N N 206 
LYS HG3  H  N N 207 
LYS HD2  H  N N 208 
LYS HD3  H  N N 209 
LYS HE2  H  N N 210 
LYS HE3  H  N N 211 
LYS HZ1  H  N N 212 
LYS HZ2  H  N N 213 
LYS HZ3  H  N N 214 
LYS HXT  H  N N 215 
MET N    N  N N 216 
MET CA   C  N S 217 
MET C    C  N N 218 
MET O    O  N N 219 
MET CB   C  N N 220 
MET CG   C  N N 221 
MET SD   S  N N 222 
MET CE   C  N N 223 
MET OXT  O  N N 224 
MET H    H  N N 225 
MET H2   H  N N 226 
MET HA   H  N N 227 
MET HB2  H  N N 228 
MET HB3  H  N N 229 
MET HG2  H  N N 230 
MET HG3  H  N N 231 
MET HE1  H  N N 232 
MET HE2  H  N N 233 
MET HE3  H  N N 234 
MET HXT  H  N N 235 
NA  NA   NA N N 236 
PHE N    N  N N 237 
PHE CA   C  N S 238 
PHE C    C  N N 239 
PHE O    O  N N 240 
PHE CB   C  N N 241 
PHE CG   C  Y N 242 
PHE CD1  C  Y N 243 
PHE CD2  C  Y N 244 
PHE CE1  C  Y N 245 
PHE CE2  C  Y N 246 
PHE CZ   C  Y N 247 
PHE OXT  O  N N 248 
PHE H    H  N N 249 
PHE H2   H  N N 250 
PHE HA   H  N N 251 
PHE HB2  H  N N 252 
PHE HB3  H  N N 253 
PHE HD1  H  N N 254 
PHE HD2  H  N N 255 
PHE HE1  H  N N 256 
PHE HE2  H  N N 257 
PHE HZ   H  N N 258 
PHE HXT  H  N N 259 
PRO N    N  N N 260 
PRO CA   C  N S 261 
PRO C    C  N N 262 
PRO O    O  N N 263 
PRO CB   C  N N 264 
PRO CG   C  N N 265 
PRO CD   C  N N 266 
PRO OXT  O  N N 267 
PRO H    H  N N 268 
PRO HA   H  N N 269 
PRO HB2  H  N N 270 
PRO HB3  H  N N 271 
PRO HG2  H  N N 272 
PRO HG3  H  N N 273 
PRO HD2  H  N N 274 
PRO HD3  H  N N 275 
PRO HXT  H  N N 276 
SER N    N  N N 277 
SER CA   C  N S 278 
SER C    C  N N 279 
SER O    O  N N 280 
SER CB   C  N N 281 
SER OG   O  N N 282 
SER OXT  O  N N 283 
SER H    H  N N 284 
SER H2   H  N N 285 
SER HA   H  N N 286 
SER HB2  H  N N 287 
SER HB3  H  N N 288 
SER HG   H  N N 289 
SER HXT  H  N N 290 
THR N    N  N N 291 
THR CA   C  N S 292 
THR C    C  N N 293 
THR O    O  N N 294 
THR CB   C  N R 295 
THR OG1  O  N N 296 
THR CG2  C  N N 297 
THR OXT  O  N N 298 
THR H    H  N N 299 
THR H2   H  N N 300 
THR HA   H  N N 301 
THR HB   H  N N 302 
THR HG1  H  N N 303 
THR HG21 H  N N 304 
THR HG22 H  N N 305 
THR HG23 H  N N 306 
THR HXT  H  N N 307 
TRP N    N  N N 308 
TRP CA   C  N S 309 
TRP C    C  N N 310 
TRP O    O  N N 311 
TRP CB   C  N N 312 
TRP CG   C  Y N 313 
TRP CD1  C  Y N 314 
TRP CD2  C  Y N 315 
TRP NE1  N  Y N 316 
TRP CE2  C  Y N 317 
TRP CE3  C  Y N 318 
TRP CZ2  C  Y N 319 
TRP CZ3  C  Y N 320 
TRP CH2  C  Y N 321 
TRP OXT  O  N N 322 
TRP H    H  N N 323 
TRP H2   H  N N 324 
TRP HA   H  N N 325 
TRP HB2  H  N N 326 
TRP HB3  H  N N 327 
TRP HD1  H  N N 328 
TRP HE1  H  N N 329 
TRP HE3  H  N N 330 
TRP HZ2  H  N N 331 
TRP HZ3  H  N N 332 
TRP HH2  H  N N 333 
TRP HXT  H  N N 334 
TYR N    N  N N 335 
TYR CA   C  N S 336 
TYR C    C  N N 337 
TYR O    O  N N 338 
TYR CB   C  N N 339 
TYR CG   C  Y N 340 
TYR CD1  C  Y N 341 
TYR CD2  C  Y N 342 
TYR CE1  C  Y N 343 
TYR CE2  C  Y N 344 
TYR CZ   C  Y N 345 
TYR OH   O  N N 346 
TYR OXT  O  N N 347 
TYR H    H  N N 348 
TYR H2   H  N N 349 
TYR HA   H  N N 350 
TYR HB2  H  N N 351 
TYR HB3  H  N N 352 
TYR HD1  H  N N 353 
TYR HD2  H  N N 354 
TYR HE1  H  N N 355 
TYR HE2  H  N N 356 
TYR HH   H  N N 357 
TYR HXT  H  N N 358 
VAL N    N  N N 359 
VAL CA   C  N S 360 
VAL C    C  N N 361 
VAL O    O  N N 362 
VAL CB   C  N N 363 
VAL CG1  C  N N 364 
VAL CG2  C  N N 365 
VAL OXT  O  N N 366 
VAL H    H  N N 367 
VAL H2   H  N N 368 
VAL HA   H  N N 369 
VAL HB   H  N N 370 
VAL HG11 H  N N 371 
VAL HG12 H  N N 372 
VAL HG13 H  N N 373 
VAL HG21 H  N N 374 
VAL HG22 H  N N 375 
VAL HG23 H  N N 376 
VAL HXT  H  N N 377 
# 
loop_
_chem_comp_bond.comp_id 
_chem_comp_bond.atom_id_1 
_chem_comp_bond.atom_id_2 
_chem_comp_bond.value_order 
_chem_comp_bond.pdbx_aromatic_flag 
_chem_comp_bond.pdbx_stereo_config 
_chem_comp_bond.pdbx_ordinal 
ALA N   CA   sing N N 1   
ALA N   H    sing N N 2   
ALA N   H2   sing N N 3   
ALA CA  C    sing N N 4   
ALA CA  CB   sing N N 5   
ALA CA  HA   sing N N 6   
ALA C   O    doub N N 7   
ALA C   OXT  sing N N 8   
ALA CB  HB1  sing N N 9   
ALA CB  HB2  sing N N 10  
ALA CB  HB3  sing N N 11  
ALA OXT HXT  sing N N 12  
ARG N   CA   sing N N 13  
ARG N   H    sing N N 14  
ARG N   H2   sing N N 15  
ARG CA  C    sing N N 16  
ARG CA  CB   sing N N 17  
ARG CA  HA   sing N N 18  
ARG C   O    doub N N 19  
ARG C   OXT  sing N N 20  
ARG CB  CG   sing N N 21  
ARG CB  HB2  sing N N 22  
ARG CB  HB3  sing N N 23  
ARG CG  CD   sing N N 24  
ARG CG  HG2  sing N N 25  
ARG CG  HG3  sing N N 26  
ARG CD  NE   sing N N 27  
ARG CD  HD2  sing N N 28  
ARG CD  HD3  sing N N 29  
ARG NE  CZ   sing N N 30  
ARG NE  HE   sing N N 31  
ARG CZ  NH1  sing N N 32  
ARG CZ  NH2  doub N N 33  
ARG NH1 HH11 sing N N 34  
ARG NH1 HH12 sing N N 35  
ARG NH2 HH21 sing N N 36  
ARG NH2 HH22 sing N N 37  
ARG OXT HXT  sing N N 38  
ASN N   CA   sing N N 39  
ASN N   H    sing N N 40  
ASN N   H2   sing N N 41  
ASN CA  C    sing N N 42  
ASN CA  CB   sing N N 43  
ASN CA  HA   sing N N 44  
ASN C   O    doub N N 45  
ASN C   OXT  sing N N 46  
ASN CB  CG   sing N N 47  
ASN CB  HB2  sing N N 48  
ASN CB  HB3  sing N N 49  
ASN CG  OD1  doub N N 50  
ASN CG  ND2  sing N N 51  
ASN ND2 HD21 sing N N 52  
ASN ND2 HD22 sing N N 53  
ASN OXT HXT  sing N N 54  
ASP N   CA   sing N N 55  
ASP N   H    sing N N 56  
ASP N   H2   sing N N 57  
ASP CA  C    sing N N 58  
ASP CA  CB   sing N N 59  
ASP CA  HA   sing N N 60  
ASP C   O    doub N N 61  
ASP C   OXT  sing N N 62  
ASP CB  CG   sing N N 63  
ASP CB  HB2  sing N N 64  
ASP CB  HB3  sing N N 65  
ASP CG  OD1  doub N N 66  
ASP CG  OD2  sing N N 67  
ASP OD2 HD2  sing N N 68  
ASP OXT HXT  sing N N 69  
GLN N   CA   sing N N 70  
GLN N   H    sing N N 71  
GLN N   H2   sing N N 72  
GLN CA  C    sing N N 73  
GLN CA  CB   sing N N 74  
GLN CA  HA   sing N N 75  
GLN C   O    doub N N 76  
GLN C   OXT  sing N N 77  
GLN CB  CG   sing N N 78  
GLN CB  HB2  sing N N 79  
GLN CB  HB3  sing N N 80  
GLN CG  CD   sing N N 81  
GLN CG  HG2  sing N N 82  
GLN CG  HG3  sing N N 83  
GLN CD  OE1  doub N N 84  
GLN CD  NE2  sing N N 85  
GLN NE2 HE21 sing N N 86  
GLN NE2 HE22 sing N N 87  
GLN OXT HXT  sing N N 88  
GLU N   CA   sing N N 89  
GLU N   H    sing N N 90  
GLU N   H2   sing N N 91  
GLU CA  C    sing N N 92  
GLU CA  CB   sing N N 93  
GLU CA  HA   sing N N 94  
GLU C   O    doub N N 95  
GLU C   OXT  sing N N 96  
GLU CB  CG   sing N N 97  
GLU CB  HB2  sing N N 98  
GLU CB  HB3  sing N N 99  
GLU CG  CD   sing N N 100 
GLU CG  HG2  sing N N 101 
GLU CG  HG3  sing N N 102 
GLU CD  OE1  doub N N 103 
GLU CD  OE2  sing N N 104 
GLU OE2 HE2  sing N N 105 
GLU OXT HXT  sing N N 106 
GLY N   CA   sing N N 107 
GLY N   H    sing N N 108 
GLY N   H2   sing N N 109 
GLY CA  C    sing N N 110 
GLY CA  HA2  sing N N 111 
GLY CA  HA3  sing N N 112 
GLY C   O    doub N N 113 
GLY C   OXT  sing N N 114 
GLY OXT HXT  sing N N 115 
HIS N   CA   sing N N 116 
HIS N   H    sing N N 117 
HIS N   H2   sing N N 118 
HIS CA  C    sing N N 119 
HIS CA  CB   sing N N 120 
HIS CA  HA   sing N N 121 
HIS C   O    doub N N 122 
HIS C   OXT  sing N N 123 
HIS CB  CG   sing N N 124 
HIS CB  HB2  sing N N 125 
HIS CB  HB3  sing N N 126 
HIS CG  ND1  sing Y N 127 
HIS CG  CD2  doub Y N 128 
HIS ND1 CE1  doub Y N 129 
HIS ND1 HD1  sing N N 130 
HIS CD2 NE2  sing Y N 131 
HIS CD2 HD2  sing N N 132 
HIS CE1 NE2  sing Y N 133 
HIS CE1 HE1  sing N N 134 
HIS NE2 HE2  sing N N 135 
HIS OXT HXT  sing N N 136 
HOH O   H1   sing N N 137 
HOH O   H2   sing N N 138 
ILE N   CA   sing N N 139 
ILE N   H    sing N N 140 
ILE N   H2   sing N N 141 
ILE CA  C    sing N N 142 
ILE CA  CB   sing N N 143 
ILE CA  HA   sing N N 144 
ILE C   O    doub N N 145 
ILE C   OXT  sing N N 146 
ILE CB  CG1  sing N N 147 
ILE CB  CG2  sing N N 148 
ILE CB  HB   sing N N 149 
ILE CG1 CD1  sing N N 150 
ILE CG1 HG12 sing N N 151 
ILE CG1 HG13 sing N N 152 
ILE CG2 HG21 sing N N 153 
ILE CG2 HG22 sing N N 154 
ILE CG2 HG23 sing N N 155 
ILE CD1 HD11 sing N N 156 
ILE CD1 HD12 sing N N 157 
ILE CD1 HD13 sing N N 158 
ILE OXT HXT  sing N N 159 
LEU N   CA   sing N N 160 
LEU N   H    sing N N 161 
LEU N   H2   sing N N 162 
LEU CA  C    sing N N 163 
LEU CA  CB   sing N N 164 
LEU CA  HA   sing N N 165 
LEU C   O    doub N N 166 
LEU C   OXT  sing N N 167 
LEU CB  CG   sing N N 168 
LEU CB  HB2  sing N N 169 
LEU CB  HB3  sing N N 170 
LEU CG  CD1  sing N N 171 
LEU CG  CD2  sing N N 172 
LEU CG  HG   sing N N 173 
LEU CD1 HD11 sing N N 174 
LEU CD1 HD12 sing N N 175 
LEU CD1 HD13 sing N N 176 
LEU CD2 HD21 sing N N 177 
LEU CD2 HD22 sing N N 178 
LEU CD2 HD23 sing N N 179 
LEU OXT HXT  sing N N 180 
LYS N   CA   sing N N 181 
LYS N   H    sing N N 182 
LYS N   H2   sing N N 183 
LYS CA  C    sing N N 184 
LYS CA  CB   sing N N 185 
LYS CA  HA   sing N N 186 
LYS C   O    doub N N 187 
LYS C   OXT  sing N N 188 
LYS CB  CG   sing N N 189 
LYS CB  HB2  sing N N 190 
LYS CB  HB3  sing N N 191 
LYS CG  CD   sing N N 192 
LYS CG  HG2  sing N N 193 
LYS CG  HG3  sing N N 194 
LYS CD  CE   sing N N 195 
LYS CD  HD2  sing N N 196 
LYS CD  HD3  sing N N 197 
LYS CE  NZ   sing N N 198 
LYS CE  HE2  sing N N 199 
LYS CE  HE3  sing N N 200 
LYS NZ  HZ1  sing N N 201 
LYS NZ  HZ2  sing N N 202 
LYS NZ  HZ3  sing N N 203 
LYS OXT HXT  sing N N 204 
MET N   CA   sing N N 205 
MET N   H    sing N N 206 
MET N   H2   sing N N 207 
MET CA  C    sing N N 208 
MET CA  CB   sing N N 209 
MET CA  HA   sing N N 210 
MET C   O    doub N N 211 
MET C   OXT  sing N N 212 
MET CB  CG   sing N N 213 
MET CB  HB2  sing N N 214 
MET CB  HB3  sing N N 215 
MET CG  SD   sing N N 216 
MET CG  HG2  sing N N 217 
MET CG  HG3  sing N N 218 
MET SD  CE   sing N N 219 
MET CE  HE1  sing N N 220 
MET CE  HE2  sing N N 221 
MET CE  HE3  sing N N 222 
MET OXT HXT  sing N N 223 
PHE N   CA   sing N N 224 
PHE N   H    sing N N 225 
PHE N   H2   sing N N 226 
PHE CA  C    sing N N 227 
PHE CA  CB   sing N N 228 
PHE CA  HA   sing N N 229 
PHE C   O    doub N N 230 
PHE C   OXT  sing N N 231 
PHE CB  CG   sing N N 232 
PHE CB  HB2  sing N N 233 
PHE CB  HB3  sing N N 234 
PHE CG  CD1  doub Y N 235 
PHE CG  CD2  sing Y N 236 
PHE CD1 CE1  sing Y N 237 
PHE CD1 HD1  sing N N 238 
PHE CD2 CE2  doub Y N 239 
PHE CD2 HD2  sing N N 240 
PHE CE1 CZ   doub Y N 241 
PHE CE1 HE1  sing N N 242 
PHE CE2 CZ   sing Y N 243 
PHE CE2 HE2  sing N N 244 
PHE CZ  HZ   sing N N 245 
PHE OXT HXT  sing N N 246 
PRO N   CA   sing N N 247 
PRO N   CD   sing N N 248 
PRO N   H    sing N N 249 
PRO CA  C    sing N N 250 
PRO CA  CB   sing N N 251 
PRO CA  HA   sing N N 252 
PRO C   O    doub N N 253 
PRO C   OXT  sing N N 254 
PRO CB  CG   sing N N 255 
PRO CB  HB2  sing N N 256 
PRO CB  HB3  sing N N 257 
PRO CG  CD   sing N N 258 
PRO CG  HG2  sing N N 259 
PRO CG  HG3  sing N N 260 
PRO CD  HD2  sing N N 261 
PRO CD  HD3  sing N N 262 
PRO OXT HXT  sing N N 263 
SER N   CA   sing N N 264 
SER N   H    sing N N 265 
SER N   H2   sing N N 266 
SER CA  C    sing N N 267 
SER CA  CB   sing N N 268 
SER CA  HA   sing N N 269 
SER C   O    doub N N 270 
SER C   OXT  sing N N 271 
SER CB  OG   sing N N 272 
SER CB  HB2  sing N N 273 
SER CB  HB3  sing N N 274 
SER OG  HG   sing N N 275 
SER OXT HXT  sing N N 276 
THR N   CA   sing N N 277 
THR N   H    sing N N 278 
THR N   H2   sing N N 279 
THR CA  C    sing N N 280 
THR CA  CB   sing N N 281 
THR CA  HA   sing N N 282 
THR C   O    doub N N 283 
THR C   OXT  sing N N 284 
THR CB  OG1  sing N N 285 
THR CB  CG2  sing N N 286 
THR CB  HB   sing N N 287 
THR OG1 HG1  sing N N 288 
THR CG2 HG21 sing N N 289 
THR CG2 HG22 sing N N 290 
THR CG2 HG23 sing N N 291 
THR OXT HXT  sing N N 292 
TRP N   CA   sing N N 293 
TRP N   H    sing N N 294 
TRP N   H2   sing N N 295 
TRP CA  C    sing N N 296 
TRP CA  CB   sing N N 297 
TRP CA  HA   sing N N 298 
TRP C   O    doub N N 299 
TRP C   OXT  sing N N 300 
TRP CB  CG   sing N N 301 
TRP CB  HB2  sing N N 302 
TRP CB  HB3  sing N N 303 
TRP CG  CD1  doub Y N 304 
TRP CG  CD2  sing Y N 305 
TRP CD1 NE1  sing Y N 306 
TRP CD1 HD1  sing N N 307 
TRP CD2 CE2  doub Y N 308 
TRP CD2 CE3  sing Y N 309 
TRP NE1 CE2  sing Y N 310 
TRP NE1 HE1  sing N N 311 
TRP CE2 CZ2  sing Y N 312 
TRP CE3 CZ3  doub Y N 313 
TRP CE3 HE3  sing N N 314 
TRP CZ2 CH2  doub Y N 315 
TRP CZ2 HZ2  sing N N 316 
TRP CZ3 CH2  sing Y N 317 
TRP CZ3 HZ3  sing N N 318 
TRP CH2 HH2  sing N N 319 
TRP OXT HXT  sing N N 320 
TYR N   CA   sing N N 321 
TYR N   H    sing N N 322 
TYR N   H2   sing N N 323 
TYR CA  C    sing N N 324 
TYR CA  CB   sing N N 325 
TYR CA  HA   sing N N 326 
TYR C   O    doub N N 327 
TYR C   OXT  sing N N 328 
TYR CB  CG   sing N N 329 
TYR CB  HB2  sing N N 330 
TYR CB  HB3  sing N N 331 
TYR CG  CD1  doub Y N 332 
TYR CG  CD2  sing Y N 333 
TYR CD1 CE1  sing Y N 334 
TYR CD1 HD1  sing N N 335 
TYR CD2 CE2  doub Y N 336 
TYR CD2 HD2  sing N N 337 
TYR CE1 CZ   doub Y N 338 
TYR CE1 HE1  sing N N 339 
TYR CE2 CZ   sing Y N 340 
TYR CE2 HE2  sing N N 341 
TYR CZ  OH   sing N N 342 
TYR OH  HH   sing N N 343 
TYR OXT HXT  sing N N 344 
VAL N   CA   sing N N 345 
VAL N   H    sing N N 346 
VAL N   H2   sing N N 347 
VAL CA  C    sing N N 348 
VAL CA  CB   sing N N 349 
VAL CA  HA   sing N N 350 
VAL C   O    doub N N 351 
VAL C   OXT  sing N N 352 
VAL CB  CG1  sing N N 353 
VAL CB  CG2  sing N N 354 
VAL CB  HB   sing N N 355 
VAL CG1 HG11 sing N N 356 
VAL CG1 HG12 sing N N 357 
VAL CG1 HG13 sing N N 358 
VAL CG2 HG21 sing N N 359 
VAL CG2 HG22 sing N N 360 
VAL CG2 HG23 sing N N 361 
VAL OXT HXT  sing N N 362 
# 
_pdbx_audit_support.funding_organization   'Department of Biotechnology' 
_pdbx_audit_support.country                India 
_pdbx_audit_support.grant_number           BT/PR5891/BRB/10/1098/2012 
_pdbx_audit_support.ordinal                1 
# 
loop_
_pdbx_entity_nonpoly.entity_id 
_pdbx_entity_nonpoly.name 
_pdbx_entity_nonpoly.comp_id 
2 'SODIUM ION' NA  
3 water        HOH 
# 
_pdbx_initial_refinement_model.id               1 
_pdbx_initial_refinement_model.entity_id_list   ? 
_pdbx_initial_refinement_model.type             'experimental model' 
_pdbx_initial_refinement_model.source_name      PDB 
_pdbx_initial_refinement_model.accession_code   5F44 
_pdbx_initial_refinement_model.details          ? 
# 
